data_2JOQ
#
_entry.id   2JOQ
#
_entity_poly.entity_id   1
_entity_poly.type   'polypeptide(L)'
_entity_poly.pdbx_seq_one_letter_code
;QGHMPSDSKKPTIIYPCLWDYRVIMTTKDTSTLKELLETYQRPFKLEFKNTSKNAKFYSFNVSMEVSNESERNEIFQKIS
QLDKVVQTLGS
;
_entity_poly.pdbx_strand_id   A
#
# COMPACT_ATOMS: atom_id res chain seq x y z
N GLN A 1 17.07 -25.23 -16.08
CA GLN A 1 18.19 -25.15 -17.06
C GLN A 1 17.91 -24.05 -18.08
N GLY A 2 18.97 -23.33 -18.46
CA GLY A 2 18.82 -22.20 -19.36
C GLY A 2 18.37 -20.96 -18.61
N HIS A 3 18.28 -19.84 -19.32
CA HIS A 3 17.83 -18.59 -18.70
C HIS A 3 16.98 -17.79 -19.69
N MET A 4 16.05 -17.01 -19.15
CA MET A 4 15.23 -16.12 -19.97
C MET A 4 16.10 -14.95 -20.47
N PRO A 5 15.69 -14.30 -21.57
CA PRO A 5 16.36 -13.09 -22.08
C PRO A 5 16.30 -11.95 -21.07
N SER A 6 16.87 -10.80 -21.45
CA SER A 6 16.88 -9.63 -20.57
C SER A 6 15.71 -8.71 -20.90
N ASP A 7 14.78 -9.21 -21.71
CA ASP A 7 13.60 -8.45 -22.10
C ASP A 7 12.55 -8.50 -21.00
N SER A 8 11.78 -7.43 -20.84
CA SER A 8 10.77 -7.32 -19.79
C SER A 8 11.45 -7.35 -18.42
N LYS A 9 12.69 -6.87 -18.39
CA LYS A 9 13.50 -6.84 -17.17
C LYS A 9 12.88 -5.89 -16.14
N LYS A 10 12.65 -6.40 -14.93
CA LYS A 10 12.17 -5.57 -13.83
C LYS A 10 13.23 -4.51 -13.49
N PRO A 11 12.85 -3.21 -13.53
CA PRO A 11 13.78 -2.11 -13.31
C PRO A 11 14.28 -2.04 -11.86
N THR A 12 15.48 -1.50 -11.68
CA THR A 12 16.08 -1.36 -10.37
C THR A 12 15.36 -0.28 -9.55
N ILE A 13 14.88 -0.66 -8.37
CA ILE A 13 14.21 0.28 -7.48
C ILE A 13 15.15 0.64 -6.33
N ILE A 14 15.24 1.93 -6.03
CA ILE A 14 16.19 2.43 -5.03
C ILE A 14 15.57 2.43 -3.64
N TYR A 15 15.99 1.47 -2.81
CA TYR A 15 15.57 1.41 -1.41
C TYR A 15 16.68 1.96 -0.51
N PRO A 16 16.34 2.65 0.60
CA PRO A 16 14.96 2.92 1.01
C PRO A 16 14.34 4.07 0.22
N CYS A 17 13.01 4.10 0.15
CA CYS A 17 12.28 5.16 -0.54
C CYS A 17 10.81 5.11 -0.17
N LEU A 18 10.13 6.23 -0.37
CA LEU A 18 8.69 6.31 -0.19
C LEU A 18 7.97 5.50 -1.26
N TRP A 19 7.14 4.56 -0.83
CA TRP A 19 6.32 3.78 -1.75
C TRP A 19 4.86 4.16 -1.56
N ASP A 20 4.10 4.18 -2.65
CA ASP A 20 2.72 4.67 -2.62
C ASP A 20 1.73 3.50 -2.74
N TYR A 21 0.80 3.44 -1.80
CA TYR A 21 -0.23 2.39 -1.77
C TYR A 21 -1.62 3.04 -1.88
N ARG A 22 -2.47 2.45 -2.72
CA ARG A 22 -3.86 2.90 -2.84
C ARG A 22 -4.80 1.96 -2.08
N VAL A 23 -5.49 2.50 -1.09
CA VAL A 23 -6.35 1.71 -0.22
C VAL A 23 -7.80 2.18 -0.31
N ILE A 24 -8.66 1.38 -0.92
CA ILE A 24 -10.08 1.71 -1.04
C ILE A 24 -10.88 0.98 0.03
N MET A 25 -11.40 1.73 1.00
CA MET A 25 -12.18 1.15 2.11
C MET A 25 -13.60 1.73 2.13
N THR A 26 -14.53 0.99 2.74
CA THR A 26 -15.91 1.44 2.85
C THR A 26 -16.17 2.18 4.17
N THR A 27 -15.10 2.66 4.80
CA THR A 27 -15.22 3.40 6.05
C THR A 27 -14.33 4.64 6.01
N LYS A 28 -14.78 5.70 6.67
CA LYS A 28 -13.95 6.89 6.86
C LYS A 28 -13.16 6.76 8.17
N ASP A 29 -13.54 5.77 8.97
CA ASP A 29 -12.89 5.52 10.25
C ASP A 29 -11.67 4.62 10.01
N THR A 30 -10.59 5.22 9.55
CA THR A 30 -9.37 4.49 9.26
C THR A 30 -8.48 4.43 10.50
N SER A 31 -8.52 3.29 11.17
CA SER A 31 -7.67 3.04 12.33
C SER A 31 -6.63 1.98 11.99
N THR A 32 -7.11 0.76 11.79
CA THR A 32 -6.24 -0.40 11.50
C THR A 32 -5.20 -0.08 10.42
N LEU A 33 -5.60 0.70 9.41
CA LEU A 33 -4.70 1.08 8.32
C LEU A 33 -3.49 1.84 8.85
N LYS A 34 -3.74 2.83 9.69
CA LYS A 34 -2.65 3.64 10.25
C LYS A 34 -1.91 2.85 11.33
N GLU A 35 -2.66 2.05 12.08
CA GLU A 35 -2.10 1.22 13.14
C GLU A 35 -0.97 0.32 12.61
N LEU A 36 -1.26 -0.40 11.52
CA LEU A 36 -0.29 -1.34 10.95
C LEU A 36 0.97 -0.59 10.52
N LEU A 37 0.80 0.67 10.11
CA LEU A 37 1.91 1.52 9.70
C LEU A 37 2.71 1.99 10.91
N GLU A 38 2.00 2.42 11.95
CA GLU A 38 2.61 3.01 13.14
C GLU A 38 3.49 2.01 13.88
N THR A 39 3.21 0.72 13.73
CA THR A 39 4.00 -0.32 14.41
C THR A 39 5.46 -0.29 13.96
N TYR A 40 5.69 0.20 12.75
CA TYR A 40 7.05 0.31 12.21
C TYR A 40 7.80 1.48 12.85
N GLN A 41 7.06 2.30 13.61
CA GLN A 41 7.62 3.44 14.34
C GLN A 41 8.19 4.48 13.37
N ARG A 42 7.87 4.34 12.08
CA ARG A 42 8.34 5.28 11.06
C ARG A 42 7.18 6.19 10.64
N PRO A 43 7.48 7.39 10.11
CA PRO A 43 6.46 8.32 9.63
C PRO A 43 5.79 7.82 8.34
N PHE A 44 4.63 8.40 8.04
CA PHE A 44 3.87 8.03 6.85
C PHE A 44 2.89 9.15 6.50
N LYS A 45 2.55 9.23 5.22
CA LYS A 45 1.58 10.21 4.73
C LYS A 45 0.21 9.54 4.57
N LEU A 46 -0.80 10.08 5.23
CA LEU A 46 -2.17 9.59 5.10
C LEU A 46 -2.98 10.63 4.32
N GLU A 47 -3.51 10.22 3.18
CA GLU A 47 -4.26 11.13 2.31
C GLU A 47 -5.62 10.55 1.94
N PHE A 48 -6.56 11.43 1.61
CA PHE A 48 -7.86 11.04 1.06
C PHE A 48 -8.01 11.62 -0.34
N LYS A 49 -8.13 10.76 -1.34
CA LYS A 49 -8.18 11.20 -2.72
C LYS A 49 -9.60 11.57 -3.15
N ASN A 50 -10.50 10.60 -3.08
CA ASN A 50 -11.88 10.78 -3.57
C ASN A 50 -12.77 9.64 -3.10
N THR A 51 -14.07 9.79 -3.25
CA THR A 51 -15.04 8.78 -2.86
C THR A 51 -16.04 8.54 -3.99
N SER A 52 -16.53 7.31 -4.12
CA SER A 52 -17.47 6.95 -5.17
C SER A 52 -18.72 7.85 -5.10
N LYS A 53 -19.52 7.85 -6.18
CA LYS A 53 -20.65 8.76 -6.30
C LYS A 53 -21.73 8.48 -5.25
N ASN A 54 -21.68 7.28 -4.66
CA ASN A 54 -22.64 6.89 -3.62
C ASN A 54 -21.99 7.04 -2.23
N ALA A 55 -20.78 7.58 -2.21
CA ALA A 55 -20.00 7.72 -0.97
C ALA A 55 -19.81 6.36 -0.29
N LYS A 56 -19.83 5.31 -1.10
CA LYS A 56 -19.73 3.94 -0.62
C LYS A 56 -18.28 3.51 -0.49
N PHE A 57 -17.47 3.91 -1.47
CA PHE A 57 -16.06 3.53 -1.52
C PHE A 57 -15.19 4.77 -1.33
N TYR A 58 -14.34 4.73 -0.32
CA TYR A 58 -13.43 5.85 -0.02
C TYR A 58 -12.02 5.49 -0.46
N SER A 59 -11.48 6.26 -1.39
CA SER A 59 -10.14 6.04 -1.89
C SER A 59 -9.12 6.77 -1.01
N PHE A 60 -8.31 5.99 -0.31
CA PHE A 60 -7.28 6.53 0.57
C PHE A 60 -5.91 6.36 -0.06
N ASN A 61 -5.03 7.31 0.24
CA ASN A 61 -3.67 7.32 -0.27
C ASN A 61 -2.68 7.20 0.88
N VAL A 62 -1.85 6.17 0.84
CA VAL A 62 -0.83 5.94 1.84
C VAL A 62 0.55 5.99 1.20
N SER A 63 1.49 6.66 1.86
CA SER A 63 2.87 6.72 1.38
C SER A 63 3.82 6.60 2.57
N MET A 64 4.69 5.60 2.55
CA MET A 64 5.61 5.35 3.66
C MET A 64 6.97 4.90 3.15
N GLU A 65 8.00 5.11 3.95
CA GLU A 65 9.35 4.69 3.61
C GLU A 65 9.52 3.19 3.80
N VAL A 66 9.85 2.50 2.71
CA VAL A 66 10.20 1.08 2.78
C VAL A 66 11.70 0.91 2.56
N SER A 67 12.35 0.20 3.47
CA SER A 67 13.80 0.03 3.41
C SER A 67 14.19 -1.15 2.54
N ASN A 68 13.23 -2.04 2.30
CA ASN A 68 13.46 -3.19 1.43
C ASN A 68 12.15 -3.63 0.77
N GLU A 69 12.24 -4.65 -0.06
CA GLU A 69 11.10 -5.13 -0.84
C GLU A 69 10.17 -5.97 0.03
N SER A 70 10.72 -6.62 1.04
CA SER A 70 9.94 -7.48 1.93
C SER A 70 8.89 -6.63 2.67
N GLU A 71 9.34 -5.49 3.22
CA GLU A 71 8.42 -4.56 3.87
C GLU A 71 7.33 -4.12 2.90
N ARG A 72 7.75 -3.77 1.69
CA ARG A 72 6.83 -3.29 0.64
C ARG A 72 5.70 -4.29 0.42
N ASN A 73 6.00 -5.58 0.55
CA ASN A 73 5.01 -6.63 0.35
C ASN A 73 4.19 -6.87 1.62
N GLU A 74 4.87 -7.01 2.75
CA GLU A 74 4.20 -7.36 4.01
C GLU A 74 3.16 -6.30 4.37
N ILE A 75 3.55 -5.03 4.22
CA ILE A 75 2.67 -3.91 4.51
C ILE A 75 1.43 -3.98 3.63
N PHE A 76 1.65 -4.28 2.36
CA PHE A 76 0.55 -4.43 1.40
C PHE A 76 -0.40 -5.55 1.85
N GLN A 77 0.16 -6.59 2.46
CA GLN A 77 -0.63 -7.72 2.94
C GLN A 77 -1.45 -7.32 4.16
N LYS A 78 -0.87 -6.44 4.98
CA LYS A 78 -1.57 -5.93 6.17
C LYS A 78 -2.73 -5.04 5.73
N ILE A 79 -2.54 -4.34 4.62
CA ILE A 79 -3.57 -3.48 4.05
C ILE A 79 -4.81 -4.28 3.65
N SER A 80 -4.63 -5.54 3.28
CA SER A 80 -5.75 -6.39 2.90
C SER A 80 -6.37 -7.08 4.13
N GLN A 81 -5.74 -6.88 5.29
CA GLN A 81 -6.22 -7.50 6.54
C GLN A 81 -7.14 -6.54 7.29
N LEU A 82 -7.42 -5.38 6.70
CA LEU A 82 -8.30 -4.39 7.32
C LEU A 82 -9.75 -4.87 7.31
N ASP A 83 -10.10 -5.59 6.24
CA ASP A 83 -11.47 -6.06 6.00
C ASP A 83 -12.37 -4.93 5.46
N LYS A 84 -12.14 -3.72 5.97
CA LYS A 84 -12.84 -2.53 5.48
C LYS A 84 -12.51 -2.29 4.00
N VAL A 85 -11.33 -2.77 3.60
CA VAL A 85 -10.85 -2.55 2.24
C VAL A 85 -11.55 -3.47 1.24
N VAL A 86 -12.03 -2.89 0.14
CA VAL A 86 -12.69 -3.64 -0.91
C VAL A 86 -11.76 -3.87 -2.10
N GLN A 87 -10.71 -3.05 -2.18
CA GLN A 87 -9.75 -3.17 -3.27
C GLN A 87 -8.41 -2.56 -2.86
N THR A 88 -7.38 -3.40 -2.84
CA THR A 88 -6.02 -2.95 -2.59
C THR A 88 -5.28 -2.78 -3.92
N LEU A 89 -4.59 -1.66 -4.09
CA LEU A 89 -3.77 -1.44 -5.28
C LEU A 89 -2.31 -1.36 -4.88
N GLY A 90 -1.57 -2.43 -5.16
CA GLY A 90 -0.16 -2.50 -4.82
C GLY A 90 0.72 -2.50 -6.04
N SER A 91 0.62 -1.44 -6.82
CA SER A 91 1.43 -1.27 -8.01
C SER A 91 2.79 -0.67 -7.65
N GLN A 1 5.36 -12.34 -3.29
CA GLN A 1 4.85 -12.19 -4.67
C GLN A 1 6.03 -11.94 -5.61
N GLY A 2 6.49 -13.00 -6.27
CA GLY A 2 7.62 -12.87 -7.18
C GLY A 2 7.20 -12.49 -8.58
N HIS A 3 7.68 -11.34 -9.05
CA HIS A 3 7.34 -10.86 -10.40
C HIS A 3 7.99 -11.75 -11.45
N MET A 4 7.26 -12.02 -12.54
CA MET A 4 7.72 -12.90 -13.61
C MET A 4 8.93 -12.31 -14.31
N PRO A 5 9.82 -13.17 -14.88
CA PRO A 5 11.01 -12.72 -15.60
C PRO A 5 10.64 -12.01 -16.90
N SER A 6 11.52 -11.15 -17.37
CA SER A 6 11.29 -10.39 -18.60
C SER A 6 12.60 -9.76 -19.09
N ASP A 7 12.61 -9.37 -20.36
CA ASP A 7 13.78 -8.73 -20.96
C ASP A 7 13.92 -7.30 -20.46
N SER A 8 12.79 -6.63 -20.30
CA SER A 8 12.74 -5.25 -19.85
C SER A 8 13.14 -5.16 -18.38
N LYS A 9 14.25 -4.47 -18.11
CA LYS A 9 14.73 -4.24 -16.74
C LYS A 9 13.92 -3.11 -16.11
N LYS A 10 13.47 -3.32 -14.88
CA LYS A 10 12.69 -2.32 -14.16
C LYS A 10 13.59 -1.16 -13.72
N PRO A 11 13.07 0.08 -13.71
CA PRO A 11 13.83 1.26 -13.30
C PRO A 11 14.41 1.09 -11.88
N THR A 12 15.71 1.36 -11.74
CA THR A 12 16.38 1.21 -10.46
C THR A 12 15.80 2.17 -9.43
N ILE A 13 15.13 1.61 -8.43
CA ILE A 13 14.54 2.38 -7.35
C ILE A 13 15.53 2.47 -6.19
N ILE A 14 15.60 3.64 -5.56
CA ILE A 14 16.49 3.83 -4.42
C ILE A 14 15.85 3.30 -3.15
N TYR A 15 16.61 2.53 -2.38
CA TYR A 15 16.14 1.95 -1.12
C TYR A 15 17.07 2.34 0.02
N PRO A 16 16.53 2.66 1.21
CA PRO A 16 15.09 2.71 1.46
C PRO A 16 14.47 4.05 1.07
N CYS A 17 13.23 4.01 0.59
CA CYS A 17 12.52 5.21 0.15
C CYS A 17 11.02 5.02 0.35
N LEU A 18 10.27 6.12 0.32
CA LEU A 18 8.83 6.09 0.52
C LEU A 18 8.14 5.43 -0.67
N TRP A 19 7.71 4.19 -0.49
CA TRP A 19 6.98 3.45 -1.50
C TRP A 19 5.49 3.72 -1.34
N ASP A 20 4.76 3.80 -2.45
CA ASP A 20 3.35 4.18 -2.42
C ASP A 20 2.44 2.98 -2.72
N TYR A 21 1.42 2.83 -1.89
CA TYR A 21 0.45 1.74 -2.01
C TYR A 21 -0.96 2.33 -2.17
N ARG A 22 -1.70 1.86 -3.16
CA ARG A 22 -3.08 2.28 -3.36
C ARG A 22 -4.01 1.30 -2.63
N VAL A 23 -4.64 1.78 -1.56
CA VAL A 23 -5.50 0.95 -0.73
C VAL A 23 -6.96 1.38 -0.88
N ILE A 24 -7.80 0.49 -1.38
CA ILE A 24 -9.23 0.78 -1.53
C ILE A 24 -10.05 -0.03 -0.54
N MET A 25 -10.60 0.64 0.47
CA MET A 25 -11.40 -0.03 1.51
C MET A 25 -12.85 0.49 1.47
N THR A 26 -13.78 -0.36 1.84
CA THR A 26 -15.20 0.01 1.90
C THR A 26 -15.54 0.65 3.25
N THR A 27 -14.64 1.50 3.73
CA THR A 27 -14.77 2.12 5.05
C THR A 27 -13.86 3.35 5.14
N LYS A 28 -14.18 4.25 6.06
CA LYS A 28 -13.28 5.37 6.38
C LYS A 28 -12.59 5.12 7.72
N ASP A 29 -12.93 4.00 8.35
CA ASP A 29 -12.37 3.65 9.65
C ASP A 29 -11.00 3.03 9.45
N THR A 30 -10.00 3.89 9.24
CA THR A 30 -8.64 3.42 9.12
C THR A 30 -8.01 3.34 10.50
N SER A 31 -7.93 2.12 11.02
CA SER A 31 -7.36 1.85 12.33
C SER A 31 -6.35 0.72 12.22
N THR A 32 -6.83 -0.46 11.85
CA THR A 32 -5.99 -1.64 11.68
C THR A 32 -4.91 -1.38 10.62
N LEU A 33 -5.28 -0.61 9.59
CA LEU A 33 -4.35 -0.20 8.54
C LEU A 33 -3.11 0.47 9.14
N LYS A 34 -3.34 1.42 10.04
CA LYS A 34 -2.23 2.14 10.67
C LYS A 34 -1.47 1.23 11.63
N GLU A 35 -2.20 0.34 12.31
CA GLU A 35 -1.59 -0.57 13.27
C GLU A 35 -0.45 -1.37 12.64
N LEU A 36 -0.72 -1.96 11.48
CA LEU A 36 0.28 -2.77 10.79
C LEU A 36 1.44 -1.89 10.33
N LEU A 37 1.15 -0.64 10.01
CA LEU A 37 2.17 0.32 9.61
C LEU A 37 3.04 0.69 10.81
N GLU A 38 2.42 0.75 11.98
CA GLU A 38 3.11 1.17 13.20
C GLU A 38 4.04 0.09 13.73
N THR A 39 3.76 -1.18 13.42
CA THR A 39 4.60 -2.27 13.88
C THR A 39 6.03 -2.16 13.30
N TYR A 40 6.19 -1.32 12.27
CA TYR A 40 7.49 -1.11 11.64
C TYR A 40 8.22 0.08 12.27
N GLN A 41 7.48 0.89 13.03
CA GLN A 41 8.05 2.07 13.72
C GLN A 41 8.69 3.04 12.72
N ARG A 42 8.12 3.12 11.52
CA ARG A 42 8.64 3.99 10.48
C ARG A 42 7.53 4.95 10.01
N PRO A 43 7.90 6.16 9.54
CA PRO A 43 6.91 7.17 9.12
C PRO A 43 6.16 6.75 7.86
N PHE A 44 4.91 7.18 7.76
CA PHE A 44 4.09 6.91 6.60
C PHE A 44 3.16 8.11 6.33
N LYS A 45 2.90 8.37 5.06
CA LYS A 45 2.05 9.48 4.66
C LYS A 45 0.65 8.97 4.33
N LEU A 46 -0.27 9.19 5.24
CA LEU A 46 -1.65 8.74 5.10
C LEU A 46 -2.54 9.89 4.60
N GLU A 47 -3.20 9.68 3.47
CA GLU A 47 -4.09 10.68 2.89
C GLU A 47 -5.30 10.01 2.23
N PHE A 48 -6.38 10.75 2.10
CA PHE A 48 -7.59 10.26 1.46
C PHE A 48 -7.61 10.67 -0.02
N LYS A 49 -7.57 9.69 -0.91
CA LYS A 49 -7.58 9.95 -2.35
C LYS A 49 -8.95 10.50 -2.78
N ASN A 50 -9.89 9.57 -2.98
CA ASN A 50 -11.23 9.90 -3.44
C ASN A 50 -12.19 8.78 -3.04
N THR A 51 -13.47 8.96 -3.33
CA THR A 51 -14.47 7.93 -3.07
C THR A 51 -15.35 7.74 -4.30
N SER A 52 -15.79 6.51 -4.52
CA SER A 52 -16.64 6.17 -5.67
C SER A 52 -18.00 6.88 -5.56
N LYS A 53 -18.83 6.71 -6.60
CA LYS A 53 -20.09 7.45 -6.73
C LYS A 53 -21.02 7.22 -5.53
N ASN A 54 -21.23 5.95 -5.18
CA ASN A 54 -22.12 5.61 -4.06
C ASN A 54 -21.35 5.63 -2.74
N ALA A 55 -20.11 6.10 -2.79
CA ALA A 55 -19.25 6.24 -1.61
C ALA A 55 -19.03 4.88 -0.92
N LYS A 56 -19.24 3.81 -1.67
CA LYS A 56 -19.04 2.46 -1.14
C LYS A 56 -17.54 2.15 -1.05
N PHE A 57 -16.77 2.72 -1.97
CA PHE A 57 -15.33 2.48 -2.02
C PHE A 57 -14.58 3.76 -1.67
N TYR A 58 -13.70 3.66 -0.68
CA TYR A 58 -12.87 4.78 -0.26
C TYR A 58 -11.41 4.47 -0.58
N SER A 59 -10.79 5.33 -1.39
CA SER A 59 -9.39 5.16 -1.75
C SER A 59 -8.48 5.94 -0.78
N PHE A 60 -7.58 5.23 -0.12
CA PHE A 60 -6.61 5.84 0.78
C PHE A 60 -5.20 5.78 0.18
N ASN A 61 -4.32 6.62 0.72
CA ASN A 61 -2.94 6.72 0.26
C ASN A 61 -2.00 6.25 1.37
N VAL A 62 -1.18 5.25 1.08
CA VAL A 62 -0.17 4.80 2.03
C VAL A 62 1.20 4.94 1.40
N SER A 63 2.05 5.76 2.00
CA SER A 63 3.41 5.96 1.51
C SER A 63 4.40 5.78 2.66
N MET A 64 5.14 4.68 2.66
CA MET A 64 6.04 4.36 3.77
C MET A 64 7.38 3.85 3.24
N GLU A 65 8.44 4.09 4.02
CA GLU A 65 9.79 3.68 3.63
C GLU A 65 9.90 2.17 3.56
N VAL A 66 10.37 1.66 2.42
CA VAL A 66 10.67 0.24 2.26
C VAL A 66 12.16 0.04 2.07
N SER A 67 12.74 -0.88 2.82
CA SER A 67 14.17 -1.14 2.77
C SER A 67 14.52 -1.92 1.51
N ASN A 68 13.58 -2.74 1.05
CA ASN A 68 13.73 -3.52 -0.17
C ASN A 68 12.39 -4.16 -0.56
N GLU A 69 12.40 -4.93 -1.65
CA GLU A 69 11.17 -5.51 -2.19
C GLU A 69 10.49 -6.46 -1.21
N SER A 70 11.27 -7.11 -0.36
CA SER A 70 10.73 -8.08 0.60
C SER A 70 9.67 -7.40 1.49
N GLU A 71 9.94 -6.16 1.88
CA GLU A 71 9.00 -5.40 2.71
C GLU A 71 7.83 -4.91 1.86
N ARG A 72 8.10 -4.63 0.58
CA ARG A 72 7.05 -4.26 -0.36
C ARG A 72 6.01 -5.38 -0.40
N ASN A 73 6.50 -6.62 -0.42
CA ASN A 73 5.63 -7.79 -0.42
C ASN A 73 4.93 -7.96 0.92
N GLU A 74 5.70 -7.84 1.99
CA GLU A 74 5.17 -8.04 3.34
C GLU A 74 4.05 -7.04 3.65
N ILE A 75 4.36 -5.75 3.51
CA ILE A 75 3.41 -4.69 3.80
C ILE A 75 2.16 -4.83 2.93
N PHE A 76 2.37 -5.19 1.66
CA PHE A 76 1.27 -5.45 0.73
C PHE A 76 0.32 -6.50 1.32
N GLN A 77 0.90 -7.56 1.87
CA GLN A 77 0.14 -8.65 2.47
C GLN A 77 -0.55 -8.19 3.76
N LYS A 78 0.15 -7.38 4.54
CA LYS A 78 -0.39 -6.85 5.80
C LYS A 78 -1.66 -6.04 5.52
N ILE A 79 -1.60 -5.23 4.48
CA ILE A 79 -2.73 -4.39 4.07
C ILE A 79 -3.94 -5.25 3.70
N SER A 80 -3.68 -6.44 3.20
CA SER A 80 -4.73 -7.35 2.78
C SER A 80 -5.37 -8.06 3.97
N GLN A 81 -4.75 -7.95 5.14
CA GLN A 81 -5.23 -8.63 6.35
C GLN A 81 -6.36 -7.85 7.00
N LEU A 82 -6.64 -6.66 6.48
CA LEU A 82 -7.71 -5.83 7.01
C LEU A 82 -9.07 -6.41 6.65
N ASP A 83 -9.15 -6.97 5.42
CA ASP A 83 -10.40 -7.50 4.85
C ASP A 83 -11.35 -6.38 4.44
N LYS A 84 -11.34 -5.29 5.19
CA LYS A 84 -12.11 -4.09 4.88
C LYS A 84 -11.69 -3.56 3.50
N VAL A 85 -10.49 -3.94 3.08
CA VAL A 85 -9.93 -3.56 1.79
C VAL A 85 -10.43 -4.51 0.69
N VAL A 86 -10.95 -3.93 -0.38
CA VAL A 86 -11.45 -4.71 -1.51
C VAL A 86 -10.45 -4.78 -2.65
N GLN A 87 -9.45 -3.90 -2.62
CA GLN A 87 -8.43 -3.88 -3.65
C GLN A 87 -7.10 -3.34 -3.10
N THR A 88 -6.04 -4.10 -3.32
CA THR A 88 -4.71 -3.76 -2.82
C THR A 88 -3.73 -3.58 -3.97
N LEU A 89 -3.21 -2.37 -4.15
CA LEU A 89 -2.20 -2.10 -5.17
C LEU A 89 -0.85 -1.80 -4.52
N GLY A 90 0.11 -2.70 -4.74
CA GLY A 90 1.46 -2.51 -4.24
C GLY A 90 2.36 -1.90 -5.30
N SER A 91 1.77 -1.58 -6.43
CA SER A 91 2.46 -0.93 -7.53
C SER A 91 1.46 -0.11 -8.34
N GLN A 1 29.63 -15.03 -27.42
CA GLN A 1 30.15 -15.07 -26.04
C GLN A 1 29.38 -14.12 -25.13
N GLY A 2 28.29 -13.56 -25.64
CA GLY A 2 27.48 -12.65 -24.85
C GLY A 2 26.14 -12.38 -25.50
N HIS A 3 25.07 -12.49 -24.71
CA HIS A 3 23.72 -12.23 -25.20
C HIS A 3 22.94 -11.44 -24.16
N MET A 4 21.93 -10.72 -24.61
CA MET A 4 21.12 -9.87 -23.73
C MET A 4 19.65 -10.23 -23.90
N PRO A 5 18.81 -9.96 -22.87
CA PRO A 5 17.35 -10.13 -22.97
C PRO A 5 16.78 -9.40 -24.19
N SER A 6 16.56 -10.16 -25.26
CA SER A 6 16.07 -9.61 -26.52
C SER A 6 14.66 -9.03 -26.36
N ASP A 7 13.94 -9.51 -25.35
CA ASP A 7 12.58 -9.06 -25.08
C ASP A 7 12.55 -8.11 -23.89
N SER A 8 11.36 -7.64 -23.53
CA SER A 8 11.18 -6.70 -22.43
C SER A 8 11.57 -7.36 -21.10
N LYS A 9 12.32 -6.62 -20.29
CA LYS A 9 12.78 -7.10 -18.98
C LYS A 9 11.83 -6.61 -17.88
N LYS A 10 11.47 -7.52 -16.97
CA LYS A 10 10.65 -7.16 -15.81
C LYS A 10 11.38 -6.10 -14.97
N PRO A 11 10.67 -5.00 -14.61
CA PRO A 11 11.28 -3.88 -13.86
C PRO A 11 11.92 -4.33 -12.55
N THR A 12 13.19 -3.99 -12.38
CA THR A 12 13.92 -4.30 -11.15
C THR A 12 13.48 -3.36 -10.04
N ILE A 13 12.78 -3.90 -9.04
CA ILE A 13 12.30 -3.10 -7.92
C ILE A 13 13.30 -3.17 -6.76
N ILE A 14 13.97 -2.05 -6.50
CA ILE A 14 14.99 -1.98 -5.46
C ILE A 14 14.37 -1.56 -4.13
N TYR A 15 14.72 -2.28 -3.07
CA TYR A 15 14.25 -1.98 -1.72
C TYR A 15 15.42 -1.52 -0.85
N PRO A 16 15.19 -0.67 0.18
CA PRO A 16 13.87 -0.14 0.55
C PRO A 16 13.44 1.05 -0.31
N CYS A 17 12.15 1.21 -0.50
CA CYS A 17 11.61 2.30 -1.30
C CYS A 17 10.16 2.58 -0.89
N LEU A 18 9.69 3.78 -1.23
CA LEU A 18 8.30 4.16 -0.97
C LEU A 18 7.35 3.37 -1.86
N TRP A 19 6.70 2.37 -1.28
CA TRP A 19 5.71 1.57 -2.00
C TRP A 19 4.32 2.15 -1.77
N ASP A 20 3.46 2.04 -2.77
CA ASP A 20 2.13 2.64 -2.73
C ASP A 20 1.07 1.60 -2.40
N TYR A 21 0.37 1.82 -1.28
CA TYR A 21 -0.73 0.95 -0.86
C TYR A 21 -2.06 1.65 -1.12
N ARG A 22 -3.08 0.87 -1.43
CA ARG A 22 -4.41 1.40 -1.70
C ARG A 22 -5.42 0.69 -0.80
N VAL A 23 -6.02 1.45 0.12
CA VAL A 23 -6.92 0.89 1.12
C VAL A 23 -8.33 1.44 0.93
N ILE A 24 -9.26 0.58 0.49
CA ILE A 24 -10.65 0.99 0.30
C ILE A 24 -11.51 0.54 1.48
N MET A 25 -11.92 1.49 2.32
CA MET A 25 -12.76 1.20 3.48
C MET A 25 -14.16 1.78 3.27
N THR A 26 -15.05 1.53 4.23
CA THR A 26 -16.42 2.04 4.17
C THR A 26 -16.63 3.19 5.16
N THR A 27 -15.54 3.71 5.70
CA THR A 27 -15.60 4.78 6.70
C THR A 27 -14.48 5.78 6.46
N LYS A 28 -14.66 6.99 7.00
CA LYS A 28 -13.63 8.02 6.93
C LYS A 28 -12.67 7.87 8.11
N ASP A 29 -13.00 6.96 9.01
CA ASP A 29 -12.21 6.74 10.21
C ASP A 29 -10.95 5.96 9.87
N THR A 30 -9.95 6.68 9.40
CA THR A 30 -8.67 6.09 9.14
C THR A 30 -7.76 6.30 10.36
N SER A 31 -7.64 5.27 11.17
CA SER A 31 -6.89 5.35 12.42
C SER A 31 -6.24 3.99 12.70
N THR A 32 -7.06 2.94 12.69
CA THR A 32 -6.57 1.58 12.87
C THR A 32 -5.56 1.24 11.75
N LEU A 33 -5.79 1.85 10.59
CA LEU A 33 -4.88 1.73 9.46
C LEU A 33 -3.49 2.26 9.85
N LYS A 34 -3.48 3.41 10.51
CA LYS A 34 -2.22 4.04 10.93
C LYS A 34 -1.59 3.23 12.06
N GLU A 35 -2.42 2.64 12.91
CA GLU A 35 -1.96 1.84 14.05
C GLU A 35 -0.93 0.79 13.61
N LEU A 36 -1.27 0.05 12.56
CA LEU A 36 -0.39 -1.02 12.07
C LEU A 36 0.87 -0.44 11.45
N LEU A 37 0.74 0.76 10.88
CA LEU A 37 1.87 1.44 10.24
C LEU A 37 2.85 1.96 11.29
N GLU A 38 2.30 2.46 12.40
CA GLU A 38 3.10 3.09 13.45
C GLU A 38 3.97 2.06 14.17
N THR A 39 3.60 0.79 14.11
CA THR A 39 4.37 -0.26 14.75
C THR A 39 5.78 -0.33 14.15
N TYR A 40 5.88 0.03 12.87
CA TYR A 40 7.16 0.06 12.18
C TYR A 40 7.93 1.34 12.52
N GLN A 41 7.17 2.36 12.97
CA GLN A 41 7.73 3.67 13.32
C GLN A 41 8.47 4.29 12.14
N ARG A 42 8.13 3.84 10.93
CA ARG A 42 8.74 4.36 9.71
C ARG A 42 7.81 5.42 9.09
N PRO A 43 8.35 6.36 8.29
CA PRO A 43 7.55 7.41 7.66
C PRO A 43 6.55 6.85 6.66
N PHE A 44 5.33 7.40 6.67
CA PHE A 44 4.27 7.01 5.75
C PHE A 44 3.37 8.21 5.45
N LYS A 45 2.77 8.20 4.27
CA LYS A 45 1.87 9.27 3.84
C LYS A 45 0.42 8.80 3.91
N LEU A 46 -0.39 9.46 4.75
CA LEU A 46 -1.82 9.19 4.81
C LEU A 46 -2.52 10.10 3.81
N GLU A 47 -3.08 9.50 2.77
CA GLU A 47 -3.67 10.24 1.66
C GLU A 47 -5.08 9.74 1.34
N PHE A 48 -5.88 10.61 0.73
CA PHE A 48 -7.25 10.29 0.35
C PHE A 48 -7.43 10.55 -1.15
N LYS A 49 -7.67 9.49 -1.90
CA LYS A 49 -7.74 9.58 -3.36
C LYS A 49 -9.12 10.02 -3.83
N ASN A 50 -10.13 9.17 -3.58
CA ASN A 50 -11.47 9.40 -4.11
C ASN A 50 -12.50 8.63 -3.28
N THR A 51 -13.75 9.07 -3.34
CA THR A 51 -14.85 8.41 -2.65
C THR A 51 -15.92 8.01 -3.67
N SER A 52 -16.56 6.87 -3.41
CA SER A 52 -17.60 6.34 -4.30
C SER A 52 -18.72 7.35 -4.53
N LYS A 53 -19.46 7.15 -5.62
CA LYS A 53 -20.62 7.99 -5.93
C LYS A 53 -21.62 7.94 -4.77
N ASN A 54 -21.67 6.80 -4.09
CA ASN A 54 -22.59 6.59 -2.98
C ASN A 54 -21.99 7.11 -1.68
N ALA A 55 -20.71 7.50 -1.73
CA ALA A 55 -19.98 7.95 -0.55
C ALA A 55 -19.89 6.85 0.51
N LYS A 56 -20.14 5.61 0.09
CA LYS A 56 -20.10 4.46 0.98
C LYS A 56 -18.68 3.91 1.08
N PHE A 57 -17.93 4.00 -0.02
CA PHE A 57 -16.57 3.48 -0.10
C PHE A 57 -15.58 4.62 -0.26
N TYR A 58 -14.49 4.55 0.50
CA TYR A 58 -13.46 5.59 0.48
C TYR A 58 -12.12 4.98 0.09
N SER A 59 -11.49 5.54 -0.93
CA SER A 59 -10.18 5.07 -1.39
C SER A 59 -9.08 5.87 -0.68
N PHE A 60 -8.33 5.18 0.16
CA PHE A 60 -7.21 5.78 0.87
C PHE A 60 -5.89 5.33 0.25
N ASN A 61 -4.86 6.13 0.45
CA ASN A 61 -3.56 5.90 -0.15
C ASN A 61 -2.49 6.02 0.93
N VAL A 62 -1.62 5.01 1.01
CA VAL A 62 -0.52 5.04 1.97
C VAL A 62 0.80 4.71 1.26
N SER A 63 1.73 5.64 1.31
CA SER A 63 3.06 5.42 0.75
C SER A 63 4.09 5.37 1.87
N MET A 64 4.82 4.26 1.97
CA MET A 64 5.78 4.04 3.05
C MET A 64 6.99 3.29 2.55
N GLU A 65 8.16 3.59 3.12
CA GLU A 65 9.40 2.92 2.74
C GLU A 65 9.42 1.50 3.28
N VAL A 66 9.26 0.52 2.40
CA VAL A 66 9.24 -0.88 2.80
C VAL A 66 10.65 -1.47 2.76
N SER A 67 11.05 -2.08 3.87
CA SER A 67 12.40 -2.62 4.03
C SER A 67 12.72 -3.70 2.99
N ASN A 68 11.70 -4.48 2.64
CA ASN A 68 11.87 -5.61 1.73
C ASN A 68 10.52 -6.04 1.16
N GLU A 69 10.52 -7.15 0.42
CA GLU A 69 9.31 -7.62 -0.25
C GLU A 69 8.33 -8.21 0.77
N SER A 70 8.85 -8.92 1.76
CA SER A 70 7.98 -9.51 2.79
C SER A 70 7.17 -8.42 3.50
N GLU A 71 7.78 -7.24 3.64
CA GLU A 71 7.09 -6.08 4.21
C GLU A 71 5.78 -5.81 3.45
N ARG A 72 5.89 -5.63 2.13
CA ARG A 72 4.75 -5.22 1.32
C ARG A 72 3.65 -6.28 1.32
N ASN A 73 3.98 -7.49 1.77
CA ASN A 73 3.00 -8.57 1.87
C ASN A 73 2.42 -8.65 3.28
N GLU A 74 3.27 -8.48 4.28
CA GLU A 74 2.85 -8.59 5.68
C GLU A 74 1.94 -7.41 6.04
N ILE A 75 2.37 -6.22 5.64
CA ILE A 75 1.61 -4.99 5.87
C ILE A 75 0.26 -5.09 5.17
N PHE A 76 0.28 -5.66 3.97
CA PHE A 76 -0.92 -5.87 3.17
C PHE A 76 -1.97 -6.65 3.96
N GLN A 77 -1.51 -7.64 4.72
CA GLN A 77 -2.40 -8.47 5.53
C GLN A 77 -2.91 -7.67 6.73
N LYS A 78 -2.03 -6.88 7.33
CA LYS A 78 -2.38 -6.08 8.50
C LYS A 78 -3.45 -5.05 8.13
N ILE A 79 -3.43 -4.62 6.87
CA ILE A 79 -4.39 -3.65 6.36
C ILE A 79 -5.82 -4.22 6.39
N SER A 80 -5.96 -5.54 6.25
CA SER A 80 -7.28 -6.15 6.26
C SER A 80 -7.75 -6.45 7.68
N GLN A 81 -7.01 -5.96 8.67
CA GLN A 81 -7.37 -6.16 10.08
C GLN A 81 -8.25 -5.01 10.60
N LEU A 82 -8.58 -4.07 9.72
CA LEU A 82 -9.40 -2.91 10.11
C LEU A 82 -10.86 -3.31 10.23
N ASP A 83 -11.23 -4.38 9.53
CA ASP A 83 -12.61 -4.87 9.47
C ASP A 83 -13.48 -3.96 8.60
N LYS A 84 -13.28 -2.66 8.72
CA LYS A 84 -14.02 -1.65 7.96
C LYS A 84 -13.55 -1.58 6.51
N VAL A 85 -12.48 -2.31 6.20
CA VAL A 85 -11.91 -2.32 4.85
C VAL A 85 -12.56 -3.42 4.01
N VAL A 86 -12.96 -3.07 2.79
CA VAL A 86 -13.63 -4.01 1.90
C VAL A 86 -12.69 -4.49 0.79
N GLN A 87 -11.73 -3.65 0.43
CA GLN A 87 -10.79 -3.99 -0.64
C GLN A 87 -9.39 -3.49 -0.31
N THR A 88 -8.46 -4.44 -0.23
CA THR A 88 -7.06 -4.14 0.02
C THR A 88 -6.24 -4.30 -1.26
N LEU A 89 -5.49 -3.25 -1.63
CA LEU A 89 -4.63 -3.29 -2.82
C LEU A 89 -3.18 -3.02 -2.43
N GLY A 90 -2.29 -3.94 -2.76
CA GLY A 90 -0.87 -3.76 -2.52
C GLY A 90 -0.10 -3.68 -3.82
N SER A 91 -0.82 -3.41 -4.90
CA SER A 91 -0.26 -3.37 -6.25
C SER A 91 0.23 -4.77 -6.67
N GLN A 1 12.73 -1.52 -34.42
CA GLN A 1 11.25 -1.40 -34.40
C GLN A 1 10.75 -1.31 -32.96
N GLY A 2 10.89 -2.41 -32.23
CA GLY A 2 10.45 -2.47 -30.86
C GLY A 2 11.34 -3.36 -30.02
N HIS A 3 11.02 -3.50 -28.74
CA HIS A 3 11.81 -4.32 -27.83
C HIS A 3 10.90 -5.08 -26.88
N MET A 4 10.98 -6.41 -26.91
CA MET A 4 10.17 -7.26 -26.05
C MET A 4 10.40 -6.91 -24.57
N PRO A 5 9.32 -6.95 -23.75
CA PRO A 5 9.38 -6.55 -22.34
C PRO A 5 10.28 -7.46 -21.50
N SER A 6 10.91 -6.87 -20.49
CA SER A 6 11.71 -7.63 -19.54
C SER A 6 10.79 -8.37 -18.57
N ASP A 7 10.55 -9.64 -18.86
CA ASP A 7 9.57 -10.44 -18.12
C ASP A 7 10.23 -11.19 -16.96
N SER A 8 11.38 -11.82 -17.24
CA SER A 8 12.07 -12.62 -16.24
C SER A 8 12.72 -11.73 -15.20
N LYS A 9 13.46 -10.73 -15.66
CA LYS A 9 14.17 -9.83 -14.77
C LYS A 9 13.20 -9.04 -13.91
N LYS A 10 13.04 -9.46 -12.66
CA LYS A 10 12.16 -8.79 -11.72
C LYS A 10 12.73 -7.43 -11.31
N PRO A 11 11.88 -6.44 -11.01
CA PRO A 11 12.32 -5.12 -10.55
C PRO A 11 13.07 -5.22 -9.23
N THR A 12 14.30 -4.71 -9.21
CA THR A 12 15.14 -4.77 -8.02
C THR A 12 15.09 -3.45 -7.27
N ILE A 13 14.47 -3.47 -6.09
CA ILE A 13 14.27 -2.27 -5.29
C ILE A 13 15.41 -2.10 -4.28
N ILE A 14 15.83 -0.86 -4.07
CA ILE A 14 16.88 -0.54 -3.12
C ILE A 14 16.25 -0.20 -1.76
N TYR A 15 16.43 -1.09 -0.79
CA TYR A 15 15.87 -0.93 0.55
C TYR A 15 16.92 -0.29 1.48
N PRO A 16 16.51 0.51 2.47
CA PRO A 16 15.10 0.83 2.75
C PRO A 16 14.55 1.88 1.77
N CYS A 17 13.23 1.95 1.65
CA CYS A 17 12.58 2.86 0.71
C CYS A 17 11.11 3.02 1.07
N LEU A 18 10.50 4.09 0.57
CA LEU A 18 9.07 4.32 0.73
C LEU A 18 8.29 3.40 -0.19
N TRP A 19 7.60 2.43 0.39
CA TRP A 19 6.81 1.49 -0.39
C TRP A 19 5.37 2.00 -0.48
N ASP A 20 4.75 1.83 -1.64
CA ASP A 20 3.40 2.33 -1.87
C ASP A 20 2.38 1.20 -1.81
N TYR A 21 1.30 1.43 -1.09
CA TYR A 21 0.23 0.45 -0.92
C TYR A 21 -1.10 1.06 -1.34
N ARG A 22 -1.95 0.26 -1.96
CA ARG A 22 -3.27 0.73 -2.36
C ARG A 22 -4.33 0.03 -1.50
N VAL A 23 -4.98 0.79 -0.64
CA VAL A 23 -5.95 0.26 0.31
C VAL A 23 -7.37 0.60 -0.15
N ILE A 24 -8.09 -0.39 -0.66
CA ILE A 24 -9.47 -0.18 -1.10
C ILE A 24 -10.44 -0.61 -0.01
N MET A 25 -11.08 0.38 0.62
CA MET A 25 -12.01 0.17 1.72
C MET A 25 -13.41 0.63 1.31
N THR A 26 -14.43 -0.07 1.80
CA THR A 26 -15.80 0.32 1.51
C THR A 26 -16.26 1.43 2.46
N THR A 27 -15.41 1.74 3.43
CA THR A 27 -15.66 2.82 4.37
C THR A 27 -14.64 3.93 4.14
N LYS A 28 -15.01 5.15 4.52
CA LYS A 28 -14.10 6.29 4.40
C LYS A 28 -13.42 6.53 5.76
N ASP A 29 -13.75 5.68 6.73
CA ASP A 29 -13.19 5.78 8.08
C ASP A 29 -11.79 5.21 8.09
N THR A 30 -10.82 6.03 7.71
CA THR A 30 -9.43 5.62 7.78
C THR A 30 -8.87 5.99 9.15
N SER A 31 -8.80 5.00 10.03
CA SER A 31 -8.33 5.19 11.38
C SER A 31 -7.42 4.04 11.79
N THR A 32 -8.01 2.85 11.82
CA THR A 32 -7.29 1.61 12.10
C THR A 32 -6.07 1.48 11.17
N LEU A 33 -6.23 2.01 9.95
CA LEU A 33 -5.18 2.00 8.94
C LEU A 33 -3.96 2.80 9.42
N LYS A 34 -4.22 3.94 10.06
CA LYS A 34 -3.15 4.78 10.59
C LYS A 34 -2.48 4.09 11.76
N GLU A 35 -3.28 3.48 12.62
CA GLU A 35 -2.81 2.82 13.84
C GLU A 35 -1.65 1.86 13.54
N LEU A 36 -1.86 0.96 12.58
CA LEU A 36 -0.87 -0.06 12.25
C LEU A 36 0.42 0.58 11.75
N LEU A 37 0.29 1.71 11.06
CA LEU A 37 1.45 2.41 10.51
C LEU A 37 2.27 3.03 11.63
N GLU A 38 1.57 3.59 12.62
CA GLU A 38 2.21 4.30 13.72
C GLU A 38 2.97 3.36 14.65
N THR A 39 2.66 2.06 14.60
CA THR A 39 3.34 1.08 15.44
C THR A 39 4.83 1.01 15.09
N TYR A 40 5.17 1.38 13.85
CA TYR A 40 6.56 1.37 13.40
C TYR A 40 7.29 2.64 13.85
N GLN A 41 6.54 3.55 14.49
CA GLN A 41 7.10 4.79 15.04
C GLN A 41 7.77 5.63 13.94
N ARG A 42 7.27 5.51 12.72
CA ARG A 42 7.86 6.21 11.58
C ARG A 42 6.78 6.99 10.82
N PRO A 43 7.18 8.05 10.09
CA PRO A 43 6.25 8.87 9.30
C PRO A 43 5.69 8.09 8.10
N PHE A 44 4.52 8.51 7.61
CA PHE A 44 3.87 7.86 6.49
C PHE A 44 3.02 8.87 5.73
N LYS A 45 2.81 8.61 4.45
CA LYS A 45 1.96 9.45 3.61
C LYS A 45 0.65 8.74 3.31
N LEU A 46 -0.43 9.19 3.94
CA LEU A 46 -1.74 8.61 3.71
C LEU A 46 -2.59 9.61 2.93
N GLU A 47 -2.80 9.32 1.65
CA GLU A 47 -3.53 10.20 0.75
C GLU A 47 -4.77 9.48 0.20
N PHE A 48 -5.78 10.25 -0.19
CA PHE A 48 -7.00 9.69 -0.78
C PHE A 48 -6.90 9.75 -2.29
N LYS A 49 -6.92 8.58 -2.94
CA LYS A 49 -6.79 8.50 -4.40
C LYS A 49 -8.11 8.88 -5.09
N ASN A 50 -9.04 7.93 -5.13
CA ASN A 50 -10.30 8.10 -5.86
C ASN A 50 -11.42 7.35 -5.14
N THR A 51 -12.63 7.46 -5.69
CA THR A 51 -13.79 6.75 -5.17
C THR A 51 -14.65 6.27 -6.33
N SER A 52 -15.27 5.10 -6.16
CA SER A 52 -16.10 4.50 -7.19
C SER A 52 -17.40 5.29 -7.40
N LYS A 53 -18.17 4.90 -8.43
CA LYS A 53 -19.39 5.60 -8.82
C LYS A 53 -20.35 5.78 -7.64
N ASN A 54 -20.68 4.68 -6.96
CA ASN A 54 -21.62 4.71 -5.85
C ASN A 54 -20.88 4.92 -4.53
N ALA A 55 -19.61 5.33 -4.64
CA ALA A 55 -18.74 5.56 -3.48
C ALA A 55 -18.57 4.28 -2.65
N LYS A 56 -18.88 3.14 -3.28
CA LYS A 56 -18.80 1.85 -2.60
C LYS A 56 -17.35 1.52 -2.26
N PHE A 57 -16.44 1.93 -3.14
CA PHE A 57 -15.02 1.67 -2.94
C PHE A 57 -14.23 2.97 -2.83
N TYR A 58 -13.71 3.23 -1.64
CA TYR A 58 -12.81 4.35 -1.41
C TYR A 58 -11.38 3.88 -1.57
N SER A 59 -10.66 4.45 -2.52
CA SER A 59 -9.27 4.07 -2.79
C SER A 59 -8.32 4.95 -2.00
N PHE A 60 -7.63 4.35 -1.03
CA PHE A 60 -6.67 5.07 -0.19
C PHE A 60 -5.24 4.72 -0.60
N ASN A 61 -4.33 5.63 -0.31
CA ASN A 61 -2.91 5.47 -0.67
C ASN A 61 -2.06 5.53 0.59
N VAL A 62 -1.29 4.47 0.84
CA VAL A 62 -0.39 4.43 1.98
C VAL A 62 1.05 4.28 1.50
N SER A 63 1.89 5.25 1.82
CA SER A 63 3.31 5.19 1.48
C SER A 63 4.14 5.28 2.76
N MET A 64 4.83 4.20 3.10
CA MET A 64 5.60 4.16 4.34
C MET A 64 6.98 3.53 4.10
N GLU A 65 7.89 3.77 5.03
CA GLU A 65 9.26 3.28 4.93
C GLU A 65 9.32 1.78 5.25
N VAL A 66 9.83 1.00 4.31
CA VAL A 66 10.06 -0.43 4.53
C VAL A 66 11.55 -0.71 4.65
N SER A 67 11.93 -1.50 5.64
CA SER A 67 13.34 -1.81 5.89
C SER A 67 13.88 -2.76 4.83
N ASN A 68 13.18 -3.86 4.62
CA ASN A 68 13.54 -4.85 3.61
C ASN A 68 12.27 -5.54 3.11
N GLU A 69 12.42 -6.71 2.49
CA GLU A 69 11.29 -7.39 1.87
C GLU A 69 10.32 -7.96 2.92
N SER A 70 10.81 -8.16 4.13
CA SER A 70 9.99 -8.70 5.22
C SER A 70 8.84 -7.74 5.54
N GLU A 71 9.15 -6.45 5.58
CA GLU A 71 8.15 -5.42 5.91
C GLU A 71 7.05 -5.36 4.86
N ARG A 72 7.44 -5.31 3.58
CA ARG A 72 6.47 -5.13 2.49
C ARG A 72 5.44 -6.26 2.45
N ASN A 73 5.72 -7.37 3.16
CA ASN A 73 4.79 -8.47 3.27
C ASN A 73 3.93 -8.33 4.52
N GLU A 74 4.56 -8.03 5.66
CA GLU A 74 3.84 -7.95 6.93
C GLU A 74 2.81 -6.81 6.89
N ILE A 75 3.23 -5.66 6.36
CA ILE A 75 2.38 -4.48 6.29
C ILE A 75 1.17 -4.76 5.40
N PHE A 76 1.40 -5.54 4.34
CA PHE A 76 0.32 -5.96 3.45
C PHE A 76 -0.75 -6.71 4.23
N GLN A 77 -0.31 -7.49 5.21
CA GLN A 77 -1.21 -8.24 6.07
C GLN A 77 -1.88 -7.33 7.09
N LYS A 78 -1.12 -6.38 7.64
CA LYS A 78 -1.62 -5.44 8.63
C LYS A 78 -2.85 -4.72 8.10
N ILE A 79 -2.79 -4.34 6.83
CA ILE A 79 -3.86 -3.61 6.16
C ILE A 79 -5.15 -4.44 6.14
N SER A 80 -5.02 -5.76 6.12
CA SER A 80 -6.17 -6.65 6.06
C SER A 80 -6.82 -6.79 7.45
N GLN A 81 -6.06 -6.47 8.49
CA GLN A 81 -6.52 -6.66 9.88
C GLN A 81 -7.62 -5.65 10.24
N LEU A 82 -7.90 -4.72 9.34
CA LEU A 82 -8.88 -3.66 9.62
C LEU A 82 -10.30 -4.18 9.41
N ASP A 83 -10.44 -5.25 8.62
CA ASP A 83 -11.75 -5.80 8.23
C ASP A 83 -12.46 -4.89 7.22
N LYS A 84 -12.33 -3.60 7.43
CA LYS A 84 -12.97 -2.57 6.60
C LYS A 84 -12.49 -2.64 5.14
N VAL A 85 -11.26 -3.11 4.95
CA VAL A 85 -10.68 -3.19 3.61
C VAL A 85 -11.22 -4.39 2.86
N VAL A 86 -11.56 -4.19 1.60
CA VAL A 86 -12.08 -5.27 0.75
C VAL A 86 -11.02 -5.75 -0.23
N GLN A 87 -10.12 -4.85 -0.63
CA GLN A 87 -9.07 -5.17 -1.58
C GLN A 87 -7.75 -4.54 -1.15
N THR A 88 -6.78 -5.38 -0.82
CA THR A 88 -5.46 -4.92 -0.40
C THR A 88 -4.46 -5.06 -1.55
N LEU A 89 -3.82 -3.96 -1.93
CA LEU A 89 -2.78 -3.99 -2.94
C LEU A 89 -1.44 -3.59 -2.33
N GLY A 90 -0.49 -4.52 -2.34
CA GLY A 90 0.83 -4.26 -1.82
C GLY A 90 1.85 -5.15 -2.50
N SER A 91 2.06 -4.89 -3.79
CA SER A 91 2.98 -5.69 -4.59
C SER A 91 4.44 -5.30 -4.29
N GLN A 1 20.77 -14.32 -15.49
CA GLN A 1 20.65 -15.48 -16.40
C GLN A 1 21.18 -15.13 -17.78
N GLY A 2 22.41 -15.57 -18.08
CA GLY A 2 23.02 -15.27 -19.35
C GLY A 2 23.17 -13.78 -19.58
N HIS A 3 22.52 -13.26 -20.63
CA HIS A 3 22.54 -11.84 -20.92
C HIS A 3 21.45 -11.15 -20.11
N MET A 4 21.70 -9.91 -19.70
CA MET A 4 20.77 -9.16 -18.86
C MET A 4 19.45 -8.92 -19.59
N PRO A 5 18.34 -9.50 -19.09
CA PRO A 5 17.02 -9.35 -19.72
C PRO A 5 16.49 -7.93 -19.56
N SER A 6 16.75 -7.10 -20.58
CA SER A 6 16.37 -5.68 -20.56
C SER A 6 14.85 -5.53 -20.45
N ASP A 7 14.38 -5.09 -19.28
CA ASP A 7 12.96 -4.83 -19.02
C ASP A 7 12.14 -6.12 -19.16
N SER A 8 12.82 -7.25 -19.08
CA SER A 8 12.19 -8.56 -19.12
C SER A 8 12.37 -9.24 -17.77
N LYS A 9 11.40 -10.07 -17.37
CA LYS A 9 11.40 -10.71 -16.06
C LYS A 9 11.42 -9.63 -14.97
N LYS A 10 10.62 -8.58 -15.19
CA LYS A 10 10.56 -7.40 -14.31
C LYS A 10 11.81 -6.54 -14.49
N PRO A 11 11.62 -5.22 -14.75
CA PRO A 11 12.73 -4.27 -14.83
C PRO A 11 13.46 -4.17 -13.48
N THR A 12 14.64 -3.55 -13.48
CA THR A 12 15.42 -3.44 -12.26
C THR A 12 14.70 -2.55 -11.24
N ILE A 13 14.21 -3.17 -10.18
CA ILE A 13 13.52 -2.47 -9.10
C ILE A 13 14.46 -2.29 -7.92
N ILE A 14 14.73 -1.05 -7.55
CA ILE A 14 15.68 -0.74 -6.49
C ILE A 14 14.98 -0.55 -5.15
N TYR A 15 15.31 -1.40 -4.19
CA TYR A 15 14.83 -1.26 -2.81
C TYR A 15 15.93 -0.65 -1.94
N PRO A 16 15.58 0.15 -0.92
CA PRO A 16 14.19 0.47 -0.55
C PRO A 16 13.58 1.53 -1.48
N CYS A 17 12.26 1.70 -1.39
CA CYS A 17 11.57 2.68 -2.21
C CYS A 17 10.18 2.98 -1.62
N LEU A 18 9.69 4.18 -1.90
CA LEU A 18 8.34 4.58 -1.49
C LEU A 18 7.29 3.87 -2.34
N TRP A 19 6.68 2.84 -1.77
CA TRP A 19 5.66 2.06 -2.46
C TRP A 19 4.28 2.64 -2.15
N ASP A 20 3.47 2.85 -3.19
CA ASP A 20 2.14 3.43 -3.03
C ASP A 20 1.07 2.35 -3.01
N TYR A 21 0.11 2.51 -2.11
CA TYR A 21 -0.99 1.57 -1.95
C TYR A 21 -2.34 2.31 -2.04
N ARG A 22 -3.13 2.01 -3.06
CA ARG A 22 -4.50 2.52 -3.14
C ARG A 22 -5.39 1.68 -2.23
N VAL A 23 -5.85 2.27 -1.14
CA VAL A 23 -6.65 1.56 -0.14
C VAL A 23 -8.09 2.05 -0.16
N ILE A 24 -8.98 1.27 -0.76
CA ILE A 24 -10.39 1.62 -0.82
C ILE A 24 -11.16 0.87 0.26
N MET A 25 -11.67 1.62 1.25
CA MET A 25 -12.43 1.04 2.35
C MET A 25 -13.81 1.67 2.41
N THR A 26 -14.74 0.98 3.08
CA THR A 26 -16.10 1.49 3.26
C THR A 26 -16.22 2.21 4.61
N THR A 27 -15.12 2.79 5.07
CA THR A 27 -15.09 3.53 6.32
C THR A 27 -14.03 4.64 6.24
N LYS A 28 -14.31 5.78 6.84
CA LYS A 28 -13.33 6.86 6.96
C LYS A 28 -12.52 6.66 8.24
N ASP A 29 -12.98 5.76 9.09
CA ASP A 29 -12.33 5.48 10.35
C ASP A 29 -11.13 4.57 10.14
N THR A 30 -10.03 5.17 9.70
CA THR A 30 -8.81 4.45 9.47
C THR A 30 -7.95 4.47 10.74
N SER A 31 -7.87 3.31 11.40
CA SER A 31 -7.06 3.16 12.59
C SER A 31 -6.09 2.01 12.40
N THR A 32 -6.63 0.79 12.30
CA THR A 32 -5.84 -0.41 12.11
C THR A 32 -4.90 -0.27 10.91
N LEU A 33 -5.35 0.47 9.89
CA LEU A 33 -4.56 0.72 8.70
C LEU A 33 -3.25 1.42 9.08
N LYS A 34 -3.34 2.40 9.98
CA LYS A 34 -2.16 3.14 10.43
C LYS A 34 -1.36 2.29 11.40
N GLU A 35 -2.07 1.60 12.29
CA GLU A 35 -1.45 0.76 13.32
C GLU A 35 -0.52 -0.28 12.70
N LEU A 36 -1.01 -0.96 11.67
CA LEU A 36 -0.24 -2.02 11.02
C LEU A 36 1.03 -1.44 10.38
N LEU A 37 0.94 -0.20 9.93
CA LEU A 37 2.08 0.49 9.34
C LEU A 37 3.12 0.79 10.42
N GLU A 38 2.63 1.20 11.60
CA GLU A 38 3.51 1.56 12.71
C GLU A 38 4.21 0.34 13.29
N THR A 39 3.69 -0.87 13.04
CA THR A 39 4.33 -2.07 13.56
C THR A 39 5.72 -2.25 12.94
N TYR A 40 5.97 -1.58 11.83
CA TYR A 40 7.27 -1.60 11.17
C TYR A 40 8.13 -0.44 11.69
N GLN A 41 7.52 0.44 12.48
CA GLN A 41 8.18 1.59 13.10
C GLN A 41 8.65 2.62 12.07
N ARG A 42 8.48 2.33 10.79
CA ARG A 42 8.93 3.23 9.72
C ARG A 42 7.83 4.22 9.39
N PRO A 43 8.20 5.43 8.89
CA PRO A 43 7.24 6.49 8.57
C PRO A 43 6.36 6.14 7.36
N PHE A 44 5.22 6.83 7.26
CA PHE A 44 4.27 6.62 6.17
C PHE A 44 3.46 7.88 5.93
N LYS A 45 2.86 8.00 4.76
CA LYS A 45 2.01 9.13 4.42
C LYS A 45 0.58 8.66 4.16
N LEU A 46 -0.32 9.04 5.06
CA LEU A 46 -1.75 8.71 4.92
C LEU A 46 -2.45 9.79 4.10
N GLU A 47 -3.00 9.40 2.97
CA GLU A 47 -3.68 10.32 2.06
C GLU A 47 -5.14 9.91 1.86
N PHE A 48 -6.07 10.81 2.14
CA PHE A 48 -7.46 10.60 1.78
C PHE A 48 -7.78 11.41 0.54
N LYS A 49 -7.96 10.73 -0.59
CA LYS A 49 -8.08 11.40 -1.89
C LYS A 49 -9.52 11.81 -2.17
N ASN A 50 -10.39 10.83 -2.39
CA ASN A 50 -11.76 11.11 -2.83
C ASN A 50 -12.75 10.07 -2.31
N THR A 51 -13.93 10.54 -1.94
CA THR A 51 -15.03 9.66 -1.54
C THR A 51 -15.99 9.49 -2.72
N SER A 52 -16.58 8.31 -2.84
CA SER A 52 -17.53 8.03 -3.90
C SER A 52 -18.70 9.02 -3.88
N LYS A 53 -19.37 9.17 -5.02
CA LYS A 53 -20.45 10.14 -5.17
C LYS A 53 -21.54 9.94 -4.11
N ASN A 54 -21.85 8.68 -3.80
CA ASN A 54 -22.87 8.35 -2.79
C ASN A 54 -22.21 8.02 -1.45
N ALA A 55 -20.94 8.37 -1.31
CA ALA A 55 -20.18 8.18 -0.07
C ALA A 55 -20.06 6.70 0.30
N LYS A 56 -20.30 5.80 -0.66
CA LYS A 56 -20.24 4.36 -0.41
C LYS A 56 -18.80 3.92 -0.12
N PHE A 57 -17.87 4.33 -0.99
CA PHE A 57 -16.47 3.96 -0.84
C PHE A 57 -15.63 5.19 -0.51
N TYR A 58 -14.54 4.96 0.20
CA TYR A 58 -13.61 6.02 0.57
C TYR A 58 -12.21 5.65 0.10
N SER A 59 -11.66 6.46 -0.81
CA SER A 59 -10.39 6.16 -1.43
C SER A 59 -9.22 6.75 -0.65
N PHE A 60 -8.43 5.87 -0.06
CA PHE A 60 -7.21 6.26 0.66
C PHE A 60 -5.98 5.91 -0.18
N ASN A 61 -4.85 6.48 0.21
CA ASN A 61 -3.57 6.21 -0.43
C ASN A 61 -2.48 6.18 0.62
N VAL A 62 -1.78 5.05 0.71
CA VAL A 62 -0.66 4.91 1.63
C VAL A 62 0.65 4.93 0.86
N SER A 63 1.49 5.91 1.17
CA SER A 63 2.83 5.99 0.58
C SER A 63 3.87 5.82 1.68
N MET A 64 4.57 4.70 1.64
CA MET A 64 5.55 4.36 2.68
C MET A 64 6.76 3.66 2.06
N GLU A 65 7.87 3.68 2.76
CA GLU A 65 9.08 3.01 2.30
C GLU A 65 8.96 1.50 2.53
N VAL A 66 9.41 0.72 1.56
CA VAL A 66 9.55 -0.73 1.72
C VAL A 66 11.01 -1.11 1.49
N SER A 67 11.59 -1.83 2.43
CA SER A 67 13.00 -2.17 2.37
C SER A 67 13.22 -3.39 1.48
N ASN A 68 12.24 -4.29 1.45
CA ASN A 68 12.36 -5.51 0.66
C ASN A 68 11.00 -6.00 0.16
N GLU A 69 11.05 -7.07 -0.63
CA GLU A 69 9.89 -7.70 -1.26
C GLU A 69 8.87 -8.19 -0.22
N SER A 70 9.37 -8.86 0.81
CA SER A 70 8.50 -9.48 1.81
C SER A 70 7.58 -8.46 2.45
N GLU A 71 8.13 -7.28 2.75
CA GLU A 71 7.36 -6.23 3.42
C GLU A 71 6.21 -5.74 2.54
N ARG A 72 6.52 -5.35 1.31
CA ARG A 72 5.51 -4.73 0.43
C ARG A 72 4.29 -5.63 0.28
N ASN A 73 4.52 -6.95 0.26
CA ASN A 73 3.44 -7.92 0.10
C ASN A 73 2.75 -8.18 1.44
N GLU A 74 3.54 -8.20 2.51
CA GLU A 74 3.00 -8.40 3.86
C GLU A 74 2.06 -7.26 4.23
N ILE A 75 2.51 -6.04 3.98
CA ILE A 75 1.73 -4.84 4.24
C ILE A 75 0.43 -4.86 3.46
N PHE A 76 0.50 -5.32 2.20
CA PHE A 76 -0.68 -5.48 1.36
C PHE A 76 -1.69 -6.41 2.04
N GLN A 77 -1.18 -7.52 2.59
CA GLN A 77 -2.01 -8.48 3.30
C GLN A 77 -2.59 -7.86 4.57
N LYS A 78 -1.75 -7.12 5.30
CA LYS A 78 -2.17 -6.42 6.51
C LYS A 78 -3.37 -5.52 6.23
N ILE A 79 -3.27 -4.77 5.14
CA ILE A 79 -4.33 -3.84 4.73
C ILE A 79 -5.62 -4.61 4.44
N SER A 80 -5.49 -5.86 4.01
CA SER A 80 -6.63 -6.70 3.69
C SER A 80 -7.30 -7.22 4.97
N GLN A 81 -6.58 -7.16 6.08
CA GLN A 81 -7.03 -7.73 7.35
C GLN A 81 -7.93 -6.77 8.13
N LEU A 82 -8.17 -5.57 7.61
CA LEU A 82 -8.95 -4.56 8.32
C LEU A 82 -10.44 -4.92 8.30
N ASP A 83 -10.82 -5.82 7.38
CA ASP A 83 -12.23 -6.25 7.21
C ASP A 83 -13.07 -5.18 6.52
N LYS A 84 -12.67 -3.92 6.68
CA LYS A 84 -13.42 -2.78 6.18
C LYS A 84 -12.99 -2.42 4.75
N VAL A 85 -11.99 -3.13 4.24
CA VAL A 85 -11.44 -2.86 2.92
C VAL A 85 -12.18 -3.66 1.85
N VAL A 86 -12.30 -3.09 0.65
CA VAL A 86 -12.98 -3.76 -0.46
C VAL A 86 -12.06 -3.90 -1.68
N GLN A 87 -11.04 -3.05 -1.76
CA GLN A 87 -10.14 -3.04 -2.92
C GLN A 87 -8.82 -2.36 -2.57
N THR A 88 -7.72 -2.95 -3.04
CA THR A 88 -6.38 -2.42 -2.80
C THR A 88 -5.49 -2.57 -4.04
N LEU A 89 -5.08 -1.45 -4.62
CA LEU A 89 -4.20 -1.47 -5.79
C LEU A 89 -2.78 -1.10 -5.39
N GLY A 90 -1.85 -2.04 -5.54
CA GLY A 90 -0.46 -1.77 -5.18
C GLY A 90 0.50 -2.68 -5.93
N SER A 91 0.19 -2.95 -7.18
CA SER A 91 1.00 -3.82 -8.02
C SER A 91 1.94 -3.01 -8.90
N GLN A 1 11.91 -15.13 -33.42
CA GLN A 1 11.85 -15.66 -32.04
C GLN A 1 13.12 -16.44 -31.72
N GLY A 2 13.58 -16.33 -30.47
CA GLY A 2 14.78 -17.03 -30.05
C GLY A 2 15.73 -16.11 -29.31
N HIS A 3 16.93 -15.92 -29.85
CA HIS A 3 17.92 -15.01 -29.27
C HIS A 3 17.40 -13.57 -29.34
N MET A 4 17.38 -12.90 -28.19
CA MET A 4 16.83 -11.55 -28.10
C MET A 4 17.94 -10.50 -28.02
N PRO A 5 18.16 -9.73 -29.11
CA PRO A 5 19.11 -8.61 -29.10
C PRO A 5 18.78 -7.58 -28.03
N SER A 6 17.49 -7.52 -27.67
CA SER A 6 17.01 -6.68 -26.59
C SER A 6 16.47 -7.54 -25.45
N ASP A 7 17.35 -7.89 -24.52
CA ASP A 7 17.00 -8.74 -23.39
C ASP A 7 15.97 -8.05 -22.49
N SER A 8 15.14 -8.86 -21.82
CA SER A 8 14.13 -8.36 -20.91
C SER A 8 14.64 -8.41 -19.48
N LYS A 9 14.55 -7.29 -18.77
CA LYS A 9 15.07 -7.18 -17.41
C LYS A 9 14.00 -6.66 -16.46
N LYS A 10 14.34 -6.61 -15.17
CA LYS A 10 13.41 -6.13 -14.14
C LYS A 10 13.94 -4.84 -13.51
N PRO A 11 13.11 -3.79 -13.42
CA PRO A 11 13.51 -2.52 -12.79
C PRO A 11 13.95 -2.71 -11.34
N THR A 12 15.08 -2.11 -10.98
CA THR A 12 15.60 -2.21 -9.63
C THR A 12 14.85 -1.26 -8.69
N ILE A 13 14.08 -1.85 -7.78
CA ILE A 13 13.34 -1.08 -6.78
C ILE A 13 14.22 -0.87 -5.55
N ILE A 14 14.33 0.38 -5.10
CA ILE A 14 15.22 0.73 -4.01
C ILE A 14 14.58 0.37 -2.66
N TYR A 15 15.37 -0.27 -1.81
CA TYR A 15 14.95 -0.60 -0.45
C TYR A 15 16.07 -0.19 0.52
N PRO A 16 15.76 0.57 1.60
CA PRO A 16 14.40 1.04 1.90
C PRO A 16 13.96 2.22 1.01
N CYS A 17 12.65 2.38 0.87
CA CYS A 17 12.07 3.49 0.12
C CYS A 17 10.56 3.51 0.35
N LEU A 18 9.87 4.50 -0.22
CA LEU A 18 8.43 4.65 -0.04
C LEU A 18 7.66 3.81 -1.05
N TRP A 19 6.64 3.10 -0.56
CA TRP A 19 5.79 2.27 -1.41
C TRP A 19 4.33 2.66 -1.20
N ASP A 20 3.60 2.90 -2.30
CA ASP A 20 2.20 3.32 -2.23
C ASP A 20 1.26 2.11 -2.22
N TYR A 21 0.50 2.00 -1.15
CA TYR A 21 -0.52 0.96 -0.99
C TYR A 21 -1.89 1.53 -1.33
N ARG A 22 -2.76 0.72 -1.92
CA ARG A 22 -4.10 1.17 -2.25
C ARG A 22 -5.12 0.47 -1.35
N VAL A 23 -5.77 1.24 -0.49
CA VAL A 23 -6.68 0.71 0.51
C VAL A 23 -8.13 1.11 0.21
N ILE A 24 -8.94 0.16 -0.24
CA ILE A 24 -10.35 0.42 -0.52
C ILE A 24 -11.21 -0.02 0.67
N MET A 25 -11.70 0.96 1.43
CA MET A 25 -12.51 0.70 2.61
C MET A 25 -13.97 1.06 2.34
N THR A 26 -14.85 0.69 3.26
CA THR A 26 -16.27 1.04 3.15
C THR A 26 -16.61 2.23 4.03
N THR A 27 -15.57 2.90 4.54
CA THR A 27 -15.74 4.00 5.47
C THR A 27 -14.57 4.98 5.32
N LYS A 28 -14.73 6.19 5.84
CA LYS A 28 -13.64 7.16 5.88
C LYS A 28 -12.98 7.16 7.25
N ASP A 29 -13.44 6.25 8.12
CA ASP A 29 -12.88 6.12 9.45
C ASP A 29 -11.58 5.33 9.38
N THR A 30 -10.51 6.01 8.99
CA THR A 30 -9.21 5.39 8.92
C THR A 30 -8.41 5.73 10.17
N SER A 31 -8.36 4.78 11.10
CA SER A 31 -7.64 4.95 12.34
C SER A 31 -6.67 3.79 12.54
N THR A 32 -7.21 2.58 12.67
CA THR A 32 -6.40 1.37 12.80
C THR A 32 -5.35 1.30 11.68
N LEU A 33 -5.75 1.77 10.50
CA LEU A 33 -4.88 1.80 9.34
C LEU A 33 -3.63 2.63 9.61
N LYS A 34 -3.80 3.78 10.26
CA LYS A 34 -2.68 4.64 10.59
C LYS A 34 -1.88 4.08 11.77
N GLU A 35 -2.59 3.49 12.73
CA GLU A 35 -1.95 2.98 13.94
C GLU A 35 -0.95 1.87 13.61
N LEU A 36 -1.35 0.95 12.72
CA LEU A 36 -0.48 -0.15 12.32
C LEU A 36 0.78 0.40 11.65
N LEU A 37 0.65 1.54 10.99
CA LEU A 37 1.78 2.22 10.35
C LEU A 37 2.71 2.77 11.42
N GLU A 38 2.11 3.38 12.45
CA GLU A 38 2.86 4.00 13.54
C GLU A 38 3.74 3.00 14.27
N THR A 39 3.30 1.75 14.33
CA THR A 39 4.05 0.71 15.05
C THR A 39 5.46 0.54 14.47
N TYR A 40 5.63 0.84 13.17
CA TYR A 40 6.92 0.71 12.51
C TYR A 40 7.82 1.92 12.81
N GLN A 41 7.26 2.89 13.54
CA GLN A 41 7.99 4.08 13.98
C GLN A 41 8.54 4.88 12.81
N ARG A 42 7.96 4.69 11.63
CA ARG A 42 8.43 5.35 10.42
C ARG A 42 7.30 6.19 9.82
N PRO A 43 7.66 7.28 9.11
CA PRO A 43 6.67 8.20 8.52
C PRO A 43 5.80 7.52 7.45
N PHE A 44 4.56 7.99 7.32
CA PHE A 44 3.64 7.49 6.31
C PHE A 44 2.87 8.62 5.65
N LYS A 45 2.28 8.34 4.52
CA LYS A 45 1.50 9.32 3.76
C LYS A 45 0.06 8.83 3.65
N LEU A 46 -0.86 9.58 4.27
CA LEU A 46 -2.28 9.22 4.27
C LEU A 46 -3.01 10.13 3.29
N GLU A 47 -3.41 9.58 2.14
CA GLU A 47 -4.16 10.32 1.13
C GLU A 47 -5.51 9.68 0.87
N PHE A 48 -6.56 10.49 0.86
CA PHE A 48 -7.89 10.05 0.43
C PHE A 48 -8.09 10.43 -1.03
N LYS A 49 -8.26 9.42 -1.88
CA LYS A 49 -8.43 9.64 -3.31
C LYS A 49 -9.82 10.18 -3.61
N ASN A 50 -10.82 9.31 -3.48
CA ASN A 50 -12.20 9.67 -3.78
C ASN A 50 -13.14 8.54 -3.41
N THR A 51 -14.42 8.86 -3.34
CA THR A 51 -15.46 7.86 -3.09
C THR A 51 -16.04 7.35 -4.40
N SER A 52 -16.41 6.08 -4.43
CA SER A 52 -17.09 5.51 -5.58
C SER A 52 -18.46 6.18 -5.73
N LYS A 53 -19.07 6.05 -6.90
CA LYS A 53 -20.33 6.72 -7.19
C LYS A 53 -21.45 6.16 -6.31
N ASN A 54 -21.34 4.88 -5.97
CA ASN A 54 -22.29 4.23 -5.07
C ASN A 54 -22.04 4.67 -3.61
N ALA A 55 -20.90 5.34 -3.39
CA ALA A 55 -20.53 5.89 -2.08
C ALA A 55 -20.31 4.80 -1.03
N LYS A 56 -20.27 3.56 -1.48
CA LYS A 56 -20.05 2.41 -0.58
C LYS A 56 -18.57 2.15 -0.39
N PHE A 57 -17.77 2.52 -1.38
CA PHE A 57 -16.33 2.24 -1.37
C PHE A 57 -15.54 3.54 -1.41
N TYR A 58 -14.73 3.77 -0.38
CA TYR A 58 -13.85 4.93 -0.30
C TYR A 58 -12.41 4.48 -0.58
N SER A 59 -11.76 5.14 -1.55
CA SER A 59 -10.42 4.76 -1.96
C SER A 59 -9.36 5.61 -1.24
N PHE A 60 -8.50 4.94 -0.49
CA PHE A 60 -7.36 5.57 0.17
C PHE A 60 -6.06 5.10 -0.45
N ASN A 61 -5.02 5.92 -0.34
CA ASN A 61 -3.69 5.54 -0.79
C ASN A 61 -2.67 5.88 0.29
N VAL A 62 -1.94 4.87 0.75
CA VAL A 62 -1.02 5.01 1.88
C VAL A 62 0.39 4.61 1.48
N SER A 63 1.34 5.53 1.57
CA SER A 63 2.73 5.22 1.27
C SER A 63 3.57 5.32 2.53
N MET A 64 4.42 4.33 2.76
CA MET A 64 5.30 4.31 3.92
C MET A 64 6.64 3.71 3.53
N GLU A 65 7.64 3.93 4.38
CA GLU A 65 8.97 3.39 4.14
C GLU A 65 8.97 1.87 4.30
N VAL A 66 9.23 1.16 3.22
CA VAL A 66 9.43 -0.28 3.28
C VAL A 66 10.93 -0.57 3.31
N SER A 67 11.35 -1.34 4.30
CA SER A 67 12.77 -1.64 4.48
C SER A 67 13.21 -2.69 3.47
N ASN A 68 12.33 -3.63 3.18
CA ASN A 68 12.62 -4.76 2.31
C ASN A 68 11.33 -5.45 1.90
N GLU A 69 11.46 -6.49 1.07
CA GLU A 69 10.31 -7.18 0.50
C GLU A 69 9.40 -7.73 1.61
N SER A 70 10.00 -8.35 2.61
CA SER A 70 9.25 -8.93 3.72
C SER A 70 8.38 -7.88 4.42
N GLU A 71 8.90 -6.65 4.51
CA GLU A 71 8.16 -5.56 5.14
C GLU A 71 6.88 -5.24 4.37
N ARG A 72 7.01 -5.05 3.06
CA ARG A 72 5.87 -4.67 2.22
C ARG A 72 4.78 -5.74 2.31
N ASN A 73 5.20 -6.99 2.50
CA ASN A 73 4.27 -8.11 2.66
C ASN A 73 3.50 -7.94 3.97
N GLU A 74 4.24 -7.85 5.07
CA GLU A 74 3.67 -7.72 6.40
C GLU A 74 2.71 -6.53 6.48
N ILE A 75 3.18 -5.37 6.03
CA ILE A 75 2.40 -4.14 6.05
C ILE A 75 1.10 -4.33 5.27
N PHE A 76 1.20 -4.98 4.11
CA PHE A 76 0.04 -5.29 3.28
C PHE A 76 -0.96 -6.13 4.07
N GLN A 77 -0.45 -7.09 4.84
CA GLN A 77 -1.29 -7.97 5.65
C GLN A 77 -1.94 -7.18 6.79
N LYS A 78 -1.18 -6.26 7.38
CA LYS A 78 -1.67 -5.41 8.47
C LYS A 78 -2.90 -4.62 8.00
N ILE A 79 -2.82 -4.11 6.78
CA ILE A 79 -3.85 -3.24 6.21
C ILE A 79 -5.22 -3.93 6.15
N SER A 80 -5.22 -5.25 5.97
CA SER A 80 -6.48 -5.99 5.82
C SER A 80 -7.14 -6.26 7.17
N GLN A 81 -6.42 -6.01 8.26
CA GLN A 81 -6.90 -6.34 9.61
C GLN A 81 -7.92 -5.32 10.12
N LEU A 82 -8.36 -4.40 9.25
CA LEU A 82 -9.34 -3.38 9.65
C LEU A 82 -10.75 -3.94 9.58
N ASP A 83 -10.94 -4.95 8.72
CA ASP A 83 -12.26 -5.55 8.43
C ASP A 83 -13.13 -4.61 7.60
N LYS A 84 -13.07 -3.31 7.91
CA LYS A 84 -13.82 -2.29 7.17
C LYS A 84 -13.17 -2.01 5.82
N VAL A 85 -12.18 -2.82 5.44
CA VAL A 85 -11.53 -2.74 4.14
C VAL A 85 -11.94 -3.95 3.31
N VAL A 86 -12.35 -3.71 2.07
CA VAL A 86 -12.82 -4.79 1.19
C VAL A 86 -11.74 -5.25 0.22
N GLN A 87 -10.91 -4.33 -0.23
CA GLN A 87 -9.88 -4.64 -1.23
C GLN A 87 -8.58 -3.91 -0.92
N THR A 88 -7.48 -4.65 -0.98
CA THR A 88 -6.15 -4.11 -0.73
C THR A 88 -5.24 -4.37 -1.94
N LEU A 89 -4.79 -3.31 -2.59
CA LEU A 89 -3.93 -3.43 -3.77
C LEU A 89 -2.50 -3.02 -3.41
N GLY A 90 -1.53 -3.69 -4.02
CA GLY A 90 -0.13 -3.37 -3.79
C GLY A 90 0.28 -2.09 -4.50
N SER A 91 -0.36 -1.81 -5.63
CA SER A 91 -0.11 -0.61 -6.40
C SER A 91 -1.43 -0.03 -6.93
N GLN A 1 24.01 -21.75 -25.58
CA GLN A 1 23.69 -20.36 -25.15
C GLN A 1 22.73 -19.72 -26.15
N GLY A 2 21.84 -18.86 -25.65
CA GLY A 2 20.88 -18.20 -26.50
C GLY A 2 19.98 -17.29 -25.71
N HIS A 3 19.56 -16.18 -26.32
CA HIS A 3 18.66 -15.23 -25.67
C HIS A 3 17.21 -15.64 -25.92
N MET A 4 16.33 -15.28 -25.00
CA MET A 4 14.91 -15.61 -25.13
C MET A 4 14.17 -14.44 -25.79
N PRO A 5 12.94 -14.68 -26.30
CA PRO A 5 12.12 -13.64 -26.94
C PRO A 5 12.14 -12.32 -26.17
N SER A 6 12.26 -12.39 -24.85
CA SER A 6 12.35 -11.20 -24.01
C SER A 6 13.44 -11.36 -22.95
N ASP A 7 14.56 -10.69 -23.18
CA ASP A 7 15.67 -10.65 -22.21
C ASP A 7 15.65 -9.30 -21.48
N SER A 8 14.49 -8.64 -21.54
CA SER A 8 14.31 -7.32 -20.96
C SER A 8 14.52 -7.34 -19.45
N LYS A 9 15.12 -6.27 -18.93
CA LYS A 9 15.43 -6.16 -17.50
C LYS A 9 14.25 -5.56 -16.74
N LYS A 10 14.11 -5.96 -15.48
CA LYS A 10 13.00 -5.53 -14.63
C LYS A 10 13.38 -4.29 -13.82
N PRO A 11 12.39 -3.55 -13.28
CA PRO A 11 12.64 -2.39 -12.42
C PRO A 11 13.14 -2.83 -11.04
N THR A 12 14.42 -2.62 -10.78
CA THR A 12 15.02 -2.98 -9.51
C THR A 12 14.69 -1.93 -8.45
N ILE A 13 13.87 -2.31 -7.49
CA ILE A 13 13.47 -1.40 -6.42
C ILE A 13 14.55 -1.36 -5.35
N ILE A 14 15.23 -0.24 -5.24
CA ILE A 14 16.32 -0.07 -4.30
C ILE A 14 15.79 0.38 -2.94
N TYR A 15 15.78 -0.55 -1.98
CA TYR A 15 15.32 -0.26 -0.63
C TYR A 15 16.47 0.35 0.18
N PRO A 16 16.16 1.23 1.17
CA PRO A 16 14.80 1.60 1.55
C PRO A 16 14.17 2.61 0.59
N CYS A 17 12.84 2.67 0.59
CA CYS A 17 12.10 3.57 -0.29
C CYS A 17 10.65 3.66 0.17
N LEU A 18 9.97 4.73 -0.22
CA LEU A 18 8.54 4.89 0.04
C LEU A 18 7.74 3.98 -0.90
N TRP A 19 6.66 3.41 -0.38
CA TRP A 19 5.80 2.53 -1.16
C TRP A 19 4.34 2.98 -0.99
N ASP A 20 3.59 2.98 -2.10
CA ASP A 20 2.19 3.41 -2.08
C ASP A 20 1.27 2.19 -2.03
N TYR A 21 0.32 2.23 -1.10
CA TYR A 21 -0.66 1.16 -0.94
C TYR A 21 -2.06 1.69 -1.20
N ARG A 22 -2.74 1.13 -2.19
CA ARG A 22 -4.12 1.50 -2.49
C ARG A 22 -5.06 0.71 -1.58
N VAL A 23 -5.68 1.41 -0.63
CA VAL A 23 -6.57 0.77 0.34
C VAL A 23 -7.99 1.30 0.17
N ILE A 24 -8.89 0.43 -0.28
CA ILE A 24 -10.29 0.80 -0.46
C ILE A 24 -11.14 0.15 0.61
N MET A 25 -11.70 0.97 1.50
CA MET A 25 -12.54 0.49 2.59
C MET A 25 -13.97 1.03 2.44
N THR A 26 -14.90 0.40 3.14
CA THR A 26 -16.30 0.83 3.10
C THR A 26 -16.62 1.81 4.22
N THR A 27 -15.58 2.35 4.85
CA THR A 27 -15.75 3.27 5.97
C THR A 27 -14.69 4.37 5.96
N LYS A 28 -15.04 5.51 6.53
CA LYS A 28 -14.09 6.61 6.73
C LYS A 28 -13.25 6.37 7.98
N ASP A 29 -13.64 5.36 8.76
CA ASP A 29 -12.95 5.05 10.00
C ASP A 29 -11.64 4.34 9.70
N THR A 30 -10.64 5.11 9.33
CA THR A 30 -9.32 4.56 9.11
C THR A 30 -8.56 4.57 10.44
N SER A 31 -8.53 3.42 11.09
CA SER A 31 -7.89 3.27 12.39
C SER A 31 -6.97 2.05 12.36
N THR A 32 -7.58 0.87 12.24
CA THR A 32 -6.84 -0.38 12.13
C THR A 32 -5.75 -0.28 11.06
N LEU A 33 -6.06 0.45 9.99
CA LEU A 33 -5.12 0.68 8.90
C LEU A 33 -3.87 1.41 9.39
N LYS A 34 -4.08 2.48 10.15
CA LYS A 34 -2.96 3.30 10.62
C LYS A 34 -2.22 2.61 11.75
N GLU A 35 -2.96 1.83 12.54
CA GLU A 35 -2.36 1.09 13.66
C GLU A 35 -1.21 0.21 13.21
N LEU A 36 -1.45 -0.59 12.17
CA LEU A 36 -0.44 -1.51 11.66
C LEU A 36 0.77 -0.74 11.14
N LEU A 37 0.52 0.48 10.64
CA LEU A 37 1.57 1.35 10.14
C LEU A 37 2.40 1.91 11.31
N GLU A 38 1.69 2.35 12.35
CA GLU A 38 2.32 3.01 13.50
C GLU A 38 3.20 2.04 14.30
N THR A 39 2.93 0.75 14.19
CA THR A 39 3.72 -0.26 14.90
C THR A 39 5.16 -0.30 14.38
N TYR A 40 5.39 0.29 13.21
CA TYR A 40 6.73 0.41 12.64
C TYR A 40 7.44 1.65 13.18
N GLN A 41 6.68 2.49 13.87
CA GLN A 41 7.20 3.72 14.48
C GLN A 41 7.76 4.68 13.43
N ARG A 42 7.47 4.41 12.16
CA ARG A 42 7.95 5.25 11.07
C ARG A 42 6.82 6.18 10.61
N PRO A 43 7.16 7.33 10.00
CA PRO A 43 6.15 8.26 9.48
C PRO A 43 5.48 7.74 8.22
N PHE A 44 4.21 8.06 8.05
CA PHE A 44 3.45 7.64 6.87
C PHE A 44 2.49 8.74 6.44
N LYS A 45 2.19 8.77 5.15
CA LYS A 45 1.27 9.74 4.58
C LYS A 45 -0.07 9.07 4.31
N LEU A 46 -1.08 9.44 5.07
CA LEU A 46 -2.44 8.92 4.88
C LEU A 46 -3.21 9.90 3.98
N GLU A 47 -3.72 9.40 2.86
CA GLU A 47 -4.45 10.24 1.91
C GLU A 47 -5.84 9.69 1.63
N PHE A 48 -6.82 10.59 1.54
CA PHE A 48 -8.13 10.26 1.00
C PHE A 48 -8.19 10.70 -0.46
N LYS A 49 -8.17 9.74 -1.37
CA LYS A 49 -8.12 10.03 -2.80
C LYS A 49 -9.50 10.44 -3.32
N ASN A 50 -10.44 9.49 -3.29
CA ASN A 50 -11.78 9.73 -3.84
C ASN A 50 -12.74 8.67 -3.32
N THR A 51 -14.03 8.97 -3.42
CA THR A 51 -15.08 8.04 -3.00
C THR A 51 -15.98 7.71 -4.19
N SER A 52 -16.49 6.48 -4.22
CA SER A 52 -17.42 6.06 -5.27
C SER A 52 -18.63 7.00 -5.32
N LYS A 53 -19.35 7.01 -6.43
CA LYS A 53 -20.51 7.89 -6.61
C LYS A 53 -21.62 7.48 -5.63
N ASN A 54 -21.63 6.21 -5.24
CA ASN A 54 -22.56 5.70 -4.23
C ASN A 54 -22.15 6.18 -2.83
N ALA A 55 -20.93 6.73 -2.73
CA ALA A 55 -20.39 7.24 -1.46
C ALA A 55 -20.28 6.12 -0.41
N LYS A 56 -20.27 4.87 -0.88
CA LYS A 56 -20.21 3.72 0.02
C LYS A 56 -18.77 3.20 0.14
N PHE A 57 -17.98 3.39 -0.90
CA PHE A 57 -16.59 2.93 -0.93
C PHE A 57 -15.65 4.12 -0.94
N TYR A 58 -14.60 4.06 -0.12
CA TYR A 58 -13.66 5.16 0.03
C TYR A 58 -12.24 4.69 -0.31
N SER A 59 -11.62 5.35 -1.28
CA SER A 59 -10.28 5.01 -1.70
C SER A 59 -9.22 5.83 -0.96
N PHE A 60 -8.44 5.16 -0.14
CA PHE A 60 -7.32 5.77 0.58
C PHE A 60 -6.00 5.37 -0.07
N ASN A 61 -4.98 6.20 0.09
CA ASN A 61 -3.64 5.89 -0.39
C ASN A 61 -2.65 6.07 0.75
N VAL A 62 -1.91 5.00 1.06
CA VAL A 62 -0.93 5.02 2.13
C VAL A 62 0.48 5.02 1.55
N SER A 63 1.25 6.05 1.86
CA SER A 63 2.65 6.12 1.46
C SER A 63 3.54 6.01 2.68
N MET A 64 4.21 4.87 2.84
CA MET A 64 5.09 4.65 3.99
C MET A 64 6.43 4.11 3.52
N GLU A 65 7.43 4.19 4.38
CA GLU A 65 8.76 3.67 4.08
C GLU A 65 8.79 2.15 4.20
N VAL A 66 9.64 1.52 3.40
CA VAL A 66 9.95 0.12 3.56
C VAL A 66 11.46 -0.07 3.43
N SER A 67 12.06 -0.72 4.42
CA SER A 67 13.51 -0.90 4.47
C SER A 67 13.92 -2.16 3.70
N ASN A 68 12.96 -3.06 3.52
CA ASN A 68 13.19 -4.31 2.79
C ASN A 68 11.94 -4.73 2.03
N GLU A 69 12.03 -5.84 1.32
CA GLU A 69 10.94 -6.32 0.48
C GLU A 69 9.86 -7.01 1.33
N SER A 70 10.28 -7.63 2.43
CA SER A 70 9.35 -8.32 3.31
C SER A 70 8.32 -7.34 3.88
N GLU A 71 8.77 -6.13 4.23
CA GLU A 71 7.88 -5.09 4.75
C GLU A 71 6.76 -4.78 3.75
N ARG A 72 7.13 -4.43 2.51
CA ARG A 72 6.14 -4.02 1.52
C ARG A 72 5.17 -5.14 1.18
N ASN A 73 5.51 -6.37 1.58
CA ASN A 73 4.63 -7.52 1.39
C ASN A 73 3.79 -7.77 2.65
N GLU A 74 4.41 -7.65 3.82
CA GLU A 74 3.75 -7.95 5.09
C GLU A 74 2.69 -6.90 5.39
N ILE A 75 3.06 -5.63 5.19
CA ILE A 75 2.16 -4.51 5.41
C ILE A 75 0.88 -4.68 4.59
N PHE A 76 1.05 -5.09 3.34
CA PHE A 76 -0.07 -5.35 2.44
C PHE A 76 -1.04 -6.37 3.06
N GLN A 77 -0.46 -7.36 3.73
CA GLN A 77 -1.24 -8.43 4.37
C GLN A 77 -1.94 -7.90 5.62
N LYS A 78 -1.26 -7.02 6.35
CA LYS A 78 -1.82 -6.42 7.56
C LYS A 78 -2.99 -5.52 7.19
N ILE A 79 -2.87 -4.86 6.04
CA ILE A 79 -3.93 -4.01 5.50
C ILE A 79 -5.18 -4.84 5.21
N SER A 80 -4.98 -6.11 4.90
CA SER A 80 -6.09 -7.00 4.59
C SER A 80 -6.79 -7.49 5.88
N GLN A 81 -6.28 -7.06 7.03
CA GLN A 81 -6.79 -7.55 8.32
C GLN A 81 -7.79 -6.58 8.94
N LEU A 82 -8.10 -5.48 8.25
CA LEU A 82 -9.00 -4.46 8.81
C LEU A 82 -10.44 -4.95 8.78
N ASP A 83 -10.73 -5.88 7.86
CA ASP A 83 -12.08 -6.41 7.64
C ASP A 83 -12.97 -5.38 6.93
N LYS A 84 -12.78 -4.11 7.29
CA LYS A 84 -13.50 -2.99 6.68
C LYS A 84 -13.02 -2.75 5.25
N VAL A 85 -11.89 -3.35 4.91
CA VAL A 85 -11.28 -3.18 3.59
C VAL A 85 -11.86 -4.18 2.60
N VAL A 86 -12.17 -3.71 1.39
CA VAL A 86 -12.76 -4.57 0.36
C VAL A 86 -11.83 -4.73 -0.84
N GLN A 87 -10.77 -3.91 -0.91
CA GLN A 87 -9.84 -3.96 -2.03
C GLN A 87 -8.48 -3.40 -1.63
N THR A 88 -7.41 -4.08 -2.05
CA THR A 88 -6.04 -3.67 -1.76
C THR A 88 -5.14 -3.86 -2.98
N LEU A 89 -4.51 -2.78 -3.44
CA LEU A 89 -3.56 -2.85 -4.55
C LEU A 89 -2.17 -2.42 -4.05
N GLY A 90 -1.15 -3.15 -4.46
CA GLY A 90 0.22 -2.84 -4.04
C GLY A 90 0.98 -2.07 -5.08
N SER A 91 0.35 -1.83 -6.23
CA SER A 91 0.97 -1.11 -7.33
C SER A 91 0.23 0.22 -7.55
N GLN A 1 16.92 -14.43 -1.77
CA GLN A 1 18.01 -13.43 -1.74
C GLN A 1 18.97 -13.67 -2.91
N GLY A 2 19.66 -12.61 -3.34
CA GLY A 2 20.63 -12.73 -4.41
C GLY A 2 20.69 -11.47 -5.26
N HIS A 3 21.71 -11.38 -6.10
CA HIS A 3 21.85 -10.26 -7.02
C HIS A 3 21.39 -10.69 -8.41
N MET A 4 20.12 -10.44 -8.71
CA MET A 4 19.52 -10.85 -9.98
C MET A 4 19.84 -9.82 -11.07
N PRO A 5 20.26 -10.28 -12.26
CA PRO A 5 20.57 -9.39 -13.39
C PRO A 5 19.30 -8.79 -14.01
N SER A 6 19.13 -7.48 -13.83
CA SER A 6 17.98 -6.76 -14.41
C SER A 6 17.98 -6.91 -15.92
N ASP A 7 16.89 -7.46 -16.46
CA ASP A 7 16.78 -7.72 -17.89
C ASP A 7 16.53 -6.43 -18.67
N SER A 8 16.69 -6.49 -19.99
CA SER A 8 16.50 -5.32 -20.85
C SER A 8 15.03 -4.93 -20.91
N LYS A 9 14.14 -5.91 -20.76
CA LYS A 9 12.70 -5.66 -20.82
C LYS A 9 12.18 -5.33 -19.43
N LYS A 10 11.20 -4.42 -19.36
CA LYS A 10 10.68 -3.88 -18.10
C LYS A 10 11.74 -2.99 -17.44
N PRO A 11 11.37 -1.75 -17.08
CA PRO A 11 12.28 -0.81 -16.42
C PRO A 11 12.77 -1.36 -15.09
N THR A 12 14.04 -1.10 -14.76
CA THR A 12 14.60 -1.54 -13.50
C THR A 12 13.99 -0.75 -12.36
N ILE A 13 13.18 -1.43 -11.56
CA ILE A 13 12.49 -0.80 -10.44
C ILE A 13 13.41 -0.70 -9.24
N ILE A 14 13.35 0.42 -8.52
CA ILE A 14 14.30 0.71 -7.46
C ILE A 14 13.73 0.30 -6.10
N TYR A 15 14.51 -0.49 -5.37
CA TYR A 15 14.18 -0.88 -4.00
C TYR A 15 15.42 -0.70 -3.11
N PRO A 16 15.25 -0.24 -1.85
CA PRO A 16 13.94 0.14 -1.27
C PRO A 16 13.43 1.47 -1.82
N CYS A 17 12.10 1.62 -1.82
CA CYS A 17 11.45 2.83 -2.32
C CYS A 17 10.03 2.93 -1.80
N LEU A 18 9.46 4.13 -1.83
CA LEU A 18 8.08 4.37 -1.42
C LEU A 18 7.11 3.75 -2.43
N TRP A 19 6.48 2.65 -2.05
CA TRP A 19 5.48 2.00 -2.88
C TRP A 19 4.10 2.55 -2.52
N ASP A 20 3.21 2.63 -3.50
CA ASP A 20 1.91 3.26 -3.33
C ASP A 20 0.80 2.21 -3.17
N TYR A 21 -0.12 2.47 -2.24
CA TYR A 21 -1.24 1.57 -1.97
C TYR A 21 -2.55 2.36 -1.90
N ARG A 22 -3.39 2.21 -2.92
CA ARG A 22 -4.69 2.86 -2.95
C ARG A 22 -5.70 2.00 -2.17
N VAL A 23 -6.14 2.51 -1.02
CA VAL A 23 -7.00 1.75 -0.11
C VAL A 23 -8.42 2.30 -0.11
N ILE A 24 -9.37 1.49 -0.54
CA ILE A 24 -10.78 1.90 -0.54
C ILE A 24 -11.56 1.14 0.52
N MET A 25 -12.01 1.85 1.56
CA MET A 25 -12.77 1.25 2.65
C MET A 25 -14.16 1.87 2.74
N THR A 26 -15.06 1.19 3.44
CA THR A 26 -16.43 1.66 3.62
C THR A 26 -16.60 2.38 4.96
N THR A 27 -15.48 2.84 5.52
CA THR A 27 -15.48 3.49 6.82
C THR A 27 -14.40 4.56 6.88
N LYS A 28 -14.62 5.54 7.75
CA LYS A 28 -13.61 6.58 8.00
C LYS A 28 -12.70 6.15 9.15
N ASP A 29 -13.10 5.09 9.84
CA ASP A 29 -12.35 4.57 10.96
C ASP A 29 -11.15 3.80 10.47
N THR A 30 -10.11 4.54 10.09
CA THR A 30 -8.88 3.93 9.62
C THR A 30 -7.86 3.85 10.76
N SER A 31 -7.75 2.65 11.33
CA SER A 31 -6.82 2.40 12.42
C SER A 31 -5.89 1.25 12.03
N THR A 32 -6.48 0.07 11.88
CA THR A 32 -5.75 -1.16 11.54
C THR A 32 -4.83 -0.93 10.32
N LEU A 33 -5.28 -0.05 9.42
CA LEU A 33 -4.50 0.32 8.23
C LEU A 33 -3.14 0.90 8.65
N LYS A 34 -3.16 1.77 9.65
CA LYS A 34 -1.94 2.41 10.14
C LYS A 34 -1.13 1.41 10.95
N GLU A 35 -1.82 0.64 11.79
CA GLU A 35 -1.17 -0.28 12.72
C GLU A 35 -0.26 -1.25 11.98
N LEU A 36 -0.77 -1.82 10.88
CA LEU A 36 0.01 -2.78 10.11
C LEU A 36 1.25 -2.12 9.52
N LEU A 37 1.14 -0.83 9.21
CA LEU A 37 2.28 -0.07 8.69
C LEU A 37 3.29 0.16 9.81
N GLU A 38 2.77 0.49 10.99
CA GLU A 38 3.59 0.81 12.14
C GLU A 38 4.33 -0.41 12.68
N THR A 39 3.83 -1.62 12.39
CA THR A 39 4.49 -2.84 12.86
C THR A 39 5.89 -2.96 12.24
N TYR A 40 6.04 -2.44 11.01
CA TYR A 40 7.33 -2.45 10.32
C TYR A 40 8.26 -1.41 10.93
N GLN A 41 7.71 -0.58 11.81
CA GLN A 41 8.47 0.44 12.53
C GLN A 41 9.14 1.44 11.58
N ARG A 42 8.62 1.50 10.35
CA ARG A 42 9.18 2.36 9.31
C ARG A 42 8.17 3.48 8.99
N PRO A 43 8.67 4.66 8.58
CA PRO A 43 7.79 5.81 8.28
C PRO A 43 6.84 5.54 7.11
N PHE A 44 5.60 5.97 7.24
CA PHE A 44 4.60 5.80 6.19
C PHE A 44 3.87 7.10 5.92
N LYS A 45 3.36 7.24 4.71
CA LYS A 45 2.58 8.41 4.29
C LYS A 45 1.10 8.05 4.18
N LEU A 46 0.30 8.54 5.13
CA LEU A 46 -1.13 8.27 5.16
C LEU A 46 -1.90 9.41 4.49
N GLU A 47 -2.75 9.07 3.53
CA GLU A 47 -3.51 10.04 2.77
C GLU A 47 -5.01 9.74 2.81
N PHE A 48 -5.81 10.74 3.13
CA PHE A 48 -7.26 10.67 2.95
C PHE A 48 -7.65 11.62 1.83
N LYS A 49 -8.04 11.07 0.69
CA LYS A 49 -8.31 11.88 -0.49
C LYS A 49 -9.71 12.48 -0.42
N ASN A 50 -10.74 11.64 -0.46
CA ASN A 50 -12.12 12.11 -0.42
C ASN A 50 -13.09 10.93 -0.39
N THR A 51 -14.34 11.19 -0.04
CA THR A 51 -15.38 10.17 -0.05
C THR A 51 -15.98 10.05 -1.46
N SER A 52 -16.37 8.83 -1.83
CA SER A 52 -17.00 8.59 -3.12
C SER A 52 -18.36 9.27 -3.18
N LYS A 53 -18.90 9.43 -4.39
CA LYS A 53 -20.20 10.06 -4.58
C LYS A 53 -21.28 9.30 -3.79
N ASN A 54 -21.11 7.99 -3.71
CA ASN A 54 -22.05 7.14 -2.98
C ASN A 54 -21.93 7.36 -1.46
N ALA A 55 -20.82 7.97 -1.04
CA ALA A 55 -20.55 8.28 0.37
C ALA A 55 -20.14 7.04 1.17
N LYS A 56 -20.79 5.91 0.89
CA LYS A 56 -20.50 4.64 1.57
C LYS A 56 -19.03 4.24 1.43
N PHE A 57 -18.36 4.78 0.42
CA PHE A 57 -16.96 4.45 0.17
C PHE A 57 -16.06 5.66 0.41
N TYR A 58 -14.88 5.41 0.95
CA TYR A 58 -13.90 6.46 1.23
C TYR A 58 -12.56 6.09 0.64
N SER A 59 -11.94 7.02 -0.08
CA SER A 59 -10.68 6.77 -0.75
C SER A 59 -9.49 7.16 0.13
N PHE A 60 -8.75 6.16 0.57
CA PHE A 60 -7.51 6.37 1.32
C PHE A 60 -6.33 6.02 0.41
N ASN A 61 -5.15 6.45 0.80
CA ASN A 61 -3.95 6.14 0.03
C ASN A 61 -2.74 6.08 0.97
N VAL A 62 -1.90 5.07 0.79
CA VAL A 62 -0.73 4.87 1.63
C VAL A 62 0.53 4.84 0.77
N SER A 63 1.60 5.45 1.26
CA SER A 63 2.88 5.41 0.59
C SER A 63 3.98 5.09 1.61
N MET A 64 4.51 3.87 1.57
CA MET A 64 5.50 3.44 2.56
C MET A 64 6.71 2.82 1.87
N GLU A 65 7.84 2.83 2.58
CA GLU A 65 9.08 2.26 2.04
C GLU A 65 9.03 0.74 2.07
N VAL A 66 9.15 0.14 0.88
CA VAL A 66 9.24 -1.32 0.76
C VAL A 66 10.68 -1.70 0.40
N SER A 67 11.25 -2.62 1.17
CA SER A 67 12.64 -3.04 0.98
C SER A 67 12.81 -3.79 -0.34
N ASN A 68 11.77 -4.48 -0.78
CA ASN A 68 11.82 -5.27 -2.00
C ASN A 68 10.41 -5.68 -2.45
N GLU A 69 10.36 -6.47 -3.51
CA GLU A 69 9.09 -6.97 -4.06
C GLU A 69 8.31 -7.77 -3.00
N SER A 70 9.03 -8.58 -2.24
CA SER A 70 8.40 -9.42 -1.20
C SER A 70 7.62 -8.56 -0.23
N GLU A 71 8.20 -7.42 0.15
CA GLU A 71 7.56 -6.46 1.04
C GLU A 71 6.27 -5.93 0.42
N ARG A 72 6.37 -5.37 -0.79
CA ARG A 72 5.23 -4.73 -1.44
C ARG A 72 4.05 -5.69 -1.55
N ASN A 73 4.36 -6.97 -1.75
CA ASN A 73 3.35 -8.01 -1.90
C ASN A 73 2.72 -8.36 -0.55
N GLU A 74 3.53 -8.43 0.50
CA GLU A 74 3.03 -8.83 1.81
C GLU A 74 2.17 -7.72 2.40
N ILE A 75 2.65 -6.49 2.26
CA ILE A 75 1.97 -5.32 2.81
C ILE A 75 0.61 -5.12 2.13
N PHE A 76 0.59 -5.33 0.83
CA PHE A 76 -0.66 -5.29 0.05
C PHE A 76 -1.71 -6.18 0.68
N GLN A 77 -1.28 -7.35 1.14
CA GLN A 77 -2.16 -8.33 1.76
C GLN A 77 -2.56 -7.89 3.16
N LYS A 78 -1.60 -7.31 3.89
CA LYS A 78 -1.87 -6.80 5.25
C LYS A 78 -3.05 -5.83 5.21
N ILE A 79 -3.04 -4.98 4.19
CA ILE A 79 -4.07 -3.96 4.01
C ILE A 79 -5.44 -4.59 3.71
N SER A 80 -5.41 -5.77 3.10
CA SER A 80 -6.66 -6.47 2.77
C SER A 80 -7.27 -7.10 4.02
N GLN A 81 -6.46 -7.29 5.06
CA GLN A 81 -6.87 -8.02 6.25
C GLN A 81 -7.71 -7.18 7.22
N LEU A 82 -7.99 -5.92 6.85
CA LEU A 82 -8.72 -5.03 7.75
C LEU A 82 -10.20 -5.39 7.80
N ASP A 83 -10.66 -6.12 6.77
CA ASP A 83 -12.08 -6.52 6.64
C ASP A 83 -12.96 -5.35 6.22
N LYS A 84 -12.63 -4.15 6.70
CA LYS A 84 -13.41 -2.94 6.43
C LYS A 84 -13.10 -2.41 5.02
N VAL A 85 -12.08 -2.98 4.39
CA VAL A 85 -11.66 -2.58 3.06
C VAL A 85 -12.38 -3.39 2.00
N VAL A 86 -12.79 -2.74 0.92
CA VAL A 86 -13.50 -3.42 -0.18
C VAL A 86 -12.58 -3.64 -1.38
N GLN A 87 -11.63 -2.74 -1.58
CA GLN A 87 -10.72 -2.83 -2.72
C GLN A 87 -9.35 -2.26 -2.38
N THR A 88 -8.30 -3.00 -2.73
CA THR A 88 -6.93 -2.57 -2.54
C THR A 88 -6.18 -2.54 -3.87
N LEU A 89 -5.74 -1.36 -4.28
CA LEU A 89 -4.99 -1.20 -5.53
C LEU A 89 -3.51 -0.96 -5.20
N GLY A 90 -2.68 -1.96 -5.46
CA GLY A 90 -1.25 -1.84 -5.20
C GLY A 90 -0.42 -2.35 -6.35
N SER A 91 -0.84 -2.02 -7.57
CA SER A 91 -0.18 -2.46 -8.78
C SER A 91 -0.33 -1.40 -9.87
N GLN A 1 16.74 -19.45 -15.06
CA GLN A 1 15.96 -18.21 -15.31
C GLN A 1 16.61 -17.41 -16.44
N GLY A 2 17.70 -16.70 -16.12
CA GLY A 2 18.41 -15.91 -17.12
C GLY A 2 17.53 -14.86 -17.75
N HIS A 3 17.18 -15.07 -19.02
CA HIS A 3 16.32 -14.15 -19.75
C HIS A 3 14.86 -14.54 -19.60
N MET A 4 14.11 -13.70 -18.90
CA MET A 4 12.68 -13.93 -18.71
C MET A 4 11.94 -13.84 -20.05
N PRO A 5 10.76 -14.48 -20.16
CA PRO A 5 9.93 -14.40 -21.38
C PRO A 5 9.70 -12.95 -21.79
N SER A 6 9.46 -12.09 -20.80
CA SER A 6 9.34 -10.66 -21.03
C SER A 6 10.72 -10.07 -21.29
N ASP A 7 11.00 -9.76 -22.56
CA ASP A 7 12.27 -9.14 -22.92
C ASP A 7 12.42 -7.79 -22.23
N SER A 8 11.29 -7.13 -22.02
CA SER A 8 11.24 -5.88 -21.27
C SER A 8 11.57 -6.17 -19.80
N LYS A 9 12.80 -5.86 -19.42
CA LYS A 9 13.29 -6.11 -18.06
C LYS A 9 12.50 -5.27 -17.06
N LYS A 10 12.12 -5.87 -15.94
CA LYS A 10 11.39 -5.16 -14.89
C LYS A 10 12.27 -4.06 -14.30
N PRO A 11 11.80 -2.79 -14.32
CA PRO A 11 12.55 -1.65 -13.80
C PRO A 11 13.05 -1.88 -12.37
N THR A 12 14.36 -2.04 -12.23
CA THR A 12 14.97 -2.25 -10.93
C THR A 12 14.74 -1.01 -10.06
N ILE A 13 13.89 -1.16 -9.05
CA ILE A 13 13.53 -0.06 -8.17
C ILE A 13 14.57 0.10 -7.08
N ILE A 14 14.99 1.34 -6.84
CA ILE A 14 16.00 1.65 -5.83
C ILE A 14 15.40 1.65 -4.43
N TYR A 15 15.95 0.83 -3.55
CA TYR A 15 15.52 0.77 -2.16
C TYR A 15 16.62 1.36 -1.26
N PRO A 16 16.24 2.12 -0.21
CA PRO A 16 14.84 2.35 0.17
C PRO A 16 14.16 3.45 -0.65
N CYS A 17 12.84 3.51 -0.55
CA CYS A 17 12.05 4.47 -1.30
C CYS A 17 10.67 4.63 -0.65
N LEU A 18 10.04 5.78 -0.87
CA LEU A 18 8.68 6.03 -0.38
C LEU A 18 7.67 5.40 -1.31
N TRP A 19 7.11 4.28 -0.90
CA TRP A 19 6.13 3.55 -1.70
C TRP A 19 4.72 4.01 -1.33
N ASP A 20 3.86 4.09 -2.34
CA ASP A 20 2.47 4.51 -2.17
C ASP A 20 1.54 3.30 -2.24
N TYR A 21 0.67 3.18 -1.25
CA TYR A 21 -0.31 2.10 -1.17
C TYR A 21 -1.73 2.67 -1.29
N ARG A 22 -2.41 2.31 -2.37
CA ARG A 22 -3.80 2.70 -2.57
C ARG A 22 -4.72 1.73 -1.83
N VAL A 23 -5.34 2.21 -0.76
CA VAL A 23 -6.16 1.37 0.11
C VAL A 23 -7.64 1.70 -0.06
N ILE A 24 -8.37 0.82 -0.75
CA ILE A 24 -9.80 1.02 -0.97
C ILE A 24 -10.61 0.18 0.01
N MET A 25 -11.18 0.83 1.03
CA MET A 25 -11.98 0.14 2.04
C MET A 25 -13.44 0.59 1.96
N THR A 26 -14.33 -0.20 2.55
CA THR A 26 -15.75 0.14 2.60
C THR A 26 -16.06 0.98 3.84
N THR A 27 -15.05 1.25 4.64
CA THR A 27 -15.19 2.05 5.84
C THR A 27 -14.13 3.14 5.88
N LYS A 28 -14.42 4.23 6.57
CA LYS A 28 -13.45 5.29 6.81
C LYS A 28 -12.81 5.10 8.17
N ASP A 29 -13.13 3.97 8.81
CA ASP A 29 -12.53 3.59 10.07
C ASP A 29 -11.12 3.09 9.82
N THR A 30 -10.21 4.01 9.57
CA THR A 30 -8.83 3.66 9.38
C THR A 30 -8.13 3.64 10.73
N SER A 31 -7.98 2.43 11.26
CA SER A 31 -7.36 2.20 12.56
C SER A 31 -6.43 1.01 12.46
N THR A 32 -7.02 -0.13 12.11
CA THR A 32 -6.27 -1.35 11.84
C THR A 32 -5.16 -1.07 10.82
N LEU A 33 -5.47 -0.19 9.87
CA LEU A 33 -4.54 0.21 8.82
C LEU A 33 -3.32 0.92 9.40
N LYS A 34 -3.55 1.78 10.39
CA LYS A 34 -2.45 2.54 11.00
C LYS A 34 -1.58 1.64 11.86
N GLU A 35 -2.24 0.76 12.63
CA GLU A 35 -1.53 -0.17 13.51
C GLU A 35 -0.44 -0.93 12.77
N LEU A 36 -0.79 -1.50 11.62
CA LEU A 36 0.14 -2.30 10.84
C LEU A 36 1.29 -1.44 10.33
N LEU A 37 1.01 -0.16 10.05
CA LEU A 37 2.01 0.77 9.54
C LEU A 37 2.99 1.16 10.63
N GLU A 38 2.46 1.38 11.84
CA GLU A 38 3.25 1.87 12.96
C GLU A 38 4.22 0.80 13.48
N THR A 39 3.94 -0.47 13.22
CA THR A 39 4.80 -1.57 13.70
C THR A 39 6.23 -1.41 13.18
N TYR A 40 6.36 -0.85 11.98
CA TYR A 40 7.67 -0.67 11.35
C TYR A 40 8.39 0.54 11.94
N GLN A 41 7.69 1.26 12.83
CA GLN A 41 8.25 2.41 13.55
C GLN A 41 8.79 3.48 12.60
N ARG A 42 8.27 3.49 11.38
CA ARG A 42 8.69 4.46 10.37
C ARG A 42 7.56 5.44 10.07
N PRO A 43 7.89 6.65 9.55
CA PRO A 43 6.88 7.66 9.22
C PRO A 43 6.02 7.25 8.02
N PHE A 44 4.75 7.62 8.06
CA PHE A 44 3.82 7.35 6.98
C PHE A 44 2.78 8.47 6.88
N LYS A 45 2.20 8.64 5.70
CA LYS A 45 1.17 9.65 5.49
C LYS A 45 -0.15 8.97 5.14
N LEU A 46 -1.18 9.26 5.94
CA LEU A 46 -2.50 8.68 5.75
C LEU A 46 -3.43 9.71 5.10
N GLU A 47 -3.89 9.42 3.89
CA GLU A 47 -4.73 10.36 3.15
C GLU A 47 -6.04 9.72 2.69
N PHE A 48 -7.09 10.55 2.61
CA PHE A 48 -8.34 10.15 1.96
C PHE A 48 -8.42 10.85 0.61
N LYS A 49 -8.29 10.10 -0.48
CA LYS A 49 -8.25 10.67 -1.82
C LYS A 49 -9.67 10.95 -2.34
N ASN A 50 -10.40 9.89 -2.66
CA ASN A 50 -11.71 10.01 -3.29
C ASN A 50 -12.66 8.94 -2.76
N THR A 51 -13.91 8.98 -3.21
CA THR A 51 -14.90 7.98 -2.86
C THR A 51 -15.86 7.78 -4.03
N SER A 52 -16.32 6.55 -4.21
CA SER A 52 -17.26 6.21 -5.27
C SER A 52 -18.58 6.97 -5.08
N LYS A 53 -19.34 7.10 -6.17
CA LYS A 53 -20.61 7.83 -6.12
C LYS A 53 -21.60 7.16 -5.18
N ASN A 54 -21.48 5.84 -5.03
CA ASN A 54 -22.37 5.08 -4.13
C ASN A 54 -21.77 5.03 -2.71
N ALA A 55 -20.57 5.62 -2.57
CA ALA A 55 -19.88 5.74 -1.28
C ALA A 55 -19.56 4.37 -0.67
N LYS A 56 -19.61 3.32 -1.49
CA LYS A 56 -19.22 1.98 -1.03
C LYS A 56 -17.70 1.87 -0.95
N PHE A 57 -17.03 2.60 -1.82
CA PHE A 57 -15.58 2.54 -1.94
C PHE A 57 -14.95 3.84 -1.48
N TYR A 58 -14.16 3.76 -0.41
CA TYR A 58 -13.39 4.90 0.08
C TYR A 58 -11.91 4.69 -0.26
N SER A 59 -11.38 5.56 -1.11
CA SER A 59 -10.02 5.43 -1.58
C SER A 59 -9.05 6.20 -0.67
N PHE A 60 -8.20 5.45 0.02
CA PHE A 60 -7.16 6.03 0.87
C PHE A 60 -5.81 5.90 0.18
N ASN A 61 -4.85 6.70 0.64
CA ASN A 61 -3.50 6.67 0.09
C ASN A 61 -2.50 6.74 1.24
N VAL A 62 -1.62 5.74 1.31
CA VAL A 62 -0.59 5.69 2.34
C VAL A 62 0.79 5.77 1.70
N SER A 63 1.54 6.80 2.06
CA SER A 63 2.92 6.95 1.59
C SER A 63 3.89 6.65 2.72
N MET A 64 4.61 5.55 2.62
CA MET A 64 5.56 5.14 3.64
C MET A 64 6.84 4.60 3.01
N GLU A 65 7.90 4.52 3.81
CA GLU A 65 9.18 4.02 3.31
C GLU A 65 9.18 2.50 3.23
N VAL A 66 9.93 1.98 2.27
CA VAL A 66 10.22 0.55 2.21
C VAL A 66 11.71 0.36 1.97
N SER A 67 12.35 -0.43 2.83
CA SER A 67 13.79 -0.66 2.75
C SER A 67 14.08 -1.85 1.85
N ASN A 68 13.14 -2.79 1.77
CA ASN A 68 13.25 -3.94 0.88
C ASN A 68 11.88 -4.48 0.51
N GLU A 69 11.85 -5.41 -0.45
CA GLU A 69 10.60 -5.92 -0.98
C GLU A 69 9.83 -6.71 0.08
N SER A 70 10.55 -7.28 1.06
CA SER A 70 9.91 -8.00 2.14
C SER A 70 8.82 -7.15 2.80
N GLU A 71 9.11 -5.85 2.95
CA GLU A 71 8.15 -4.90 3.50
C GLU A 71 7.11 -4.55 2.45
N ARG A 72 7.56 -4.34 1.22
CA ARG A 72 6.67 -3.98 0.11
C ARG A 72 5.57 -5.04 -0.05
N ASN A 73 5.92 -6.30 0.20
CA ASN A 73 4.97 -7.40 0.15
C ASN A 73 4.19 -7.50 1.47
N GLU A 74 4.93 -7.56 2.58
CA GLU A 74 4.33 -7.75 3.90
C GLU A 74 3.26 -6.70 4.18
N ILE A 75 3.61 -5.43 3.97
CA ILE A 75 2.68 -4.32 4.19
C ILE A 75 1.45 -4.48 3.31
N PHE A 76 1.69 -4.83 2.05
CA PHE A 76 0.61 -5.06 1.09
C PHE A 76 -0.34 -6.16 1.60
N GLN A 77 0.24 -7.13 2.28
CA GLN A 77 -0.53 -8.23 2.88
C GLN A 77 -1.23 -7.75 4.16
N LYS A 78 -0.54 -6.92 4.94
CA LYS A 78 -1.11 -6.37 6.17
C LYS A 78 -2.41 -5.63 5.86
N ILE A 79 -2.37 -4.85 4.79
CA ILE A 79 -3.49 -4.00 4.40
C ILE A 79 -4.72 -4.83 4.04
N SER A 80 -4.51 -6.05 3.54
CA SER A 80 -5.63 -6.92 3.17
C SER A 80 -6.22 -7.63 4.39
N GLN A 81 -5.46 -7.66 5.49
CA GLN A 81 -5.87 -8.37 6.69
C GLN A 81 -6.90 -7.58 7.50
N LEU A 82 -7.28 -6.41 7.00
CA LEU A 82 -8.23 -5.56 7.71
C LEU A 82 -9.66 -6.08 7.53
N ASP A 83 -9.90 -6.79 6.41
CA ASP A 83 -11.23 -7.29 6.04
C ASP A 83 -12.16 -6.17 5.58
N LYS A 84 -11.96 -4.99 6.16
CA LYS A 84 -12.69 -3.77 5.78
C LYS A 84 -12.33 -3.34 4.36
N VAL A 85 -11.18 -3.81 3.89
CA VAL A 85 -10.66 -3.42 2.58
C VAL A 85 -11.20 -4.35 1.49
N VAL A 86 -11.50 -3.78 0.32
CA VAL A 86 -12.00 -4.55 -0.81
C VAL A 86 -10.98 -4.61 -1.94
N GLN A 87 -10.08 -3.62 -1.99
CA GLN A 87 -9.05 -3.58 -3.02
C GLN A 87 -7.79 -2.91 -2.49
N THR A 88 -6.63 -3.50 -2.82
CA THR A 88 -5.34 -2.97 -2.42
C THR A 88 -4.40 -2.87 -3.62
N LEU A 89 -3.82 -1.69 -3.83
CA LEU A 89 -2.88 -1.48 -4.92
C LEU A 89 -1.47 -1.29 -4.38
N GLY A 90 -0.63 -2.30 -4.55
CA GLY A 90 0.75 -2.25 -4.15
C GLY A 90 1.59 -3.25 -4.92
N SER A 91 1.06 -3.64 -6.07
CA SER A 91 1.72 -4.59 -6.96
C SER A 91 1.31 -4.27 -8.41
N GLN A 1 26.08 -23.98 -11.83
CA GLN A 1 25.30 -22.93 -12.53
C GLN A 1 26.23 -21.93 -13.21
N GLY A 2 26.02 -21.72 -14.51
CA GLY A 2 26.85 -20.81 -15.26
C GLY A 2 26.33 -19.39 -15.24
N HIS A 3 26.69 -18.61 -16.25
CA HIS A 3 26.25 -17.21 -16.34
C HIS A 3 25.07 -17.08 -17.30
N MET A 4 23.92 -16.73 -16.76
CA MET A 4 22.72 -16.52 -17.57
C MET A 4 22.58 -15.03 -17.91
N PRO A 5 22.18 -14.71 -19.16
CA PRO A 5 21.97 -13.33 -19.60
C PRO A 5 20.77 -12.70 -18.90
N SER A 6 20.83 -11.39 -18.68
CA SER A 6 19.77 -10.67 -17.98
C SER A 6 18.62 -10.34 -18.93
N ASP A 7 17.55 -11.12 -18.86
CA ASP A 7 16.33 -10.82 -19.61
C ASP A 7 15.56 -9.72 -18.90
N SER A 8 15.85 -8.47 -19.29
CA SER A 8 15.33 -7.30 -18.60
C SER A 8 13.84 -7.08 -18.91
N LYS A 9 13.05 -6.94 -17.84
CA LYS A 9 11.64 -6.63 -17.96
C LYS A 9 11.20 -5.76 -16.78
N LYS A 10 10.37 -4.75 -17.07
CA LYS A 10 9.96 -3.76 -16.07
C LYS A 10 11.15 -2.86 -15.67
N PRO A 11 10.91 -1.55 -15.44
CA PRO A 11 11.96 -0.62 -15.03
C PRO A 11 12.50 -0.95 -13.63
N THR A 12 13.82 -0.96 -13.49
CA THR A 12 14.46 -1.32 -12.24
C THR A 12 14.16 -0.26 -11.18
N ILE A 13 13.36 -0.65 -10.18
CA ILE A 13 12.93 0.24 -9.13
C ILE A 13 14.02 0.40 -8.07
N ILE A 14 14.25 1.63 -7.65
CA ILE A 14 15.29 1.92 -6.67
C ILE A 14 14.76 1.77 -5.25
N TYR A 15 15.15 0.67 -4.61
CA TYR A 15 14.76 0.40 -3.23
C TYR A 15 15.87 0.85 -2.27
N PRO A 16 15.51 1.48 -1.13
CA PRO A 16 14.11 1.72 -0.75
C PRO A 16 13.53 3.00 -1.35
N CYS A 17 12.21 3.08 -1.39
CA CYS A 17 11.50 4.23 -1.95
C CYS A 17 10.05 4.23 -1.47
N LEU A 18 9.42 5.40 -1.52
CA LEU A 18 8.03 5.56 -1.11
C LEU A 18 7.09 4.95 -2.15
N TRP A 19 6.46 3.85 -1.78
CA TRP A 19 5.46 3.21 -2.64
C TRP A 19 4.08 3.76 -2.31
N ASP A 20 3.31 4.10 -3.33
CA ASP A 20 2.00 4.72 -3.14
C ASP A 20 0.90 3.67 -3.18
N TYR A 21 0.17 3.54 -2.08
CA TYR A 21 -0.94 2.59 -1.95
C TYR A 21 -2.26 3.34 -1.90
N ARG A 22 -3.30 2.74 -2.48
CA ARG A 22 -4.62 3.36 -2.51
C ARG A 22 -5.60 2.50 -1.74
N VAL A 23 -6.09 3.04 -0.62
CA VAL A 23 -6.94 2.28 0.30
C VAL A 23 -8.38 2.80 0.28
N ILE A 24 -9.27 2.05 -0.38
CA ILE A 24 -10.68 2.44 -0.44
C ILE A 24 -11.45 1.76 0.69
N MET A 25 -11.79 2.55 1.71
CA MET A 25 -12.49 2.05 2.89
C MET A 25 -13.94 2.54 2.90
N THR A 26 -14.81 1.78 3.55
CA THR A 26 -16.22 2.16 3.69
C THR A 26 -16.44 2.93 5.00
N THR A 27 -15.36 3.49 5.55
CA THR A 27 -15.42 4.26 6.78
C THR A 27 -14.26 5.24 6.85
N LYS A 28 -14.50 6.40 7.47
CA LYS A 28 -13.43 7.35 7.74
C LYS A 28 -12.81 7.05 9.10
N ASP A 29 -13.34 6.02 9.77
CA ASP A 29 -12.78 5.55 11.03
C ASP A 29 -11.54 4.71 10.75
N THR A 30 -10.47 5.39 10.36
CA THR A 30 -9.21 4.74 10.04
C THR A 30 -8.36 4.56 11.30
N SER A 31 -7.97 3.33 11.57
CA SER A 31 -7.22 3.00 12.78
C SER A 31 -6.21 1.90 12.48
N THR A 32 -6.74 0.68 12.26
CA THR A 32 -5.92 -0.49 11.96
C THR A 32 -4.94 -0.20 10.82
N LEU A 33 -5.38 0.66 9.88
CA LEU A 33 -4.58 1.03 8.72
C LEU A 33 -3.24 1.63 9.15
N LYS A 34 -3.29 2.53 10.12
CA LYS A 34 -2.08 3.20 10.60
C LYS A 34 -1.25 2.27 11.48
N GLU A 35 -1.93 1.49 12.32
CA GLU A 35 -1.26 0.60 13.26
C GLU A 35 -0.36 -0.39 12.53
N LEU A 36 -0.85 -0.97 11.44
CA LEU A 36 -0.09 -1.96 10.69
C LEU A 36 1.15 -1.32 10.06
N LEU A 37 1.05 -0.04 9.73
CA LEU A 37 2.17 0.70 9.15
C LEU A 37 3.23 0.96 10.21
N GLU A 38 2.77 1.29 11.41
CA GLU A 38 3.66 1.59 12.53
C GLU A 38 4.54 0.40 12.90
N THR A 39 4.07 -0.81 12.61
CA THR A 39 4.82 -2.03 12.95
C THR A 39 6.18 -2.06 12.23
N TYR A 40 6.27 -1.36 11.10
CA TYR A 40 7.50 -1.30 10.31
C TYR A 40 8.44 -0.25 10.87
N GLN A 41 7.93 0.53 11.82
CA GLN A 41 8.72 1.57 12.51
C GLN A 41 9.31 2.57 11.53
N ARG A 42 8.63 2.74 10.40
CA ARG A 42 9.05 3.70 9.38
C ARG A 42 7.96 4.75 9.17
N PRO A 43 8.33 5.97 8.73
CA PRO A 43 7.35 7.05 8.47
C PRO A 43 6.51 6.77 7.23
N PHE A 44 5.32 7.36 7.18
CA PHE A 44 4.43 7.23 6.02
C PHE A 44 3.60 8.49 5.84
N LYS A 45 3.13 8.70 4.61
CA LYS A 45 2.28 9.83 4.27
C LYS A 45 0.83 9.37 4.18
N LEU A 46 -0.01 9.92 5.05
CA LEU A 46 -1.43 9.59 5.07
C LEU A 46 -2.26 10.77 4.56
N GLU A 47 -3.01 10.55 3.49
CA GLU A 47 -3.85 11.59 2.89
C GLU A 47 -5.20 11.03 2.47
N PHE A 48 -6.19 11.92 2.40
CA PHE A 48 -7.52 11.55 1.90
C PHE A 48 -7.69 12.08 0.47
N LYS A 49 -8.10 11.20 -0.44
CA LYS A 49 -8.32 11.58 -1.83
C LYS A 49 -9.68 12.23 -2.01
N ASN A 50 -10.72 11.40 -2.03
CA ASN A 50 -12.08 11.87 -2.29
C ASN A 50 -13.07 10.74 -2.07
N THR A 51 -14.30 11.07 -1.70
CA THR A 51 -15.33 10.07 -1.48
C THR A 51 -16.13 9.85 -2.77
N SER A 52 -16.41 8.58 -3.09
CA SER A 52 -17.10 8.23 -4.33
C SER A 52 -18.53 8.79 -4.34
N LYS A 53 -18.66 10.03 -4.82
CA LYS A 53 -19.94 10.76 -5.01
C LYS A 53 -21.00 10.46 -3.93
N ASN A 54 -21.57 9.25 -3.95
CA ASN A 54 -22.64 8.86 -3.03
C ASN A 54 -22.14 8.79 -1.58
N ALA A 55 -20.81 8.90 -1.43
CA ALA A 55 -20.15 8.92 -0.11
C ALA A 55 -20.15 7.54 0.55
N LYS A 56 -20.44 6.51 -0.24
CA LYS A 56 -20.46 5.13 0.25
C LYS A 56 -19.03 4.60 0.40
N PHE A 57 -18.12 5.14 -0.42
CA PHE A 57 -16.72 4.71 -0.40
C PHE A 57 -15.80 5.91 -0.19
N TYR A 58 -14.80 5.74 0.66
CA TYR A 58 -13.84 6.79 0.95
C TYR A 58 -12.44 6.34 0.51
N SER A 59 -11.87 7.06 -0.45
CA SER A 59 -10.57 6.70 -0.99
C SER A 59 -9.46 7.40 -0.20
N PHE A 60 -8.65 6.60 0.47
CA PHE A 60 -7.49 7.10 1.21
C PHE A 60 -6.21 6.78 0.44
N ASN A 61 -5.15 7.50 0.74
CA ASN A 61 -3.88 7.34 0.06
C ASN A 61 -2.74 7.23 1.08
N VAL A 62 -2.01 6.13 1.02
CA VAL A 62 -0.90 5.90 1.94
C VAL A 62 0.40 5.72 1.16
N SER A 63 1.36 6.60 1.39
CA SER A 63 2.67 6.51 0.75
C SER A 63 3.73 6.17 1.79
N MET A 64 4.22 4.93 1.76
CA MET A 64 5.21 4.48 2.75
C MET A 64 6.40 3.85 2.06
N GLU A 65 7.53 3.83 2.74
CA GLU A 65 8.76 3.28 2.19
C GLU A 65 8.67 1.75 2.07
N VAL A 66 9.25 1.23 1.01
CA VAL A 66 9.49 -0.19 0.87
C VAL A 66 10.96 -0.41 0.52
N SER A 67 11.65 -1.25 1.30
CA SER A 67 13.07 -1.49 1.10
C SER A 67 13.28 -2.74 0.26
N ASN A 68 12.22 -3.50 0.07
CA ASN A 68 12.26 -4.68 -0.80
C ASN A 68 10.85 -5.05 -1.24
N GLU A 69 10.77 -6.10 -2.05
CA GLU A 69 9.50 -6.51 -2.66
C GLU A 69 8.60 -7.25 -1.68
N SER A 70 9.22 -7.96 -0.73
CA SER A 70 8.46 -8.68 0.29
C SER A 70 7.58 -7.72 1.08
N GLU A 71 8.16 -6.57 1.46
CA GLU A 71 7.39 -5.53 2.15
C GLU A 71 6.25 -5.03 1.28
N ARG A 72 6.54 -4.84 -0.01
CA ARG A 72 5.53 -4.37 -0.97
C ARG A 72 4.30 -5.28 -0.94
N ASN A 73 4.53 -6.59 -1.08
CA ASN A 73 3.44 -7.56 -1.11
C ASN A 73 2.81 -7.73 0.27
N GLU A 74 3.64 -7.66 1.31
CA GLU A 74 3.17 -7.84 2.67
C GLU A 74 2.22 -6.72 3.09
N ILE A 75 2.67 -5.49 2.91
CA ILE A 75 1.89 -4.31 3.30
C ILE A 75 0.55 -4.29 2.59
N PHE A 76 0.56 -4.64 1.30
CA PHE A 76 -0.67 -4.73 0.51
C PHE A 76 -1.68 -5.66 1.19
N GLN A 77 -1.17 -6.76 1.74
CA GLN A 77 -2.00 -7.74 2.43
C GLN A 77 -2.48 -7.17 3.76
N LYS A 78 -1.58 -6.52 4.49
CA LYS A 78 -1.89 -5.93 5.80
C LYS A 78 -3.09 -4.99 5.68
N ILE A 79 -3.07 -4.18 4.62
CA ILE A 79 -4.12 -3.20 4.36
C ILE A 79 -5.47 -3.88 4.19
N SER A 80 -5.45 -5.11 3.69
CA SER A 80 -6.68 -5.84 3.40
C SER A 80 -7.25 -6.51 4.66
N GLN A 81 -6.54 -6.38 5.79
CA GLN A 81 -6.94 -7.07 7.02
C GLN A 81 -7.82 -6.18 7.92
N LEU A 82 -8.13 -4.97 7.45
CA LEU A 82 -8.88 -4.01 8.28
C LEU A 82 -10.36 -4.38 8.30
N ASP A 83 -10.82 -5.11 7.28
CA ASP A 83 -12.25 -5.40 7.06
C ASP A 83 -12.97 -4.15 6.57
N LYS A 84 -12.63 -3.00 7.14
CA LYS A 84 -13.19 -1.71 6.75
C LYS A 84 -12.92 -1.40 5.28
N VAL A 85 -11.84 -1.95 4.75
CA VAL A 85 -11.45 -1.72 3.37
C VAL A 85 -12.19 -2.69 2.43
N VAL A 86 -12.61 -2.18 1.28
CA VAL A 86 -13.31 -3.00 0.28
C VAL A 86 -12.45 -3.18 -0.97
N GLN A 87 -11.59 -2.22 -1.23
CA GLN A 87 -10.75 -2.24 -2.42
C GLN A 87 -9.35 -1.72 -2.10
N THR A 88 -8.34 -2.56 -2.36
CA THR A 88 -6.95 -2.23 -2.14
C THR A 88 -6.21 -2.10 -3.46
N LEU A 89 -5.52 -0.98 -3.67
CA LEU A 89 -4.71 -0.79 -4.87
C LEU A 89 -3.27 -0.48 -4.49
N GLY A 90 -2.38 -0.59 -5.46
CA GLY A 90 -0.97 -0.36 -5.24
C GLY A 90 -0.13 -1.13 -6.22
N SER A 91 -0.69 -2.23 -6.72
CA SER A 91 -0.06 -3.07 -7.72
C SER A 91 -1.14 -3.82 -8.51
N GLN A 1 28.82 -17.17 -30.10
CA GLN A 1 28.24 -15.85 -29.77
C GLN A 1 27.06 -15.53 -30.69
N GLY A 2 25.95 -15.11 -30.11
CA GLY A 2 24.79 -14.73 -30.88
C GLY A 2 24.00 -13.65 -30.17
N HIS A 3 22.75 -13.95 -29.83
CA HIS A 3 21.89 -13.03 -29.10
C HIS A 3 21.03 -13.78 -28.08
N MET A 4 21.47 -13.78 -26.83
CA MET A 4 20.70 -14.40 -25.75
C MET A 4 19.47 -13.54 -25.42
N PRO A 5 18.26 -14.11 -25.59
CA PRO A 5 17.01 -13.38 -25.33
C PRO A 5 16.77 -13.18 -23.82
N SER A 6 16.29 -12.00 -23.46
CA SER A 6 16.02 -11.66 -22.07
C SER A 6 14.78 -12.41 -21.55
N ASP A 7 14.90 -12.99 -20.37
CA ASP A 7 13.78 -13.69 -19.73
C ASP A 7 12.73 -12.68 -19.26
N SER A 8 11.60 -13.18 -18.78
CA SER A 8 10.56 -12.33 -18.22
C SER A 8 10.87 -12.02 -16.75
N LYS A 9 12.13 -11.65 -16.50
CA LYS A 9 12.63 -11.40 -15.16
C LYS A 9 11.94 -10.19 -14.51
N LYS A 10 11.97 -10.16 -13.19
CA LYS A 10 11.31 -9.10 -12.42
C LYS A 10 12.03 -7.76 -12.60
N PRO A 11 11.28 -6.64 -12.54
CA PRO A 11 11.87 -5.30 -12.59
C PRO A 11 12.66 -5.00 -11.32
N THR A 12 13.63 -4.10 -11.42
CA THR A 12 14.47 -3.74 -10.29
C THR A 12 13.67 -2.98 -9.23
N ILE A 13 13.45 -3.63 -8.08
CA ILE A 13 12.75 -3.01 -6.96
C ILE A 13 13.75 -2.72 -5.84
N ILE A 14 14.03 -1.45 -5.63
CA ILE A 14 15.07 -1.03 -4.68
C ILE A 14 14.53 -0.95 -3.26
N TYR A 15 15.36 -1.37 -2.31
CA TYR A 15 15.05 -1.25 -0.88
C TYR A 15 16.28 -0.71 -0.14
N PRO A 16 16.12 0.30 0.74
CA PRO A 16 14.81 0.92 1.05
C PRO A 16 14.32 1.86 -0.05
N CYS A 17 13.01 2.07 -0.06
CA CYS A 17 12.35 2.94 -1.03
C CYS A 17 10.89 3.15 -0.65
N LEU A 18 10.27 4.16 -1.25
CA LEU A 18 8.85 4.44 -1.04
C LEU A 18 8.00 3.47 -1.84
N TRP A 19 6.91 2.98 -1.24
CA TRP A 19 5.98 2.11 -1.92
C TRP A 19 4.59 2.74 -1.92
N ASP A 20 3.89 2.63 -3.04
CA ASP A 20 2.56 3.23 -3.21
C ASP A 20 1.47 2.21 -2.88
N TYR A 21 0.65 2.52 -1.88
CA TYR A 21 -0.45 1.66 -1.46
C TYR A 21 -1.80 2.30 -1.81
N ARG A 22 -2.73 1.48 -2.30
CA ARG A 22 -4.08 1.96 -2.64
C ARG A 22 -5.09 1.36 -1.67
N VAL A 23 -5.67 2.21 -0.83
CA VAL A 23 -6.57 1.77 0.24
C VAL A 23 -7.99 2.28 -0.02
N ILE A 24 -8.88 1.38 -0.39
CA ILE A 24 -10.29 1.73 -0.64
C ILE A 24 -11.16 1.32 0.55
N MET A 25 -11.66 2.30 1.29
CA MET A 25 -12.45 2.04 2.50
C MET A 25 -13.89 2.51 2.33
N THR A 26 -14.76 2.07 3.23
CA THR A 26 -16.18 2.45 3.21
C THR A 26 -16.46 3.58 4.19
N THR A 27 -15.41 4.23 4.68
CA THR A 27 -15.54 5.34 5.61
C THR A 27 -14.30 6.23 5.56
N LYS A 28 -14.43 7.45 6.05
CA LYS A 28 -13.29 8.37 6.16
C LYS A 28 -12.74 8.33 7.59
N ASP A 29 -13.46 7.64 8.47
CA ASP A 29 -13.01 7.45 9.84
C ASP A 29 -11.98 6.34 9.87
N THR A 30 -10.76 6.69 9.51
CA THR A 30 -9.68 5.72 9.41
C THR A 30 -8.62 5.99 10.49
N SER A 31 -8.64 5.16 11.53
CA SER A 31 -7.68 5.27 12.63
C SER A 31 -6.74 4.07 12.62
N THR A 32 -7.33 2.88 12.53
CA THR A 32 -6.58 1.63 12.53
C THR A 32 -5.50 1.62 11.45
N LEU A 33 -5.82 2.24 10.31
CA LEU A 33 -4.90 2.33 9.18
C LEU A 33 -3.61 3.05 9.59
N LYS A 34 -3.77 4.18 10.27
CA LYS A 34 -2.63 4.96 10.75
C LYS A 34 -1.88 4.17 11.82
N GLU A 35 -2.64 3.58 12.74
CA GLU A 35 -2.06 2.86 13.88
C GLU A 35 -1.08 1.78 13.42
N LEU A 36 -1.49 0.98 12.44
CA LEU A 36 -0.65 -0.12 11.96
C LEU A 36 0.60 0.43 11.28
N LEU A 37 0.47 1.59 10.63
CA LEU A 37 1.61 2.24 9.97
C LEU A 37 2.58 2.78 11.02
N GLU A 38 2.04 3.32 12.09
CA GLU A 38 2.83 3.98 13.13
C GLU A 38 3.64 2.96 13.95
N THR A 39 3.22 1.70 13.97
CA THR A 39 3.93 0.67 14.73
C THR A 39 5.34 0.47 14.18
N TYR A 40 5.55 0.83 12.92
CA TYR A 40 6.86 0.68 12.27
C TYR A 40 7.76 1.87 12.61
N GLN A 41 7.18 2.88 13.26
CA GLN A 41 7.94 4.06 13.73
C GLN A 41 8.56 4.83 12.57
N ARG A 42 7.99 4.66 11.38
CA ARG A 42 8.49 5.34 10.18
C ARG A 42 7.40 6.25 9.60
N PRO A 43 7.79 7.28 8.84
CA PRO A 43 6.83 8.25 8.26
C PRO A 43 6.00 7.64 7.13
N PHE A 44 4.85 8.25 6.86
CA PHE A 44 3.94 7.81 5.81
C PHE A 44 3.07 8.97 5.35
N LYS A 45 2.29 8.74 4.29
CA LYS A 45 1.32 9.73 3.82
C LYS A 45 -0.10 9.21 3.99
N LEU A 46 -1.01 10.11 4.34
CA LEU A 46 -2.43 9.82 4.35
C LEU A 46 -3.14 10.89 3.53
N GLU A 47 -3.59 10.53 2.33
CA GLU A 47 -4.18 11.49 1.40
C GLU A 47 -5.39 10.90 0.67
N PHE A 48 -6.54 11.53 0.85
CA PHE A 48 -7.76 11.13 0.16
C PHE A 48 -7.70 11.55 -1.31
N LYS A 49 -7.92 10.61 -2.22
CA LYS A 49 -7.90 10.91 -3.65
C LYS A 49 -9.30 11.30 -4.14
N ASN A 50 -10.18 10.31 -4.25
CA ASN A 50 -11.54 10.55 -4.76
C ASN A 50 -12.50 9.48 -4.25
N THR A 51 -13.76 9.87 -4.07
CA THR A 51 -14.81 8.96 -3.62
C THR A 51 -15.45 8.28 -4.84
N SER A 52 -15.86 7.03 -4.65
CA SER A 52 -16.50 6.25 -5.70
C SER A 52 -17.78 6.94 -6.21
N LYS A 53 -18.33 6.43 -7.30
CA LYS A 53 -19.50 7.02 -7.95
C LYS A 53 -20.68 7.17 -6.97
N ASN A 54 -20.96 6.11 -6.22
CA ASN A 54 -22.07 6.12 -5.26
C ASN A 54 -21.65 6.77 -3.93
N ALA A 55 -20.40 7.24 -3.88
CA ALA A 55 -19.86 7.95 -2.71
C ALA A 55 -19.79 7.07 -1.46
N LYS A 56 -20.03 5.78 -1.62
CA LYS A 56 -19.99 4.84 -0.50
C LYS A 56 -18.56 4.33 -0.26
N PHE A 57 -17.74 4.41 -1.30
CA PHE A 57 -16.35 3.97 -1.20
C PHE A 57 -15.43 5.17 -1.32
N TYR A 58 -14.31 5.12 -0.61
CA TYR A 58 -13.38 6.24 -0.54
C TYR A 58 -11.98 5.76 -0.85
N SER A 59 -11.40 6.28 -1.91
CA SER A 59 -10.05 5.89 -2.33
C SER A 59 -9.01 6.74 -1.60
N PHE A 60 -8.24 6.10 -0.74
CA PHE A 60 -7.18 6.78 0.00
C PHE A 60 -5.82 6.41 -0.58
N ASN A 61 -4.86 7.28 -0.32
CA ASN A 61 -3.50 7.08 -0.79
C ASN A 61 -2.56 6.95 0.41
N VAL A 62 -1.86 5.83 0.49
CA VAL A 62 -0.89 5.62 1.55
C VAL A 62 0.48 5.35 0.93
N SER A 63 1.43 6.20 1.24
CA SER A 63 2.78 6.04 0.74
C SER A 63 3.77 6.09 1.90
N MET A 64 4.58 5.05 2.03
CA MET A 64 5.53 4.96 3.12
C MET A 64 6.78 4.23 2.65
N GLU A 65 7.88 4.41 3.38
CA GLU A 65 9.12 3.74 3.05
C GLU A 65 9.10 2.30 3.54
N VAL A 66 9.74 1.43 2.79
CA VAL A 66 9.95 0.06 3.20
C VAL A 66 11.44 -0.26 3.12
N SER A 67 12.00 -0.76 4.21
CA SER A 67 13.43 -1.03 4.29
C SER A 67 13.75 -2.40 3.69
N ASN A 68 12.78 -3.29 3.75
CA ASN A 68 12.91 -4.61 3.15
C ASN A 68 11.61 -5.05 2.50
N GLU A 69 11.62 -6.22 1.90
CA GLU A 69 10.47 -6.72 1.17
C GLU A 69 9.43 -7.30 2.13
N SER A 70 9.90 -7.87 3.24
CA SER A 70 9.01 -8.46 4.23
C SER A 70 8.01 -7.41 4.72
N GLU A 71 8.48 -6.17 4.87
CA GLU A 71 7.61 -5.07 5.29
C GLU A 71 6.58 -4.75 4.22
N ARG A 72 6.98 -4.81 2.95
CA ARG A 72 6.09 -4.49 1.83
C ARG A 72 4.82 -5.36 1.91
N ASN A 73 5.04 -6.66 2.07
CA ASN A 73 3.94 -7.62 2.19
C ASN A 73 3.25 -7.46 3.55
N GLU A 74 4.06 -7.30 4.59
CA GLU A 74 3.58 -7.16 5.97
C GLU A 74 2.51 -6.07 6.07
N ILE A 75 2.89 -4.86 5.69
CA ILE A 75 2.03 -3.68 5.79
C ILE A 75 0.78 -3.87 4.94
N PHE A 76 0.95 -4.49 3.77
CA PHE A 76 -0.16 -4.75 2.86
C PHE A 76 -1.25 -5.58 3.54
N GLN A 77 -0.81 -6.62 4.25
CA GLN A 77 -1.71 -7.51 4.97
C GLN A 77 -2.43 -6.74 6.08
N LYS A 78 -1.66 -5.93 6.81
CA LYS A 78 -2.18 -5.15 7.92
C LYS A 78 -3.26 -4.18 7.45
N ILE A 79 -3.00 -3.51 6.32
CA ILE A 79 -3.94 -2.53 5.77
C ILE A 79 -5.30 -3.16 5.48
N SER A 80 -5.31 -4.45 5.17
CA SER A 80 -6.54 -5.15 4.82
C SER A 80 -7.28 -5.65 6.07
N GLN A 81 -6.80 -5.26 7.25
CA GLN A 81 -7.41 -5.73 8.50
C GLN A 81 -8.29 -4.66 9.16
N LEU A 82 -8.53 -3.55 8.47
CA LEU A 82 -9.33 -2.46 9.05
C LEU A 82 -10.80 -2.86 9.11
N ASP A 83 -11.17 -3.85 8.29
CA ASP A 83 -12.56 -4.27 8.10
C ASP A 83 -13.31 -3.23 7.26
N LYS A 84 -13.08 -1.96 7.57
CA LYS A 84 -13.65 -0.84 6.84
C LYS A 84 -13.16 -0.83 5.39
N VAL A 85 -11.99 -1.41 5.17
CA VAL A 85 -11.38 -1.45 3.86
C VAL A 85 -11.95 -2.61 3.04
N VAL A 86 -12.42 -2.31 1.83
CA VAL A 86 -13.04 -3.30 0.97
C VAL A 86 -12.09 -3.75 -0.14
N GLN A 87 -11.05 -2.98 -0.38
CA GLN A 87 -10.08 -3.30 -1.41
C GLN A 87 -8.71 -2.70 -1.09
N THR A 88 -7.67 -3.52 -1.30
CA THR A 88 -6.30 -3.10 -1.05
C THR A 88 -5.41 -3.47 -2.24
N LEU A 89 -4.93 -2.45 -2.96
CA LEU A 89 -4.01 -2.67 -4.08
C LEU A 89 -2.60 -2.29 -3.64
N GLY A 90 -1.72 -3.27 -3.60
CA GLY A 90 -0.34 -3.03 -3.22
C GLY A 90 0.53 -2.72 -4.44
N SER A 91 -0.09 -2.15 -5.46
CA SER A 91 0.58 -1.80 -6.71
C SER A 91 -0.41 -1.08 -7.62
N GLN A 1 11.42 -19.37 -17.71
CA GLN A 1 12.43 -20.17 -18.45
C GLN A 1 13.77 -19.43 -18.46
N GLY A 2 14.60 -19.74 -17.46
CA GLY A 2 15.87 -19.05 -17.32
C GLY A 2 15.71 -17.67 -16.71
N HIS A 3 16.69 -17.27 -15.90
CA HIS A 3 16.69 -15.93 -15.31
C HIS A 3 18.01 -15.24 -15.61
N MET A 4 17.98 -14.33 -16.57
CA MET A 4 19.15 -13.60 -17.01
C MET A 4 19.45 -12.45 -16.04
N PRO A 5 20.71 -11.94 -16.05
CA PRO A 5 21.12 -10.82 -15.18
C PRO A 5 20.26 -9.56 -15.43
N SER A 6 20.35 -8.61 -14.53
CA SER A 6 19.56 -7.39 -14.61
C SER A 6 20.10 -6.45 -15.69
N ASP A 7 19.58 -6.58 -16.89
CA ASP A 7 19.89 -5.66 -17.98
C ASP A 7 18.83 -4.57 -18.03
N SER A 8 18.86 -3.75 -19.08
CA SER A 8 17.85 -2.71 -19.26
C SER A 8 16.53 -3.34 -19.73
N LYS A 9 15.91 -4.10 -18.82
CA LYS A 9 14.63 -4.76 -19.08
C LYS A 9 13.76 -4.65 -17.82
N LYS A 10 12.48 -4.30 -18.01
CA LYS A 10 11.55 -4.08 -16.91
C LYS A 10 11.88 -2.79 -16.15
N PRO A 11 10.87 -2.15 -15.54
CA PRO A 11 11.10 -0.98 -14.68
C PRO A 11 11.99 -1.33 -13.49
N THR A 12 13.26 -0.94 -13.56
CA THR A 12 14.24 -1.28 -12.54
C THR A 12 13.90 -0.61 -11.21
N ILE A 13 13.68 -1.43 -10.18
CA ILE A 13 13.36 -0.94 -8.84
C ILE A 13 14.56 -1.11 -7.93
N ILE A 14 15.03 0.00 -7.37
CA ILE A 14 16.17 -0.01 -6.46
C ILE A 14 15.73 0.45 -5.07
N TYR A 15 15.65 -0.48 -4.13
CA TYR A 15 15.26 -0.19 -2.76
C TYR A 15 16.41 0.50 -2.01
N PRO A 16 16.09 1.34 -0.99
CA PRO A 16 14.72 1.61 -0.54
C PRO A 16 13.98 2.64 -1.40
N CYS A 17 12.66 2.69 -1.24
CA CYS A 17 11.83 3.61 -2.02
C CYS A 17 10.52 3.92 -1.29
N LEU A 18 10.01 5.13 -1.51
CA LEU A 18 8.67 5.49 -1.06
C LEU A 18 7.63 4.87 -1.99
N TRP A 19 6.99 3.81 -1.52
CA TRP A 19 6.03 3.06 -2.33
C TRP A 19 4.60 3.50 -1.99
N ASP A 20 3.72 3.49 -3.00
CA ASP A 20 2.32 3.88 -2.80
C ASP A 20 1.42 2.65 -2.78
N TYR A 21 0.43 2.67 -1.90
CA TYR A 21 -0.55 1.61 -1.78
C TYR A 21 -1.96 2.21 -1.84
N ARG A 22 -2.73 1.84 -2.86
CA ARG A 22 -4.09 2.32 -3.00
C ARG A 22 -5.02 1.51 -2.10
N VAL A 23 -5.55 2.14 -1.06
CA VAL A 23 -6.39 1.49 -0.08
C VAL A 23 -7.83 2.01 -0.17
N ILE A 24 -8.73 1.19 -0.69
CA ILE A 24 -10.15 1.57 -0.81
C ILE A 24 -10.95 0.95 0.34
N MET A 25 -11.39 1.80 1.26
CA MET A 25 -12.11 1.37 2.45
C MET A 25 -13.55 1.86 2.41
N THR A 26 -14.47 1.12 3.04
CA THR A 26 -15.87 1.50 3.11
C THR A 26 -16.14 2.39 4.32
N THR A 27 -15.15 3.21 4.68
CA THR A 27 -15.23 4.05 5.86
C THR A 27 -14.30 5.25 5.73
N LYS A 28 -14.62 6.32 6.45
CA LYS A 28 -13.72 7.46 6.57
C LYS A 28 -12.84 7.32 7.80
N ASP A 29 -13.16 6.34 8.63
CA ASP A 29 -12.38 6.08 9.84
C ASP A 29 -11.23 5.15 9.53
N THR A 30 -10.14 5.73 9.05
CA THR A 30 -8.92 4.97 8.87
C THR A 30 -8.16 4.95 10.20
N SER A 31 -8.31 3.85 10.92
CA SER A 31 -7.70 3.71 12.24
C SER A 31 -6.60 2.66 12.20
N THR A 32 -6.99 1.39 12.20
CA THR A 32 -6.05 0.27 12.21
C THR A 32 -5.01 0.40 11.11
N LEU A 33 -5.41 1.04 10.00
CA LEU A 33 -4.51 1.27 8.87
C LEU A 33 -3.30 2.10 9.31
N LYS A 34 -3.56 3.25 9.94
CA LYS A 34 -2.47 4.11 10.40
C LYS A 34 -1.70 3.42 11.52
N GLU A 35 -2.41 2.71 12.39
CA GLU A 35 -1.79 2.02 13.53
C GLU A 35 -0.69 1.07 13.06
N LEU A 36 -1.02 0.21 12.07
CA LEU A 36 -0.07 -0.79 11.59
C LEU A 36 1.11 -0.13 10.87
N LEU A 37 0.86 1.02 10.24
CA LEU A 37 1.91 1.75 9.53
C LEU A 37 2.96 2.26 10.51
N GLU A 38 2.49 2.77 11.65
CA GLU A 38 3.37 3.37 12.66
C GLU A 38 4.29 2.33 13.30
N THR A 39 3.87 1.07 13.31
CA THR A 39 4.65 0.01 13.96
C THR A 39 6.01 -0.19 13.28
N TYR A 40 6.14 0.30 12.04
CA TYR A 40 7.38 0.18 11.30
C TYR A 40 8.38 1.28 11.68
N GLN A 41 7.91 2.20 12.52
CA GLN A 41 8.75 3.29 13.04
C GLN A 41 9.24 4.19 11.91
N ARG A 42 8.57 4.11 10.75
CA ARG A 42 8.94 4.90 9.58
C ARG A 42 7.79 5.86 9.25
N PRO A 43 8.09 7.00 8.58
CA PRO A 43 7.07 7.95 8.16
C PRO A 43 6.17 7.40 7.05
N PHE A 44 4.91 7.81 7.06
CA PHE A 44 3.96 7.40 6.04
C PHE A 44 3.12 8.61 5.62
N LYS A 45 2.29 8.44 4.60
CA LYS A 45 1.43 9.51 4.11
C LYS A 45 0.03 8.98 3.85
N LEU A 46 -0.96 9.59 4.51
CA LEU A 46 -2.35 9.19 4.37
C LEU A 46 -3.12 10.30 3.63
N GLU A 47 -3.48 10.03 2.37
CA GLU A 47 -4.18 11.01 1.54
C GLU A 47 -5.55 10.49 1.10
N PHE A 48 -6.58 11.30 1.31
CA PHE A 48 -7.92 11.01 0.81
C PHE A 48 -8.03 11.49 -0.64
N LYS A 49 -8.05 10.55 -1.58
CA LYS A 49 -8.01 10.89 -3.00
C LYS A 49 -9.40 11.16 -3.57
N ASN A 50 -10.33 10.22 -3.39
CA ASN A 50 -11.64 10.31 -4.02
C ASN A 50 -12.68 9.53 -3.24
N THR A 51 -13.96 9.80 -3.52
CA THR A 51 -15.07 9.10 -2.90
C THR A 51 -16.02 8.59 -3.98
N SER A 52 -16.62 7.42 -3.74
CA SER A 52 -17.56 6.82 -4.67
C SER A 52 -18.79 7.70 -4.86
N LYS A 53 -19.51 7.49 -5.96
CA LYS A 53 -20.79 8.16 -6.19
C LYS A 53 -21.77 7.78 -5.08
N ASN A 54 -21.64 6.53 -4.63
CA ASN A 54 -22.46 6.01 -3.54
C ASN A 54 -21.92 6.49 -2.20
N ALA A 55 -20.73 7.09 -2.24
CA ALA A 55 -20.05 7.59 -1.04
C ALA A 55 -19.82 6.46 -0.03
N LYS A 56 -19.91 5.22 -0.51
CA LYS A 56 -19.72 4.05 0.33
C LYS A 56 -18.28 3.55 0.26
N PHE A 57 -17.63 3.83 -0.87
CA PHE A 57 -16.25 3.42 -1.10
C PHE A 57 -15.34 4.64 -1.17
N TYR A 58 -14.39 4.72 -0.25
CA TYR A 58 -13.45 5.84 -0.17
C TYR A 58 -12.06 5.39 -0.60
N SER A 59 -11.46 6.11 -1.53
CA SER A 59 -10.11 5.82 -2.00
C SER A 59 -9.07 6.60 -1.19
N PHE A 60 -8.29 5.87 -0.41
CA PHE A 60 -7.17 6.45 0.32
C PHE A 60 -5.86 6.04 -0.36
N ASN A 61 -4.85 6.89 -0.23
CA ASN A 61 -3.53 6.60 -0.76
C ASN A 61 -2.51 6.61 0.36
N VAL A 62 -1.83 5.49 0.55
CA VAL A 62 -0.79 5.37 1.56
C VAL A 62 0.58 5.34 0.90
N SER A 63 1.42 6.31 1.22
CA SER A 63 2.78 6.34 0.69
C SER A 63 3.78 6.29 1.84
N MET A 64 4.54 5.19 1.89
CA MET A 64 5.49 4.95 2.96
C MET A 64 6.76 4.32 2.41
N GLU A 65 7.81 4.32 3.20
CA GLU A 65 9.09 3.73 2.78
C GLU A 65 9.00 2.21 2.77
N VAL A 66 9.79 1.61 1.90
CA VAL A 66 10.04 0.17 1.94
C VAL A 66 11.52 -0.08 1.70
N SER A 67 12.14 -0.82 2.61
CA SER A 67 13.58 -1.07 2.56
C SER A 67 13.85 -2.35 1.76
N ASN A 68 12.94 -3.31 1.86
CA ASN A 68 13.06 -4.55 1.11
C ASN A 68 11.74 -4.87 0.41
N GLU A 69 11.78 -5.90 -0.41
CA GLU A 69 10.64 -6.29 -1.25
C GLU A 69 9.60 -7.04 -0.42
N SER A 70 10.05 -7.70 0.64
CA SER A 70 9.17 -8.46 1.52
C SER A 70 8.19 -7.53 2.22
N GLU A 71 8.68 -6.35 2.63
CA GLU A 71 7.82 -5.36 3.29
C GLU A 71 6.64 -4.97 2.40
N ARG A 72 6.90 -4.87 1.09
CA ARG A 72 5.86 -4.53 0.13
C ARG A 72 4.74 -5.58 0.15
N ASN A 73 5.07 -6.80 0.55
CA ASN A 73 4.09 -7.87 0.67
C ASN A 73 3.46 -7.85 2.06
N GLU A 74 4.30 -7.70 3.08
CA GLU A 74 3.86 -7.70 4.47
C GLU A 74 2.85 -6.58 4.72
N ILE A 75 3.25 -5.35 4.41
CA ILE A 75 2.40 -4.17 4.61
C ILE A 75 1.09 -4.34 3.85
N PHE A 76 1.19 -4.86 2.64
CA PHE A 76 0.03 -5.12 1.79
C PHE A 76 -0.97 -6.02 2.52
N GLN A 77 -0.46 -7.05 3.18
CA GLN A 77 -1.30 -7.97 3.95
C GLN A 77 -1.88 -7.28 5.17
N LYS A 78 -1.05 -6.48 5.85
CA LYS A 78 -1.49 -5.73 7.03
C LYS A 78 -2.71 -4.86 6.68
N ILE A 79 -2.64 -4.23 5.51
CA ILE A 79 -3.71 -3.37 5.02
C ILE A 79 -5.00 -4.18 4.81
N SER A 80 -4.86 -5.45 4.49
CA SER A 80 -6.01 -6.31 4.24
C SER A 80 -6.66 -6.74 5.56
N GLN A 81 -5.90 -6.69 6.66
CA GLN A 81 -6.36 -7.16 7.96
C GLN A 81 -7.43 -6.23 8.55
N LEU A 82 -7.62 -5.07 7.93
CA LEU A 82 -8.56 -4.07 8.44
C LEU A 82 -10.00 -4.55 8.34
N ASP A 83 -10.29 -5.29 7.27
CA ASP A 83 -11.66 -5.73 6.93
C ASP A 83 -12.50 -4.56 6.39
N LYS A 84 -12.29 -3.38 6.97
CA LYS A 84 -12.95 -2.14 6.52
C LYS A 84 -12.62 -1.89 5.05
N VAL A 85 -11.47 -2.39 4.61
CA VAL A 85 -11.01 -2.23 3.24
C VAL A 85 -11.62 -3.31 2.34
N VAL A 86 -12.01 -2.92 1.13
CA VAL A 86 -12.60 -3.85 0.17
C VAL A 86 -11.65 -4.13 -1.00
N GLN A 87 -10.74 -3.21 -1.25
CA GLN A 87 -9.79 -3.37 -2.35
C GLN A 87 -8.41 -2.84 -1.94
N THR A 88 -7.43 -3.72 -1.95
CA THR A 88 -6.05 -3.37 -1.60
C THR A 88 -5.16 -3.47 -2.84
N LEU A 89 -4.49 -2.38 -3.19
CA LEU A 89 -3.54 -2.39 -4.32
C LEU A 89 -2.11 -2.33 -3.81
N GLY A 90 -1.31 -3.30 -4.23
CA GLY A 90 0.09 -3.37 -3.89
C GLY A 90 0.90 -3.92 -5.04
N SER A 91 1.19 -3.06 -6.01
CA SER A 91 1.90 -3.45 -7.22
C SER A 91 3.22 -4.14 -6.90
N GLN A 1 31.79 -10.31 -16.52
CA GLN A 1 31.44 -10.87 -17.86
C GLN A 1 30.18 -11.71 -17.76
N GLY A 2 29.12 -11.29 -18.46
CA GLY A 2 27.86 -12.00 -18.41
C GLY A 2 26.98 -11.70 -19.60
N HIS A 3 26.50 -12.75 -20.27
CA HIS A 3 25.58 -12.62 -21.40
C HIS A 3 24.23 -13.20 -21.01
N MET A 4 23.36 -12.34 -20.50
CA MET A 4 22.03 -12.75 -20.05
C MET A 4 20.98 -12.33 -21.07
N PRO A 5 20.33 -13.30 -21.75
CA PRO A 5 19.24 -13.02 -22.70
C PRO A 5 18.10 -12.26 -22.04
N SER A 6 17.85 -11.05 -22.51
CA SER A 6 16.84 -10.17 -21.93
C SER A 6 15.50 -10.32 -22.65
N ASP A 7 15.33 -11.43 -23.35
CA ASP A 7 14.10 -11.70 -24.10
C ASP A 7 12.87 -11.64 -23.19
N SER A 8 13.02 -12.18 -21.99
CA SER A 8 11.93 -12.22 -21.02
C SER A 8 12.31 -11.44 -19.76
N LYS A 9 13.12 -10.40 -19.96
CA LYS A 9 13.62 -9.56 -18.87
C LYS A 9 12.50 -9.07 -17.94
N LYS A 10 12.68 -9.23 -16.64
CA LYS A 10 11.77 -8.70 -15.64
C LYS A 10 12.31 -7.38 -15.08
N PRO A 11 11.43 -6.38 -14.85
CA PRO A 11 11.85 -5.05 -14.38
C PRO A 11 12.37 -5.09 -12.93
N THR A 12 13.59 -4.60 -12.75
CA THR A 12 14.20 -4.51 -11.42
C THR A 12 13.49 -3.46 -10.58
N ILE A 13 12.86 -3.90 -9.48
CA ILE A 13 12.14 -3.00 -8.59
C ILE A 13 13.06 -2.56 -7.46
N ILE A 14 13.04 -1.26 -7.18
CA ILE A 14 13.94 -0.67 -6.18
C ILE A 14 13.46 -0.96 -4.76
N TYR A 15 14.34 -1.57 -3.96
CA TYR A 15 14.09 -1.80 -2.55
C TYR A 15 15.35 -1.42 -1.75
N PRO A 16 15.21 -0.60 -0.68
CA PRO A 16 13.92 -0.05 -0.23
C PRO A 16 13.44 1.12 -1.09
N CYS A 17 12.16 1.44 -0.96
CA CYS A 17 11.55 2.54 -1.71
C CYS A 17 10.16 2.87 -1.14
N LEU A 18 9.63 4.03 -1.51
CA LEU A 18 8.30 4.45 -1.09
C LEU A 18 7.24 3.85 -2.00
N TRP A 19 6.51 2.87 -1.47
CA TRP A 19 5.46 2.19 -2.22
C TRP A 19 4.09 2.80 -1.90
N ASP A 20 3.22 2.88 -2.91
CA ASP A 20 1.88 3.45 -2.75
C ASP A 20 0.84 2.34 -2.55
N TYR A 21 -0.07 2.57 -1.61
CA TYR A 21 -1.15 1.63 -1.33
C TYR A 21 -2.50 2.33 -1.45
N ARG A 22 -3.34 1.84 -2.36
CA ARG A 22 -4.69 2.38 -2.52
C ARG A 22 -5.61 1.74 -1.48
N VAL A 23 -6.03 2.53 -0.50
CA VAL A 23 -6.85 2.03 0.60
C VAL A 23 -8.27 2.58 0.47
N ILE A 24 -9.20 1.73 0.04
CA ILE A 24 -10.58 2.14 -0.14
C ILE A 24 -11.44 1.66 1.03
N MET A 25 -11.76 2.58 1.95
CA MET A 25 -12.56 2.26 3.13
C MET A 25 -13.92 2.95 3.05
N THR A 26 -14.89 2.40 3.78
CA THR A 26 -16.24 2.98 3.83
C THR A 26 -16.38 3.90 5.04
N THR A 27 -15.29 4.54 5.42
CA THR A 27 -15.26 5.40 6.60
C THR A 27 -14.19 6.48 6.44
N LYS A 28 -14.38 7.60 7.14
CA LYS A 28 -13.38 8.66 7.19
C LYS A 28 -12.48 8.47 8.40
N ASP A 29 -12.87 7.53 9.28
CA ASP A 29 -12.13 7.26 10.49
C ASP A 29 -10.96 6.33 10.19
N THR A 30 -9.85 6.93 9.78
CA THR A 30 -8.63 6.17 9.54
C THR A 30 -7.77 6.17 10.79
N SER A 31 -7.83 5.08 11.54
CA SER A 31 -7.08 4.94 12.78
C SER A 31 -6.23 3.67 12.72
N THR A 32 -6.91 2.52 12.66
CA THR A 32 -6.26 1.22 12.57
C THR A 32 -5.24 1.20 11.42
N LEU A 33 -5.58 1.90 10.34
CA LEU A 33 -4.71 2.00 9.17
C LEU A 33 -3.35 2.59 9.57
N LYS A 34 -3.38 3.76 10.21
CA LYS A 34 -2.15 4.43 10.60
C LYS A 34 -1.39 3.61 11.63
N GLU A 35 -2.12 3.00 12.56
CA GLU A 35 -1.51 2.20 13.62
C GLU A 35 -0.60 1.12 13.03
N LEU A 36 -1.11 0.37 12.05
CA LEU A 36 -0.35 -0.72 11.45
C LEU A 36 0.88 -0.16 10.72
N LEU A 37 0.75 1.04 10.18
CA LEU A 37 1.86 1.71 9.49
C LEU A 37 2.93 2.10 10.50
N GLU A 38 2.48 2.62 11.65
CA GLU A 38 3.37 3.16 12.66
C GLU A 38 4.11 2.07 13.44
N THR A 39 3.58 0.84 13.41
CA THR A 39 4.26 -0.27 14.08
C THR A 39 5.62 -0.55 13.45
N TYR A 40 5.75 -0.24 12.16
CA TYR A 40 7.03 -0.38 11.45
C TYR A 40 7.99 0.73 11.86
N GLN A 41 7.45 1.71 12.59
CA GLN A 41 8.23 2.82 13.14
C GLN A 41 8.88 3.63 12.04
N ARG A 42 8.25 3.63 10.87
CA ARG A 42 8.74 4.38 9.71
C ARG A 42 7.76 5.50 9.36
N PRO A 43 8.24 6.55 8.66
CA PRO A 43 7.37 7.63 8.17
C PRO A 43 6.48 7.17 7.02
N PHE A 44 5.38 7.88 6.79
CA PHE A 44 4.47 7.56 5.71
C PHE A 44 3.71 8.81 5.26
N LYS A 45 3.10 8.74 4.08
CA LYS A 45 2.31 9.83 3.53
C LYS A 45 0.85 9.39 3.40
N LEU A 46 0.02 9.86 4.33
CA LEU A 46 -1.40 9.54 4.31
C LEU A 46 -2.17 10.59 3.51
N GLU A 47 -2.85 10.17 2.45
CA GLU A 47 -3.60 11.09 1.60
C GLU A 47 -5.04 10.63 1.44
N PHE A 48 -5.96 11.57 1.45
CA PHE A 48 -7.35 11.29 1.09
C PHE A 48 -7.64 11.93 -0.27
N LYS A 49 -7.77 11.10 -1.30
CA LYS A 49 -7.92 11.60 -2.67
C LYS A 49 -9.31 12.18 -2.89
N ASN A 50 -10.31 11.31 -2.86
CA ASN A 50 -11.70 11.72 -3.12
C ASN A 50 -12.64 10.56 -2.80
N THR A 51 -13.90 10.89 -2.52
CA THR A 51 -14.92 9.88 -2.27
C THR A 51 -15.59 9.47 -3.57
N SER A 52 -15.96 8.20 -3.66
CA SER A 52 -16.58 7.66 -4.87
C SER A 52 -18.00 8.22 -5.07
N LYS A 53 -18.05 9.39 -5.72
CA LYS A 53 -19.30 10.06 -6.11
C LYS A 53 -20.34 10.13 -4.98
N ASN A 54 -21.09 9.04 -4.80
CA ASN A 54 -22.22 9.01 -3.86
C ASN A 54 -21.75 8.76 -2.42
N ALA A 55 -20.49 9.10 -2.16
CA ALA A 55 -19.89 8.95 -0.82
C ALA A 55 -19.92 7.49 -0.36
N LYS A 56 -20.06 6.59 -1.33
CA LYS A 56 -20.18 5.16 -1.05
C LYS A 56 -18.85 4.61 -0.52
N PHE A 57 -17.75 5.06 -1.12
CA PHE A 57 -16.41 4.63 -0.74
C PHE A 57 -15.50 5.84 -0.59
N TYR A 58 -14.51 5.74 0.28
CA TYR A 58 -13.55 6.80 0.51
C TYR A 58 -12.15 6.33 0.13
N SER A 59 -11.60 6.96 -0.90
CA SER A 59 -10.31 6.54 -1.46
C SER A 59 -9.14 7.22 -0.74
N PHE A 60 -8.37 6.41 -0.01
CA PHE A 60 -7.15 6.88 0.64
C PHE A 60 -5.94 6.34 -0.14
N ASN A 61 -4.80 7.01 0.03
CA ASN A 61 -3.56 6.58 -0.58
C ASN A 61 -2.44 6.68 0.44
N VAL A 62 -1.77 5.58 0.70
CA VAL A 62 -0.69 5.52 1.68
C VAL A 62 0.65 5.27 0.99
N SER A 63 1.57 6.19 1.14
CA SER A 63 2.92 6.02 0.61
C SER A 63 3.88 5.77 1.76
N MET A 64 4.38 4.55 1.87
CA MET A 64 5.31 4.20 2.95
C MET A 64 6.47 3.40 2.40
N GLU A 65 7.56 3.36 3.17
CA GLU A 65 8.77 2.64 2.75
C GLU A 65 8.56 1.13 2.85
N VAL A 66 9.19 0.41 1.92
CA VAL A 66 9.24 -1.04 1.98
C VAL A 66 10.68 -1.49 1.70
N SER A 67 11.23 -2.32 2.59
CA SER A 67 12.61 -2.77 2.46
C SER A 67 12.71 -3.94 1.48
N ASN A 68 11.60 -4.65 1.31
CA ASN A 68 11.55 -5.79 0.41
C ASN A 68 10.10 -6.14 0.09
N GLU A 69 9.91 -7.12 -0.79
CA GLU A 69 8.57 -7.53 -1.21
C GLU A 69 7.81 -8.14 -0.03
N SER A 70 8.55 -8.78 0.87
CA SER A 70 7.95 -9.39 2.06
C SER A 70 7.19 -8.34 2.87
N GLU A 71 7.78 -7.15 3.01
CA GLU A 71 7.15 -6.06 3.75
C GLU A 71 5.91 -5.54 3.03
N ARG A 72 6.02 -5.28 1.72
CA ARG A 72 4.87 -4.73 0.99
C ARG A 72 3.68 -5.69 1.07
N ASN A 73 3.96 -6.99 1.05
CA ASN A 73 2.91 -8.01 1.14
C ASN A 73 2.34 -8.06 2.56
N GLU A 74 3.23 -8.00 3.55
CA GLU A 74 2.83 -8.00 4.95
C GLU A 74 1.89 -6.82 5.23
N ILE A 75 2.34 -5.64 4.86
CA ILE A 75 1.57 -4.41 5.03
C ILE A 75 0.24 -4.50 4.29
N PHE A 76 0.29 -4.98 3.05
CA PHE A 76 -0.90 -5.15 2.21
C PHE A 76 -1.98 -5.95 2.94
N GLN A 77 -1.55 -6.97 3.68
CA GLN A 77 -2.48 -7.85 4.39
C GLN A 77 -3.09 -7.11 5.57
N LYS A 78 -2.25 -6.38 6.30
CA LYS A 78 -2.69 -5.66 7.49
C LYS A 78 -3.71 -4.59 7.13
N ILE A 79 -3.49 -3.93 6.00
CA ILE A 79 -4.39 -2.88 5.51
C ILE A 79 -5.79 -3.44 5.27
N SER A 80 -5.88 -4.73 4.94
CA SER A 80 -7.17 -5.37 4.72
C SER A 80 -7.79 -5.84 6.05
N GLN A 81 -6.95 -5.95 7.07
CA GLN A 81 -7.39 -6.47 8.38
C GLN A 81 -8.12 -5.40 9.20
N LEU A 82 -8.39 -4.25 8.59
CA LEU A 82 -9.10 -3.18 9.28
C LEU A 82 -10.60 -3.48 9.31
N ASP A 83 -11.06 -4.28 8.34
CA ASP A 83 -12.48 -4.62 8.16
C ASP A 83 -13.26 -3.44 7.56
N LYS A 84 -12.89 -2.22 7.97
CA LYS A 84 -13.54 -1.00 7.48
C LYS A 84 -13.21 -0.77 6.01
N VAL A 85 -12.24 -1.52 5.51
CA VAL A 85 -11.79 -1.42 4.13
C VAL A 85 -12.48 -2.45 3.25
N VAL A 86 -12.94 -2.03 2.09
CA VAL A 86 -13.65 -2.91 1.16
C VAL A 86 -12.72 -3.41 0.07
N GLN A 87 -11.71 -2.61 -0.27
CA GLN A 87 -10.81 -2.93 -1.35
C GLN A 87 -9.42 -2.35 -1.11
N THR A 88 -8.41 -3.19 -1.23
CA THR A 88 -7.02 -2.78 -1.05
C THR A 88 -6.21 -3.07 -2.32
N LEU A 89 -5.68 -2.02 -2.94
CA LEU A 89 -4.85 -2.18 -4.13
C LEU A 89 -3.39 -1.89 -3.78
N GLY A 90 -2.60 -2.96 -3.71
CA GLY A 90 -1.17 -2.83 -3.47
C GLY A 90 -0.40 -3.00 -4.76
N SER A 91 -1.06 -3.56 -5.75
CA SER A 91 -0.51 -3.76 -7.07
C SER A 91 -1.63 -3.62 -8.11
N GLN A 1 -1.66 -14.44 -7.39
CA GLN A 1 -0.35 -14.56 -6.71
C GLN A 1 0.75 -14.83 -7.73
N GLY A 2 1.93 -15.19 -7.24
CA GLY A 2 3.06 -15.45 -8.11
C GLY A 2 3.83 -14.19 -8.45
N HIS A 3 5.07 -14.34 -8.89
CA HIS A 3 5.91 -13.20 -9.22
C HIS A 3 5.44 -12.57 -10.53
N MET A 4 4.81 -11.40 -10.42
CA MET A 4 4.31 -10.66 -11.59
C MET A 4 5.39 -10.54 -12.67
N PRO A 5 5.07 -10.89 -13.92
CA PRO A 5 6.01 -10.78 -15.04
C PRO A 5 6.37 -9.34 -15.35
N SER A 6 7.49 -8.88 -14.79
CA SER A 6 7.97 -7.53 -15.02
C SER A 6 8.70 -7.46 -16.36
N ASP A 7 8.95 -6.24 -16.83
CA ASP A 7 9.63 -6.02 -18.10
C ASP A 7 11.10 -6.42 -18.00
N SER A 8 11.69 -6.83 -19.11
CA SER A 8 13.10 -7.13 -19.16
C SER A 8 13.90 -5.84 -18.97
N LYS A 9 14.89 -5.88 -18.08
CA LYS A 9 15.61 -4.69 -17.65
C LYS A 9 14.68 -3.74 -16.88
N LYS A 10 14.72 -3.85 -15.56
CA LYS A 10 13.88 -3.05 -14.69
C LYS A 10 14.70 -1.92 -14.06
N PRO A 11 14.14 -0.71 -13.96
CA PRO A 11 14.84 0.44 -13.38
C PRO A 11 15.30 0.17 -11.96
N THR A 12 16.52 0.57 -11.65
CA THR A 12 17.09 0.39 -10.33
C THR A 12 16.39 1.29 -9.32
N ILE A 13 15.63 0.68 -8.42
CA ILE A 13 14.90 1.43 -7.40
C ILE A 13 15.80 1.71 -6.21
N ILE A 14 16.05 2.99 -5.96
CA ILE A 14 16.96 3.41 -4.90
C ILE A 14 16.26 3.36 -3.54
N TYR A 15 16.73 2.46 -2.68
CA TYR A 15 16.23 2.35 -1.32
C TYR A 15 17.21 3.00 -0.35
N PRO A 16 16.73 3.71 0.69
CA PRO A 16 15.30 3.87 0.97
C PRO A 16 14.64 4.94 0.11
N CYS A 17 13.31 4.88 0.04
CA CYS A 17 12.53 5.81 -0.76
C CYS A 17 11.06 5.74 -0.36
N LEU A 18 10.30 6.75 -0.76
CA LEU A 18 8.86 6.79 -0.52
C LEU A 18 8.14 5.97 -1.58
N TRP A 19 7.71 4.78 -1.20
CA TRP A 19 6.96 3.92 -2.12
C TRP A 19 5.47 4.15 -1.92
N ASP A 20 4.73 4.16 -3.02
CA ASP A 20 3.28 4.41 -2.99
C ASP A 20 2.50 3.10 -3.02
N TYR A 21 1.46 3.02 -2.20
CA TYR A 21 0.60 1.86 -2.12
C TYR A 21 -0.84 2.27 -2.38
N ARG A 22 -1.40 1.75 -3.47
CA ARG A 22 -2.77 2.04 -3.86
C ARG A 22 -3.73 1.11 -3.13
N VAL A 23 -4.53 1.68 -2.23
CA VAL A 23 -5.47 0.91 -1.42
C VAL A 23 -6.89 1.39 -1.66
N ILE A 24 -7.84 0.47 -1.72
CA ILE A 24 -9.25 0.83 -1.79
C ILE A 24 -10.05 -0.01 -0.80
N MET A 25 -10.75 0.65 0.12
CA MET A 25 -11.58 -0.03 1.10
C MET A 25 -13.01 0.53 1.06
N THR A 26 -13.94 -0.22 1.61
CA THR A 26 -15.34 0.18 1.61
C THR A 26 -15.71 0.95 2.89
N THR A 27 -14.70 1.35 3.65
CA THR A 27 -14.89 2.09 4.88
C THR A 27 -13.93 3.27 4.95
N LYS A 28 -14.41 4.41 5.45
CA LYS A 28 -13.57 5.59 5.66
C LYS A 28 -12.80 5.47 6.97
N ASP A 29 -13.26 4.57 7.82
CA ASP A 29 -12.65 4.38 9.14
C ASP A 29 -11.50 3.37 9.03
N THR A 30 -10.29 3.89 8.82
CA THR A 30 -9.12 3.07 8.61
C THR A 30 -8.26 3.03 9.87
N SER A 31 -8.36 1.93 10.61
CA SER A 31 -7.56 1.72 11.80
C SER A 31 -6.45 0.71 11.51
N THR A 32 -6.87 -0.51 11.15
CA THR A 32 -5.94 -1.62 10.89
C THR A 32 -4.81 -1.20 9.94
N LEU A 33 -5.17 -0.44 8.90
CA LEU A 33 -4.20 0.01 7.90
C LEU A 33 -3.12 0.87 8.55
N LYS A 34 -3.52 1.70 9.51
CA LYS A 34 -2.57 2.56 10.22
C LYS A 34 -1.75 1.73 11.20
N GLU A 35 -2.41 0.77 11.86
CA GLU A 35 -1.77 -0.06 12.87
C GLU A 35 -0.56 -0.80 12.30
N LEU A 36 -0.74 -1.39 11.12
CA LEU A 36 0.33 -2.16 10.47
C LEU A 36 1.48 -1.23 10.08
N LEU A 37 1.17 0.02 9.77
CA LEU A 37 2.19 1.01 9.44
C LEU A 37 2.93 1.44 10.70
N GLU A 38 2.18 1.60 11.79
CA GLU A 38 2.75 2.01 13.07
C GLU A 38 3.77 0.99 13.59
N THR A 39 3.58 -0.29 13.25
CA THR A 39 4.49 -1.34 13.73
C THR A 39 5.90 -1.19 13.15
N TYR A 40 6.04 -0.34 12.14
CA TYR A 40 7.36 -0.08 11.55
C TYR A 40 8.01 1.12 12.24
N GLN A 41 7.22 1.82 13.07
CA GLN A 41 7.69 2.97 13.85
C GLN A 41 8.34 4.03 12.96
N ARG A 42 7.77 4.21 11.76
CA ARG A 42 8.28 5.18 10.81
C ARG A 42 7.13 6.07 10.30
N PRO A 43 7.45 7.30 9.85
CA PRO A 43 6.43 8.20 9.30
C PRO A 43 5.87 7.70 7.97
N PHE A 44 4.64 8.11 7.65
CA PHE A 44 3.99 7.72 6.41
C PHE A 44 2.93 8.76 6.03
N LYS A 45 2.71 8.90 4.73
CA LYS A 45 1.74 9.85 4.20
C LYS A 45 0.43 9.12 3.94
N LEU A 46 -0.56 9.31 4.82
CA LEU A 46 -1.87 8.70 4.65
C LEU A 46 -2.74 9.60 3.79
N GLU A 47 -2.94 9.18 2.55
CA GLU A 47 -3.67 9.98 1.57
C GLU A 47 -5.03 9.38 1.25
N PHE A 48 -6.01 10.27 1.08
CA PHE A 48 -7.29 9.92 0.50
C PHE A 48 -7.39 10.60 -0.86
N LYS A 49 -7.26 9.82 -1.92
CA LYS A 49 -7.15 10.39 -3.27
C LYS A 49 -8.52 10.69 -3.85
N ASN A 50 -9.45 9.76 -3.72
CA ASN A 50 -10.78 9.91 -4.30
C ASN A 50 -11.72 8.81 -3.82
N THR A 51 -13.01 9.01 -4.03
CA THR A 51 -14.02 8.01 -3.72
C THR A 51 -14.89 7.76 -4.95
N SER A 52 -15.35 6.53 -5.12
CA SER A 52 -16.25 6.19 -6.21
C SER A 52 -17.49 7.08 -6.17
N LYS A 53 -18.14 7.26 -7.31
CA LYS A 53 -19.29 8.16 -7.42
C LYS A 53 -20.44 7.69 -6.53
N ASN A 54 -20.54 6.37 -6.33
CA ASN A 54 -21.56 5.81 -5.45
C ASN A 54 -21.16 5.97 -3.98
N ALA A 55 -19.90 6.37 -3.76
CA ALA A 55 -19.37 6.68 -2.43
C ALA A 55 -19.35 5.46 -1.52
N LYS A 56 -19.23 4.27 -2.11
CA LYS A 56 -19.13 3.04 -1.35
C LYS A 56 -17.68 2.55 -1.31
N PHE A 57 -16.89 2.97 -2.30
CA PHE A 57 -15.50 2.53 -2.42
C PHE A 57 -14.57 3.74 -2.28
N TYR A 58 -13.78 3.73 -1.21
CA TYR A 58 -12.89 4.85 -0.90
C TYR A 58 -11.45 4.50 -1.24
N SER A 59 -10.83 5.31 -2.08
CA SER A 59 -9.47 5.07 -2.55
C SER A 59 -8.44 5.81 -1.68
N PHE A 60 -7.64 5.05 -0.96
CA PHE A 60 -6.57 5.59 -0.13
C PHE A 60 -5.23 5.32 -0.80
N ASN A 61 -4.20 6.02 -0.37
CA ASN A 61 -2.86 5.85 -0.90
C ASN A 61 -1.83 6.05 0.20
N VAL A 62 -1.00 5.05 0.43
CA VAL A 62 0.03 5.13 1.44
C VAL A 62 1.39 5.40 0.80
N SER A 63 2.00 6.52 1.16
CA SER A 63 3.34 6.83 0.70
C SER A 63 4.29 6.81 1.90
N MET A 64 5.11 5.76 2.00
CA MET A 64 5.95 5.56 3.17
C MET A 64 7.38 5.18 2.77
N GLU A 65 8.32 5.51 3.65
CA GLU A 65 9.72 5.19 3.42
C GLU A 65 9.97 3.70 3.59
N VAL A 66 10.39 3.05 2.52
CA VAL A 66 10.77 1.65 2.56
C VAL A 66 12.30 1.54 2.47
N SER A 67 12.87 0.82 3.42
CA SER A 67 14.32 0.68 3.53
C SER A 67 14.82 -0.44 2.63
N ASN A 68 13.93 -1.37 2.30
CA ASN A 68 14.26 -2.48 1.40
C ASN A 68 13.00 -3.02 0.75
N GLU A 69 13.17 -4.05 -0.09
CA GLU A 69 12.07 -4.63 -0.85
C GLU A 69 11.28 -5.64 -0.01
N SER A 70 11.96 -6.29 0.92
CA SER A 70 11.32 -7.30 1.76
C SER A 70 10.22 -6.65 2.61
N GLU A 71 10.43 -5.38 2.97
CA GLU A 71 9.41 -4.60 3.65
C GLU A 71 8.25 -4.31 2.72
N ARG A 72 8.57 -3.91 1.49
CA ARG A 72 7.56 -3.59 0.48
C ARG A 72 6.59 -4.76 0.30
N ASN A 73 7.15 -5.94 0.04
CA ASN A 73 6.35 -7.14 -0.17
C ASN A 73 5.51 -7.44 1.08
N GLU A 74 6.08 -7.14 2.25
CA GLU A 74 5.40 -7.36 3.52
C GLU A 74 4.23 -6.39 3.66
N ILE A 75 4.48 -5.13 3.40
CA ILE A 75 3.48 -4.07 3.55
C ILE A 75 2.29 -4.32 2.61
N PHE A 76 2.59 -4.81 1.41
CA PHE A 76 1.55 -5.18 0.45
C PHE A 76 0.64 -6.25 1.05
N GLN A 77 1.26 -7.25 1.68
CA GLN A 77 0.54 -8.32 2.35
C GLN A 77 -0.28 -7.77 3.51
N LYS A 78 0.33 -6.88 4.29
CA LYS A 78 -0.32 -6.25 5.42
C LYS A 78 -1.65 -5.61 5.00
N ILE A 79 -1.59 -4.88 3.89
CA ILE A 79 -2.76 -4.19 3.35
C ILE A 79 -3.84 -5.18 2.92
N SER A 80 -3.39 -6.37 2.51
CA SER A 80 -4.31 -7.41 2.05
C SER A 80 -4.94 -8.15 3.23
N GLN A 81 -4.43 -7.90 4.44
CA GLN A 81 -4.88 -8.60 5.64
C GLN A 81 -6.07 -7.89 6.30
N LEU A 82 -6.40 -6.69 5.85
CA LEU A 82 -7.47 -5.90 6.50
C LEU A 82 -8.83 -6.53 6.25
N ASP A 83 -8.95 -7.25 5.12
CA ASP A 83 -10.23 -7.85 4.69
C ASP A 83 -11.19 -6.79 4.16
N LYS A 84 -11.14 -5.60 4.77
CA LYS A 84 -11.97 -4.46 4.37
C LYS A 84 -11.54 -3.92 3.00
N VAL A 85 -10.39 -4.39 2.52
CA VAL A 85 -9.83 -3.91 1.27
C VAL A 85 -10.42 -4.69 0.08
N VAL A 86 -10.66 -3.98 -1.03
CA VAL A 86 -11.22 -4.58 -2.24
C VAL A 86 -10.27 -4.43 -3.43
N GLN A 87 -9.15 -3.74 -3.20
CA GLN A 87 -8.16 -3.50 -4.26
C GLN A 87 -6.80 -3.18 -3.63
N THR A 88 -5.77 -3.90 -4.06
CA THR A 88 -4.42 -3.76 -3.51
C THR A 88 -3.37 -3.65 -4.62
N LEU A 89 -2.74 -2.49 -4.75
CA LEU A 89 -1.64 -2.31 -5.71
C LEU A 89 -0.37 -1.88 -4.97
N GLY A 90 0.63 -2.75 -4.98
CA GLY A 90 1.93 -2.43 -4.39
C GLY A 90 2.98 -2.21 -5.46
N SER A 91 2.52 -2.19 -6.71
CA SER A 91 3.38 -2.01 -7.86
C SER A 91 3.05 -0.69 -8.58
N GLN A 1 15.43 -23.21 -20.89
CA GLN A 1 15.88 -22.54 -22.14
C GLN A 1 14.69 -22.34 -23.06
N GLY A 2 14.90 -21.61 -24.15
CA GLY A 2 13.85 -21.39 -25.13
C GLY A 2 14.11 -20.18 -26.00
N HIS A 3 13.75 -19.00 -25.47
CA HIS A 3 13.94 -17.74 -26.19
C HIS A 3 14.38 -16.64 -25.22
N MET A 4 15.23 -15.74 -25.70
CA MET A 4 15.79 -14.69 -24.85
C MET A 4 14.79 -13.54 -24.67
N PRO A 5 14.41 -13.23 -23.42
CA PRO A 5 13.53 -12.10 -23.11
C PRO A 5 14.26 -10.78 -23.28
N SER A 6 14.07 -10.16 -24.45
CA SER A 6 14.80 -8.95 -24.81
C SER A 6 14.59 -7.84 -23.78
N ASP A 7 15.52 -7.75 -22.83
CA ASP A 7 15.54 -6.70 -21.83
C ASP A 7 14.20 -6.63 -21.08
N SER A 8 13.59 -7.80 -20.86
CA SER A 8 12.31 -7.88 -20.17
C SER A 8 12.49 -7.72 -18.65
N LYS A 9 13.68 -7.28 -18.24
CA LYS A 9 13.98 -7.03 -16.84
C LYS A 9 13.23 -5.79 -16.35
N LYS A 10 12.68 -5.85 -15.14
CA LYS A 10 12.03 -4.70 -14.53
C LYS A 10 13.05 -3.86 -13.80
N PRO A 11 12.85 -2.52 -13.75
CA PRO A 11 13.81 -1.60 -13.14
C PRO A 11 14.03 -1.88 -11.66
N THR A 12 15.30 -1.81 -11.24
CA THR A 12 15.68 -1.96 -9.85
C THR A 12 15.10 -0.81 -9.02
N ILE A 13 14.19 -1.15 -8.12
CA ILE A 13 13.51 -0.17 -7.29
C ILE A 13 14.38 0.22 -6.10
N ILE A 14 14.38 1.50 -5.77
CA ILE A 14 15.24 2.05 -4.72
C ILE A 14 14.69 1.72 -3.34
N TYR A 15 15.54 1.14 -2.49
CA TYR A 15 15.20 0.85 -1.10
C TYR A 15 16.34 1.33 -0.19
N PRO A 16 16.03 1.97 0.95
CA PRO A 16 14.65 2.27 1.37
C PRO A 16 14.06 3.50 0.67
N CYS A 17 12.74 3.61 0.74
CA CYS A 17 12.02 4.73 0.11
C CYS A 17 10.56 4.69 0.52
N LEU A 18 9.86 5.80 0.29
CA LEU A 18 8.44 5.89 0.56
C LEU A 18 7.65 5.05 -0.45
N TRP A 19 7.08 3.95 0.01
CA TRP A 19 6.26 3.10 -0.84
C TRP A 19 4.80 3.50 -0.71
N ASP A 20 4.13 3.74 -1.83
CA ASP A 20 2.74 4.18 -1.84
C ASP A 20 1.80 3.00 -2.10
N TYR A 21 0.86 2.81 -1.17
CA TYR A 21 -0.14 1.76 -1.27
C TYR A 21 -1.46 2.34 -1.77
N ARG A 22 -2.10 1.64 -2.71
CA ARG A 22 -3.44 1.99 -3.14
C ARG A 22 -4.44 1.20 -2.31
N VAL A 23 -5.16 1.88 -1.42
CA VAL A 23 -6.10 1.23 -0.52
C VAL A 23 -7.52 1.64 -0.88
N ILE A 24 -8.42 0.66 -1.00
CA ILE A 24 -9.83 0.93 -1.28
C ILE A 24 -10.71 0.43 -0.14
N MET A 25 -11.24 1.37 0.63
CA MET A 25 -12.07 1.05 1.80
C MET A 25 -13.49 1.56 1.57
N THR A 26 -14.45 1.01 2.31
CA THR A 26 -15.85 1.41 2.18
C THR A 26 -16.23 2.45 3.24
N THR A 27 -15.23 3.03 3.87
CA THR A 27 -15.46 3.96 4.97
C THR A 27 -14.52 5.15 4.89
N LYS A 28 -14.93 6.25 5.52
CA LYS A 28 -14.08 7.43 5.66
C LYS A 28 -13.41 7.44 7.03
N ASP A 29 -13.82 6.50 7.87
CA ASP A 29 -13.27 6.39 9.22
C ASP A 29 -12.29 5.23 9.30
N THR A 30 -11.01 5.54 9.24
CA THR A 30 -9.98 4.54 9.31
C THR A 30 -8.92 4.92 10.34
N SER A 31 -9.03 4.33 11.53
CA SER A 31 -8.08 4.56 12.61
C SER A 31 -7.05 3.43 12.63
N THR A 32 -7.53 2.20 12.47
CA THR A 32 -6.68 1.01 12.48
C THR A 32 -5.56 1.13 11.45
N LEU A 33 -5.82 1.89 10.37
CA LEU A 33 -4.84 2.12 9.32
C LEU A 33 -3.62 2.85 9.90
N LYS A 34 -3.88 3.88 10.70
CA LYS A 34 -2.80 4.64 11.34
C LYS A 34 -2.17 3.83 12.45
N GLU A 35 -2.99 3.02 13.13
CA GLU A 35 -2.52 2.18 14.23
C GLU A 35 -1.38 1.27 13.77
N LEU A 36 -1.56 0.60 12.63
CA LEU A 36 -0.55 -0.32 12.11
C LEU A 36 0.70 0.45 11.72
N LEU A 37 0.53 1.70 11.31
CA LEU A 37 1.65 2.56 10.93
C LEU A 37 2.41 3.03 12.19
N GLU A 38 1.66 3.27 13.26
CA GLU A 38 2.24 3.75 14.52
C GLU A 38 3.15 2.69 15.14
N THR A 39 2.94 1.43 14.83
CA THR A 39 3.78 0.35 15.36
C THR A 39 5.22 0.53 14.90
N TYR A 40 5.38 1.00 13.66
CA TYR A 40 6.69 1.22 13.06
C TYR A 40 7.27 2.56 13.52
N GLN A 41 6.40 3.51 13.86
CA GLN A 41 6.81 4.83 14.32
C GLN A 41 7.70 5.55 13.30
N ARG A 42 7.46 5.26 12.02
CA ARG A 42 8.19 5.93 10.94
C ARG A 42 7.24 6.86 10.19
N PRO A 43 7.75 7.96 9.62
CA PRO A 43 6.93 8.97 8.94
C PRO A 43 6.09 8.36 7.81
N PHE A 44 4.83 8.77 7.73
CA PHE A 44 3.92 8.26 6.71
C PHE A 44 2.98 9.35 6.22
N LYS A 45 2.56 9.24 4.97
CA LYS A 45 1.63 10.18 4.36
C LYS A 45 0.30 9.48 4.09
N LEU A 46 -0.75 9.92 4.76
CA LEU A 46 -2.09 9.35 4.59
C LEU A 46 -2.97 10.36 3.86
N GLU A 47 -3.25 10.08 2.60
CA GLU A 47 -3.97 11.03 1.74
C GLU A 47 -5.20 10.39 1.13
N PHE A 48 -6.18 11.22 0.78
CA PHE A 48 -7.37 10.79 0.08
C PHE A 48 -7.16 10.94 -1.43
N LYS A 49 -7.01 9.82 -2.12
CA LYS A 49 -6.72 9.85 -3.56
C LYS A 49 -7.96 10.20 -4.37
N ASN A 50 -8.99 9.37 -4.25
CA ASN A 50 -10.20 9.51 -5.06
C ASN A 50 -11.32 8.65 -4.49
N THR A 51 -12.53 8.81 -4.99
CA THR A 51 -13.65 7.98 -4.60
C THR A 51 -14.53 7.70 -5.81
N SER A 52 -15.13 6.52 -5.85
CA SER A 52 -16.07 6.17 -6.90
C SER A 52 -17.23 7.17 -6.91
N LYS A 53 -17.82 7.39 -8.08
CA LYS A 53 -18.89 8.38 -8.23
C LYS A 53 -20.03 8.13 -7.23
N ASN A 54 -20.27 6.87 -6.92
CA ASN A 54 -21.35 6.47 -6.02
C ASN A 54 -20.98 6.75 -4.56
N ALA A 55 -19.69 6.98 -4.32
CA ALA A 55 -19.16 7.24 -2.98
C ALA A 55 -19.31 6.02 -2.06
N LYS A 56 -19.34 4.84 -2.66
CA LYS A 56 -19.37 3.59 -1.90
C LYS A 56 -17.95 3.12 -1.62
N PHE A 57 -17.06 3.32 -2.59
CA PHE A 57 -15.66 2.91 -2.48
C PHE A 57 -14.76 4.13 -2.43
N TYR A 58 -13.95 4.22 -1.38
CA TYR A 58 -13.02 5.33 -1.19
C TYR A 58 -11.58 4.84 -1.36
N SER A 59 -10.80 5.56 -2.15
CA SER A 59 -9.41 5.24 -2.38
C SER A 59 -8.49 6.12 -1.54
N PHE A 60 -7.80 5.51 -0.58
CA PHE A 60 -6.86 6.20 0.28
C PHE A 60 -5.42 5.88 -0.14
N ASN A 61 -4.48 6.67 0.36
CA ASN A 61 -3.07 6.52 0.05
C ASN A 61 -2.26 6.35 1.32
N VAL A 62 -1.43 5.31 1.35
CA VAL A 62 -0.47 5.12 2.43
C VAL A 62 0.95 5.18 1.86
N SER A 63 1.73 6.14 2.32
CA SER A 63 3.11 6.28 1.85
C SER A 63 4.06 6.31 3.04
N MET A 64 4.80 5.22 3.24
CA MET A 64 5.71 5.10 4.38
C MET A 64 7.04 4.52 3.91
N GLU A 65 8.10 4.87 4.63
CA GLU A 65 9.44 4.41 4.29
C GLU A 65 9.57 2.91 4.54
N VAL A 66 9.78 2.15 3.48
CA VAL A 66 10.00 0.72 3.60
C VAL A 66 11.50 0.43 3.49
N SER A 67 12.02 -0.30 4.46
CA SER A 67 13.46 -0.59 4.54
C SER A 67 13.91 -1.37 3.31
N ASN A 68 13.12 -2.37 2.95
CA ASN A 68 13.37 -3.18 1.77
C ASN A 68 12.09 -3.97 1.44
N GLU A 69 12.20 -4.95 0.55
CA GLU A 69 11.02 -5.68 0.08
C GLU A 69 10.24 -6.31 1.24
N SER A 70 10.96 -6.73 2.27
CA SER A 70 10.35 -7.39 3.42
C SER A 70 9.26 -6.51 4.04
N GLU A 71 9.58 -5.24 4.26
CA GLU A 71 8.66 -4.32 4.90
C GLU A 71 7.44 -4.05 4.01
N ARG A 72 7.69 -3.73 2.74
CA ARG A 72 6.60 -3.41 1.82
C ARG A 72 5.67 -4.61 1.62
N ASN A 73 6.14 -5.80 2.04
CA ASN A 73 5.32 -7.00 2.01
C ASN A 73 4.49 -7.11 3.29
N GLU A 74 5.14 -6.92 4.44
CA GLU A 74 4.47 -7.08 5.73
C GLU A 74 3.37 -6.04 5.90
N ILE A 75 3.69 -4.80 5.55
CA ILE A 75 2.77 -3.68 5.70
C ILE A 75 1.53 -3.88 4.83
N PHE A 76 1.75 -4.38 3.62
CA PHE A 76 0.65 -4.68 2.70
C PHE A 76 -0.37 -5.60 3.35
N GLN A 77 0.12 -6.55 4.14
CA GLN A 77 -0.74 -7.49 4.84
C GLN A 77 -1.49 -6.79 5.98
N LYS A 78 -0.80 -5.86 6.65
CA LYS A 78 -1.39 -5.11 7.76
C LYS A 78 -2.62 -4.34 7.27
N ILE A 79 -2.52 -3.82 6.05
CA ILE A 79 -3.59 -3.02 5.43
C ILE A 79 -4.88 -3.82 5.31
N SER A 80 -4.74 -5.14 5.16
CA SER A 80 -5.88 -6.02 5.00
C SER A 80 -6.58 -6.27 6.33
N GLN A 81 -5.88 -6.01 7.43
CA GLN A 81 -6.37 -6.36 8.76
C GLN A 81 -7.31 -5.29 9.33
N LEU A 82 -7.65 -4.29 8.52
CA LEU A 82 -8.55 -3.22 8.98
C LEU A 82 -10.00 -3.69 8.94
N ASP A 83 -10.25 -4.73 8.14
CA ASP A 83 -11.61 -5.30 7.96
C ASP A 83 -12.49 -4.41 7.07
N LYS A 84 -12.26 -3.10 7.14
CA LYS A 84 -13.10 -2.12 6.42
C LYS A 84 -12.60 -1.90 5.00
N VAL A 85 -11.61 -2.68 4.60
CA VAL A 85 -10.99 -2.54 3.28
C VAL A 85 -11.46 -3.66 2.34
N VAL A 86 -11.85 -3.29 1.12
CA VAL A 86 -12.35 -4.26 0.16
C VAL A 86 -11.25 -4.66 -0.84
N GLN A 87 -10.37 -3.72 -1.17
CA GLN A 87 -9.32 -3.98 -2.16
C GLN A 87 -7.99 -3.35 -1.72
N THR A 88 -6.91 -4.11 -1.89
CA THR A 88 -5.57 -3.66 -1.54
C THR A 88 -4.61 -3.83 -2.73
N LEU A 89 -4.01 -2.73 -3.17
CA LEU A 89 -3.07 -2.76 -4.30
C LEU A 89 -1.67 -2.37 -3.84
N GLY A 90 -0.69 -3.21 -4.15
CA GLY A 90 0.69 -2.95 -3.80
C GLY A 90 1.64 -3.88 -4.55
N SER A 91 1.58 -3.79 -5.88
CA SER A 91 2.37 -4.66 -6.75
C SER A 91 3.87 -4.36 -6.63
N GLN A 1 21.72 -17.83 -30.03
CA GLN A 1 22.76 -18.84 -30.37
C GLN A 1 24.05 -18.54 -29.62
N GLY A 2 24.29 -19.26 -28.52
CA GLY A 2 25.46 -19.03 -27.70
C GLY A 2 25.41 -17.69 -26.99
N HIS A 3 24.20 -17.28 -26.63
CA HIS A 3 23.97 -15.99 -25.99
C HIS A 3 23.96 -16.14 -24.46
N MET A 4 24.86 -15.43 -23.80
CA MET A 4 24.94 -15.44 -22.34
C MET A 4 23.93 -14.45 -21.77
N PRO A 5 23.49 -14.67 -20.51
CA PRO A 5 22.56 -13.74 -19.84
C PRO A 5 23.09 -12.30 -19.85
N SER A 6 22.61 -11.53 -20.82
CA SER A 6 23.05 -10.14 -21.00
C SER A 6 22.11 -9.19 -20.29
N ASP A 7 20.80 -9.36 -20.51
CA ASP A 7 19.78 -8.51 -19.90
C ASP A 7 19.01 -9.27 -18.83
N SER A 8 18.62 -8.56 -17.78
CA SER A 8 17.89 -9.17 -16.67
C SER A 8 16.38 -9.16 -16.96
N LYS A 9 15.66 -10.13 -16.40
CA LYS A 9 14.22 -10.22 -16.56
C LYS A 9 13.52 -9.42 -15.46
N LYS A 10 12.34 -8.88 -15.77
CA LYS A 10 11.54 -8.11 -14.80
C LYS A 10 12.22 -6.78 -14.45
N PRO A 11 11.42 -5.74 -14.11
CA PRO A 11 11.96 -4.44 -13.68
C PRO A 11 12.53 -4.50 -12.26
N THR A 12 13.64 -3.81 -12.06
CA THR A 12 14.30 -3.76 -10.76
C THR A 12 13.67 -2.67 -9.90
N ILE A 13 12.97 -3.09 -8.84
CA ILE A 13 12.31 -2.17 -7.93
C ILE A 13 13.31 -1.62 -6.91
N ILE A 14 13.17 -0.34 -6.59
CA ILE A 14 14.11 0.34 -5.70
C ILE A 14 13.76 0.08 -4.23
N TYR A 15 14.75 -0.41 -3.47
CA TYR A 15 14.61 -0.59 -2.03
C TYR A 15 15.88 -0.13 -1.32
N PRO A 16 15.76 0.66 -0.24
CA PRO A 16 14.48 1.12 0.31
C PRO A 16 13.91 2.30 -0.47
N CYS A 17 12.59 2.37 -0.57
CA CYS A 17 11.91 3.43 -1.29
C CYS A 17 10.45 3.55 -0.83
N LEU A 18 9.77 4.58 -1.33
CA LEU A 18 8.37 4.80 -1.01
C LEU A 18 7.47 3.92 -1.89
N TRP A 19 6.64 3.12 -1.25
CA TRP A 19 5.67 2.28 -1.96
C TRP A 19 4.27 2.87 -1.76
N ASP A 20 3.46 2.82 -2.81
CA ASP A 20 2.13 3.42 -2.79
C ASP A 20 1.05 2.36 -2.62
N TYR A 21 0.30 2.48 -1.53
CA TYR A 21 -0.81 1.57 -1.21
C TYR A 21 -2.14 2.29 -1.34
N ARG A 22 -3.04 1.76 -2.16
CA ARG A 22 -4.37 2.35 -2.34
C ARG A 22 -5.38 1.62 -1.46
N VAL A 23 -5.90 2.32 -0.47
CA VAL A 23 -6.79 1.73 0.53
C VAL A 23 -8.22 2.28 0.38
N ILE A 24 -9.16 1.40 0.05
CA ILE A 24 -10.56 1.80 -0.11
C ILE A 24 -11.38 1.30 1.08
N MET A 25 -11.94 2.22 1.85
CA MET A 25 -12.74 1.88 3.03
C MET A 25 -14.15 2.46 2.90
N THR A 26 -15.05 2.00 3.76
CA THR A 26 -16.43 2.46 3.78
C THR A 26 -16.65 3.53 4.87
N THR A 27 -15.55 4.08 5.36
CA THR A 27 -15.59 5.07 6.43
C THR A 27 -14.67 6.24 6.13
N LYS A 28 -14.93 7.37 6.77
CA LYS A 28 -14.02 8.51 6.73
C LYS A 28 -13.03 8.41 7.90
N ASP A 29 -13.37 7.53 8.85
CA ASP A 29 -12.57 7.37 10.06
C ASP A 29 -11.35 6.53 9.75
N THR A 30 -10.31 7.19 9.28
CA THR A 30 -9.04 6.53 9.05
C THR A 30 -8.17 6.64 10.29
N SER A 31 -8.15 5.57 11.08
CA SER A 31 -7.38 5.52 12.31
C SER A 31 -6.51 4.27 12.32
N THR A 32 -7.16 3.11 12.34
CA THR A 32 -6.49 1.82 12.33
C THR A 32 -5.42 1.76 11.23
N LEU A 33 -5.74 2.38 10.09
CA LEU A 33 -4.85 2.41 8.94
C LEU A 33 -3.52 3.07 9.30
N LYS A 34 -3.58 4.17 10.06
CA LYS A 34 -2.38 4.90 10.45
C LYS A 34 -1.63 4.15 11.54
N GLU A 35 -2.38 3.48 12.42
CA GLU A 35 -1.80 2.75 13.53
C GLU A 35 -0.77 1.74 13.04
N LEU A 36 -1.17 0.92 12.08
CA LEU A 36 -0.30 -0.12 11.54
C LEU A 36 0.94 0.50 10.88
N LEU A 37 0.78 1.70 10.34
CA LEU A 37 1.89 2.42 9.72
C LEU A 37 2.89 2.87 10.77
N GLU A 38 2.37 3.39 11.89
CA GLU A 38 3.20 3.96 12.94
C GLU A 38 3.96 2.89 13.71
N THR A 39 3.46 1.65 13.70
CA THR A 39 4.12 0.57 14.43
C THR A 39 5.51 0.28 13.84
N TYR A 40 5.73 0.70 12.58
CA TYR A 40 7.02 0.54 11.93
C TYR A 40 7.95 1.69 12.29
N GLN A 41 7.39 2.70 12.96
CA GLN A 41 8.16 3.89 13.40
C GLN A 41 8.78 4.62 12.22
N ARG A 42 8.08 4.61 11.08
CA ARG A 42 8.55 5.28 9.87
C ARG A 42 7.48 6.26 9.38
N PRO A 43 7.89 7.32 8.65
CA PRO A 43 6.95 8.33 8.13
C PRO A 43 6.06 7.77 7.02
N PHE A 44 4.90 8.37 6.86
CA PHE A 44 3.96 7.99 5.81
C PHE A 44 3.16 9.22 5.35
N LYS A 45 2.58 9.13 4.17
CA LYS A 45 1.77 10.21 3.61
C LYS A 45 0.33 9.72 3.44
N LEU A 46 -0.56 10.26 4.25
CA LEU A 46 -1.98 9.93 4.15
C LEU A 46 -2.70 10.96 3.29
N GLU A 47 -3.54 10.51 2.38
CA GLU A 47 -4.24 11.39 1.47
C GLU A 47 -5.61 10.82 1.11
N PHE A 48 -6.52 11.70 0.72
CA PHE A 48 -7.83 11.29 0.23
C PHE A 48 -7.89 11.54 -1.28
N LYS A 49 -8.42 10.59 -2.02
CA LYS A 49 -8.48 10.70 -3.49
C LYS A 49 -9.89 11.02 -3.96
N ASN A 50 -10.78 10.03 -3.90
CA ASN A 50 -12.16 10.19 -4.40
C ASN A 50 -13.14 9.39 -3.55
N THR A 51 -14.42 9.68 -3.76
CA THR A 51 -15.50 8.94 -3.13
C THR A 51 -16.53 8.54 -4.19
N SER A 52 -17.16 7.38 -4.01
CA SER A 52 -18.18 6.90 -4.93
C SER A 52 -19.37 7.87 -4.95
N LYS A 53 -20.23 7.74 -5.96
CA LYS A 53 -21.34 8.68 -6.18
C LYS A 53 -22.27 8.79 -4.97
N ASN A 54 -22.54 7.65 -4.33
CA ASN A 54 -23.41 7.63 -3.15
C ASN A 54 -22.59 7.78 -1.88
N ALA A 55 -21.30 8.10 -2.05
CA ALA A 55 -20.37 8.32 -0.93
C ALA A 55 -20.29 7.07 -0.04
N LYS A 56 -20.56 5.91 -0.63
CA LYS A 56 -20.52 4.65 0.11
C LYS A 56 -19.09 4.14 0.25
N PHE A 57 -18.24 4.49 -0.72
CA PHE A 57 -16.85 4.05 -0.73
C PHE A 57 -15.91 5.26 -0.74
N TYR A 58 -14.84 5.16 0.03
CA TYR A 58 -13.85 6.23 0.15
C TYR A 58 -12.47 5.70 -0.22
N SER A 59 -11.83 6.30 -1.21
CA SER A 59 -10.52 5.87 -1.67
C SER A 59 -9.42 6.75 -1.05
N PHE A 60 -8.59 6.13 -0.21
CA PHE A 60 -7.48 6.81 0.44
C PHE A 60 -6.15 6.43 -0.19
N ASN A 61 -5.24 7.39 -0.25
CA ASN A 61 -3.90 7.18 -0.80
C ASN A 61 -2.89 7.15 0.33
N VAL A 62 -2.13 6.06 0.43
CA VAL A 62 -1.12 5.91 1.48
C VAL A 62 0.24 5.60 0.87
N SER A 63 1.22 6.47 1.11
CA SER A 63 2.58 6.25 0.63
C SER A 63 3.55 6.20 1.81
N MET A 64 4.24 5.07 1.96
CA MET A 64 5.15 4.87 3.08
C MET A 64 6.44 4.20 2.62
N GLU A 65 7.48 4.28 3.43
CA GLU A 65 8.75 3.65 3.12
C GLU A 65 8.67 2.13 3.26
N VAL A 66 9.37 1.43 2.37
CA VAL A 66 9.53 -0.01 2.44
C VAL A 66 11.00 -0.36 2.20
N SER A 67 11.57 -1.13 3.11
CA SER A 67 12.99 -1.50 3.06
C SER A 67 13.20 -2.72 2.16
N ASN A 68 12.18 -3.57 2.08
CA ASN A 68 12.28 -4.80 1.29
C ASN A 68 10.91 -5.24 0.77
N GLU A 69 10.91 -6.35 0.05
CA GLU A 69 9.70 -6.90 -0.55
C GLU A 69 8.82 -7.56 0.52
N SER A 70 9.46 -8.06 1.58
CA SER A 70 8.75 -8.71 2.67
C SER A 70 7.74 -7.76 3.30
N GLU A 71 8.14 -6.48 3.45
CA GLU A 71 7.28 -5.47 4.04
C GLU A 71 6.15 -5.08 3.09
N ARG A 72 6.41 -5.23 1.79
CA ARG A 72 5.37 -4.98 0.77
C ARG A 72 4.15 -5.83 1.05
N ASN A 73 4.41 -7.11 1.36
CA ASN A 73 3.35 -8.08 1.66
C ASN A 73 2.85 -7.87 3.08
N GLU A 74 3.78 -7.58 3.99
CA GLU A 74 3.46 -7.38 5.40
C GLU A 74 2.41 -6.29 5.58
N ILE A 75 2.75 -5.11 5.10
CA ILE A 75 1.89 -3.94 5.24
C ILE A 75 0.57 -4.15 4.50
N PHE A 76 0.63 -4.85 3.37
CA PHE A 76 -0.56 -5.21 2.61
C PHE A 76 -1.55 -5.98 3.50
N GLN A 77 -1.01 -6.95 4.24
CA GLN A 77 -1.81 -7.75 5.17
C GLN A 77 -2.40 -6.87 6.27
N LYS A 78 -1.57 -5.98 6.80
CA LYS A 78 -1.99 -5.04 7.84
C LYS A 78 -3.20 -4.22 7.37
N ILE A 79 -3.13 -3.75 6.13
CA ILE A 79 -4.17 -2.90 5.55
C ILE A 79 -5.52 -3.63 5.46
N SER A 80 -5.49 -4.94 5.31
CA SER A 80 -6.72 -5.71 5.18
C SER A 80 -7.31 -6.07 6.55
N GLN A 81 -6.68 -5.60 7.62
CA GLN A 81 -7.13 -5.89 8.98
C GLN A 81 -7.93 -4.71 9.57
N LEU A 82 -8.35 -3.79 8.70
CA LEU A 82 -9.03 -2.58 9.16
C LEU A 82 -10.52 -2.83 9.39
N ASP A 83 -11.06 -3.87 8.74
CA ASP A 83 -12.51 -4.17 8.76
C ASP A 83 -13.30 -3.18 7.93
N LYS A 84 -13.00 -1.90 8.12
CA LYS A 84 -13.63 -0.81 7.36
C LYS A 84 -13.28 -0.91 5.87
N VAL A 85 -12.16 -1.57 5.58
CA VAL A 85 -11.64 -1.66 4.22
C VAL A 85 -12.39 -2.72 3.41
N VAL A 86 -12.63 -2.40 2.14
CA VAL A 86 -13.31 -3.33 1.21
C VAL A 86 -12.40 -3.71 0.05
N GLN A 87 -11.41 -2.87 -0.23
CA GLN A 87 -10.48 -3.11 -1.34
C GLN A 87 -9.07 -2.69 -0.95
N THR A 88 -8.11 -3.57 -1.22
CA THR A 88 -6.72 -3.35 -0.82
C THR A 88 -5.78 -3.50 -2.03
N LEU A 89 -5.20 -2.39 -2.47
CA LEU A 89 -4.21 -2.43 -3.56
C LEU A 89 -2.81 -2.21 -2.99
N GLY A 90 -2.04 -3.28 -2.92
CA GLY A 90 -0.69 -3.22 -2.38
C GLY A 90 0.37 -3.51 -3.42
N SER A 91 -0.09 -3.78 -4.64
CA SER A 91 0.81 -4.11 -5.74
C SER A 91 0.03 -3.97 -7.06
N GLN A 1 21.98 -21.67 -13.31
CA GLN A 1 21.24 -20.60 -12.60
C GLN A 1 21.71 -19.23 -13.07
N GLY A 2 21.10 -18.18 -12.52
CA GLY A 2 21.46 -16.82 -12.90
C GLY A 2 20.50 -16.24 -13.92
N HIS A 3 19.35 -15.79 -13.45
CA HIS A 3 18.33 -15.22 -14.32
C HIS A 3 18.33 -13.69 -14.24
N MET A 4 18.21 -13.04 -15.38
CA MET A 4 18.24 -11.58 -15.46
C MET A 4 16.86 -11.03 -15.84
N PRO A 5 16.59 -9.73 -15.55
CA PRO A 5 15.34 -9.07 -15.95
C PRO A 5 15.12 -9.13 -17.46
N SER A 6 13.89 -8.87 -17.89
CA SER A 6 13.53 -8.98 -19.30
C SER A 6 13.89 -7.68 -20.04
N ASP A 7 13.41 -7.54 -21.27
CA ASP A 7 13.72 -6.38 -22.11
C ASP A 7 13.17 -5.10 -21.47
N SER A 8 11.97 -5.21 -20.92
CA SER A 8 11.33 -4.09 -20.23
C SER A 8 10.57 -4.56 -18.99
N LYS A 9 10.14 -5.83 -19.02
CA LYS A 9 9.41 -6.41 -17.88
C LYS A 9 10.35 -6.61 -16.68
N LYS A 10 9.83 -6.32 -15.49
CA LYS A 10 10.61 -6.38 -14.25
C LYS A 10 11.70 -5.30 -14.25
N PRO A 11 11.31 -4.04 -13.96
CA PRO A 11 12.26 -2.92 -13.89
C PRO A 11 13.08 -2.95 -12.60
N THR A 12 14.14 -2.15 -12.56
CA THR A 12 15.00 -2.08 -11.38
C THR A 12 14.57 -0.95 -10.46
N ILE A 13 14.04 -1.30 -9.30
CA ILE A 13 13.61 -0.33 -8.30
C ILE A 13 14.66 -0.23 -7.20
N ILE A 14 15.05 0.99 -6.85
CA ILE A 14 16.06 1.22 -5.83
C ILE A 14 15.42 1.45 -4.48
N TYR A 15 15.62 0.51 -3.55
CA TYR A 15 15.07 0.59 -2.21
C TYR A 15 16.14 1.12 -1.24
N PRO A 16 15.73 1.80 -0.15
CA PRO A 16 14.33 2.11 0.17
C PRO A 16 13.82 3.35 -0.57
N CYS A 17 12.51 3.43 -0.77
CA CYS A 17 11.89 4.54 -1.49
C CYS A 17 10.41 4.62 -1.17
N LEU A 18 9.83 5.81 -1.39
CA LEU A 18 8.40 6.03 -1.17
C LEU A 18 7.56 5.24 -2.18
N TRP A 19 6.98 4.15 -1.72
CA TRP A 19 6.10 3.33 -2.54
C TRP A 19 4.65 3.73 -2.27
N ASP A 20 3.83 3.73 -3.31
CA ASP A 20 2.44 4.17 -3.21
C ASP A 20 1.50 2.97 -3.00
N TYR A 21 0.63 3.10 -2.01
CA TYR A 21 -0.39 2.10 -1.72
C TYR A 21 -1.77 2.76 -1.72
N ARG A 22 -2.57 2.45 -2.73
CA ARG A 22 -3.90 3.01 -2.86
C ARG A 22 -4.91 2.14 -2.11
N VAL A 23 -5.49 2.69 -1.05
CA VAL A 23 -6.40 1.95 -0.18
C VAL A 23 -7.84 2.41 -0.39
N ILE A 24 -8.74 1.46 -0.61
CA ILE A 24 -10.16 1.78 -0.77
C ILE A 24 -10.98 1.04 0.28
N MET A 25 -11.57 1.80 1.21
CA MET A 25 -12.38 1.23 2.28
C MET A 25 -13.81 1.76 2.21
N THR A 26 -14.69 1.20 3.03
CA THR A 26 -16.09 1.63 3.09
C THR A 26 -16.31 2.63 4.22
N THR A 27 -15.22 3.25 4.68
CA THR A 27 -15.27 4.16 5.81
C THR A 27 -14.21 5.26 5.66
N LYS A 28 -14.39 6.35 6.41
CA LYS A 28 -13.37 7.38 6.54
C LYS A 28 -12.48 7.08 7.73
N ASP A 29 -12.90 6.11 8.53
CA ASP A 29 -12.18 5.75 9.74
C ASP A 29 -10.97 4.90 9.39
N THR A 30 -9.88 5.56 9.07
CA THR A 30 -8.64 4.87 8.83
C THR A 30 -7.82 4.83 10.12
N SER A 31 -7.87 3.70 10.81
CA SER A 31 -7.16 3.52 12.06
C SER A 31 -6.28 2.28 11.95
N THR A 32 -6.92 1.13 11.76
CA THR A 32 -6.24 -0.15 11.58
C THR A 32 -5.14 -0.03 10.53
N LEU A 33 -5.41 0.78 9.50
CA LEU A 33 -4.45 1.03 8.43
C LEU A 33 -3.16 1.62 8.99
N LYS A 34 -3.30 2.66 9.81
CA LYS A 34 -2.14 3.31 10.42
C LYS A 34 -1.40 2.34 11.32
N GLU A 35 -2.14 1.61 12.14
CA GLU A 35 -1.57 0.72 13.15
C GLU A 35 -0.55 -0.23 12.52
N LEU A 36 -0.97 -0.92 11.45
CA LEU A 36 -0.12 -1.91 10.80
C LEU A 36 1.10 -1.24 10.17
N LEU A 37 0.94 0.00 9.72
CA LEU A 37 2.04 0.75 9.11
C LEU A 37 3.07 1.14 10.17
N GLU A 38 2.60 1.53 11.34
CA GLU A 38 3.46 2.01 12.41
C GLU A 38 4.28 0.88 13.05
N THR A 39 3.83 -0.37 12.88
CA THR A 39 4.57 -1.52 13.41
C THR A 39 5.94 -1.63 12.75
N TYR A 40 6.04 -1.13 11.51
CA TYR A 40 7.32 -1.11 10.79
C TYR A 40 8.22 0.00 11.34
N GLN A 41 7.66 0.82 12.22
CA GLN A 41 8.40 1.88 12.90
C GLN A 41 8.90 2.94 11.93
N ARG A 42 8.29 2.98 10.74
CA ARG A 42 8.69 3.94 9.71
C ARG A 42 7.58 4.96 9.46
N PRO A 43 7.93 6.17 8.99
CA PRO A 43 6.94 7.21 8.67
C PRO A 43 6.20 6.89 7.37
N PHE A 44 5.01 7.46 7.23
CA PHE A 44 4.18 7.23 6.04
C PHE A 44 3.35 8.46 5.72
N LYS A 45 2.99 8.59 4.45
CA LYS A 45 2.15 9.68 3.98
C LYS A 45 0.71 9.21 3.86
N LEU A 46 -0.13 9.67 4.78
CA LEU A 46 -1.56 9.33 4.78
C LEU A 46 -2.37 10.48 4.22
N GLU A 47 -3.09 10.25 3.13
CA GLU A 47 -3.94 11.27 2.52
C GLU A 47 -5.27 10.67 2.06
N PHE A 48 -6.34 11.45 2.22
CA PHE A 48 -7.63 11.12 1.65
C PHE A 48 -7.70 11.71 0.24
N LYS A 49 -7.92 10.84 -0.74
CA LYS A 49 -7.95 11.27 -2.14
C LYS A 49 -9.34 11.76 -2.52
N ASN A 50 -10.32 10.86 -2.46
CA ASN A 50 -11.69 11.19 -2.86
C ASN A 50 -12.63 10.04 -2.51
N THR A 51 -13.91 10.34 -2.41
CA THR A 51 -14.94 9.33 -2.25
C THR A 51 -15.37 8.83 -3.64
N SER A 52 -15.74 7.56 -3.72
CA SER A 52 -16.13 6.94 -4.99
C SER A 52 -17.32 7.68 -5.62
N LYS A 53 -17.76 7.19 -6.78
CA LYS A 53 -18.93 7.76 -7.45
C LYS A 53 -20.16 7.59 -6.55
N ASN A 54 -20.04 6.67 -5.60
CA ASN A 54 -21.01 6.51 -4.53
C ASN A 54 -20.25 6.61 -3.20
N ALA A 55 -20.83 7.30 -2.23
CA ALA A 55 -20.19 7.53 -0.93
C ALA A 55 -19.92 6.22 -0.20
N LYS A 56 -20.41 5.11 -0.76
CA LYS A 56 -20.20 3.78 -0.20
C LYS A 56 -18.71 3.49 -0.01
N PHE A 57 -17.88 4.05 -0.89
CA PHE A 57 -16.43 3.80 -0.84
C PHE A 57 -15.64 5.10 -0.70
N TYR A 58 -14.58 5.05 0.08
CA TYR A 58 -13.65 6.16 0.25
C TYR A 58 -12.24 5.73 -0.12
N SER A 59 -11.53 6.55 -0.86
CA SER A 59 -10.20 6.22 -1.35
C SER A 59 -9.11 6.99 -0.59
N PHE A 60 -8.27 6.25 0.13
CA PHE A 60 -7.11 6.81 0.82
C PHE A 60 -5.84 6.44 0.07
N ASN A 61 -4.75 7.12 0.40
CA ASN A 61 -3.45 6.84 -0.19
C ASN A 61 -2.38 6.83 0.88
N VAL A 62 -1.58 5.78 0.89
CA VAL A 62 -0.46 5.66 1.80
C VAL A 62 0.84 5.56 1.01
N SER A 63 1.74 6.52 1.20
CA SER A 63 3.04 6.51 0.57
C SER A 63 4.13 6.45 1.64
N MET A 64 4.77 5.30 1.78
CA MET A 64 5.81 5.12 2.79
C MET A 64 7.08 4.58 2.16
N GLU A 65 8.20 4.79 2.85
CA GLU A 65 9.49 4.30 2.38
C GLU A 65 9.62 2.81 2.70
N VAL A 66 9.56 1.98 1.68
CA VAL A 66 9.63 0.54 1.86
C VAL A 66 11.08 0.08 1.83
N SER A 67 11.46 -0.71 2.83
CA SER A 67 12.84 -1.16 2.99
C SER A 67 13.31 -1.98 1.79
N ASN A 68 12.49 -2.93 1.37
CA ASN A 68 12.84 -3.80 0.25
C ASN A 68 11.61 -4.38 -0.43
N GLU A 69 11.84 -5.22 -1.44
CA GLU A 69 10.78 -5.75 -2.30
C GLU A 69 9.89 -6.73 -1.52
N SER A 70 10.51 -7.41 -0.55
CA SER A 70 9.80 -8.41 0.24
C SER A 70 8.83 -7.70 1.19
N GLU A 71 9.32 -6.67 1.85
CA GLU A 71 8.54 -5.89 2.80
C GLU A 71 7.36 -5.24 2.07
N ARG A 72 7.63 -4.74 0.87
CA ARG A 72 6.60 -4.13 0.02
C ARG A 72 5.44 -5.11 -0.19
N ASN A 73 5.79 -6.35 -0.51
CA ASN A 73 4.78 -7.40 -0.73
C ASN A 73 4.00 -7.66 0.55
N GLU A 74 4.70 -7.64 1.67
CA GLU A 74 4.07 -7.86 2.97
C GLU A 74 3.06 -6.76 3.30
N ILE A 75 3.49 -5.52 3.16
CA ILE A 75 2.65 -4.36 3.49
C ILE A 75 1.35 -4.40 2.71
N PHE A 76 1.43 -4.76 1.43
CA PHE A 76 0.25 -4.91 0.58
C PHE A 76 -0.76 -5.87 1.22
N GLN A 77 -0.24 -6.97 1.75
CA GLN A 77 -1.07 -7.99 2.41
C GLN A 77 -1.64 -7.44 3.72
N LYS A 78 -0.80 -6.74 4.47
CA LYS A 78 -1.20 -6.16 5.75
C LYS A 78 -2.39 -5.22 5.57
N ILE A 79 -2.31 -4.39 4.53
CA ILE A 79 -3.33 -3.37 4.26
C ILE A 79 -4.70 -4.00 4.00
N SER A 80 -4.71 -5.19 3.44
CA SER A 80 -5.97 -5.87 3.13
C SER A 80 -6.53 -6.63 4.34
N GLN A 81 -5.92 -6.41 5.51
CA GLN A 81 -6.35 -7.08 6.74
C GLN A 81 -7.24 -6.17 7.59
N LEU A 82 -7.69 -5.06 7.00
CA LEU A 82 -8.56 -4.12 7.73
C LEU A 82 -9.99 -4.65 7.80
N ASP A 83 -10.32 -5.52 6.83
CA ASP A 83 -11.68 -6.08 6.67
C ASP A 83 -12.65 -5.03 6.15
N LYS A 84 -12.55 -3.81 6.68
CA LYS A 84 -13.35 -2.67 6.21
C LYS A 84 -12.88 -2.20 4.83
N VAL A 85 -11.79 -2.80 4.36
CA VAL A 85 -11.21 -2.47 3.05
C VAL A 85 -11.79 -3.39 1.97
N VAL A 86 -12.08 -2.84 0.81
CA VAL A 86 -12.67 -3.60 -0.29
C VAL A 86 -11.67 -3.79 -1.44
N GLN A 87 -10.69 -2.89 -1.52
CA GLN A 87 -9.71 -2.92 -2.60
C GLN A 87 -8.38 -2.31 -2.14
N THR A 88 -7.29 -2.99 -2.50
CA THR A 88 -5.95 -2.52 -2.18
C THR A 88 -5.08 -2.52 -3.44
N LEU A 89 -4.41 -1.41 -3.72
CA LEU A 89 -3.51 -1.31 -4.86
C LEU A 89 -2.08 -1.13 -4.37
N GLY A 90 -1.28 -2.19 -4.44
CA GLY A 90 0.13 -2.11 -4.12
C GLY A 90 0.99 -2.07 -5.36
N SER A 91 0.33 -2.20 -6.51
CA SER A 91 0.99 -2.18 -7.80
C SER A 91 0.33 -1.13 -8.70
N GLN A 1 1.18 -19.97 -10.40
CA GLN A 1 2.16 -18.87 -10.49
C GLN A 1 3.01 -19.03 -11.75
N GLY A 2 3.98 -18.12 -11.91
CA GLY A 2 4.88 -18.18 -13.04
C GLY A 2 4.88 -16.88 -13.82
N HIS A 3 6.02 -16.59 -14.45
CA HIS A 3 6.14 -15.40 -15.31
C HIS A 3 6.62 -15.82 -16.68
N MET A 4 6.17 -15.13 -17.71
CA MET A 4 6.66 -15.35 -19.06
C MET A 4 7.90 -14.49 -19.29
N PRO A 5 8.99 -15.08 -19.82
CA PRO A 5 10.26 -14.38 -20.05
C PRO A 5 10.08 -13.03 -20.75
N SER A 6 10.11 -11.96 -19.97
CA SER A 6 9.99 -10.61 -20.50
C SER A 6 11.21 -9.79 -20.08
N ASP A 7 12.18 -9.72 -20.97
CA ASP A 7 13.44 -9.02 -20.69
C ASP A 7 13.27 -7.52 -20.83
N SER A 8 13.36 -6.81 -19.71
CA SER A 8 13.26 -5.36 -19.70
C SER A 8 13.95 -4.83 -18.44
N LYS A 9 14.81 -3.82 -18.64
CA LYS A 9 15.57 -3.24 -17.53
C LYS A 9 14.63 -2.67 -16.46
N LYS A 10 14.48 -3.41 -15.37
CA LYS A 10 13.67 -2.98 -14.23
C LYS A 10 14.24 -1.69 -13.63
N PRO A 11 13.36 -0.72 -13.28
CA PRO A 11 13.79 0.55 -12.70
C PRO A 11 14.42 0.37 -11.31
N THR A 12 15.66 0.81 -11.17
CA THR A 12 16.37 0.71 -9.91
C THR A 12 15.87 1.76 -8.92
N ILE A 13 15.18 1.31 -7.89
CA ILE A 13 14.63 2.19 -6.88
C ILE A 13 15.63 2.40 -5.75
N ILE A 14 15.75 3.64 -5.29
CA ILE A 14 16.69 3.99 -4.24
C ILE A 14 16.05 3.85 -2.86
N TYR A 15 16.40 2.77 -2.17
CA TYR A 15 15.95 2.55 -0.80
C TYR A 15 17.01 3.07 0.18
N PRO A 16 16.61 3.62 1.35
CA PRO A 16 15.20 3.78 1.76
C PRO A 16 14.53 4.98 1.11
N CYS A 17 13.21 4.92 0.98
CA CYS A 17 12.44 6.00 0.36
C CYS A 17 10.96 5.88 0.72
N LEU A 18 10.23 6.97 0.55
CA LEU A 18 8.78 6.98 0.70
C LEU A 18 8.13 6.36 -0.53
N TRP A 19 7.35 5.31 -0.32
CA TRP A 19 6.66 4.63 -1.42
C TRP A 19 5.15 4.73 -1.24
N ASP A 20 4.42 4.84 -2.35
CA ASP A 20 2.97 4.99 -2.32
C ASP A 20 2.26 3.64 -2.37
N TYR A 21 1.30 3.45 -1.46
CA TYR A 21 0.49 2.24 -1.41
C TYR A 21 -0.98 2.61 -1.55
N ARG A 22 -1.60 2.18 -2.63
CA ARG A 22 -3.00 2.49 -2.89
C ARG A 22 -3.91 1.47 -2.20
N VAL A 23 -4.63 1.93 -1.19
CA VAL A 23 -5.51 1.06 -0.39
C VAL A 23 -6.96 1.43 -0.63
N ILE A 24 -7.71 0.54 -1.29
CA ILE A 24 -9.12 0.78 -1.54
C ILE A 24 -9.97 -0.04 -0.57
N MET A 25 -10.67 0.66 0.34
CA MET A 25 -11.51 0.02 1.34
C MET A 25 -12.95 0.50 1.22
N THR A 26 -13.88 -0.24 1.81
CA THR A 26 -15.30 0.07 1.74
C THR A 26 -15.76 0.91 2.94
N THR A 27 -14.80 1.45 3.69
CA THR A 27 -15.11 2.21 4.89
C THR A 27 -14.38 3.55 4.89
N LYS A 28 -14.87 4.47 5.73
CA LYS A 28 -14.20 5.74 5.96
C LYS A 28 -13.33 5.64 7.21
N ASP A 29 -13.56 4.59 8.00
CA ASP A 29 -12.84 4.39 9.25
C ASP A 29 -11.48 3.76 8.98
N THR A 30 -10.52 4.57 8.58
CA THR A 30 -9.17 4.10 8.39
C THR A 30 -8.48 3.99 9.76
N SER A 31 -8.42 2.77 10.27
CA SER A 31 -7.85 2.50 11.58
C SER A 31 -6.71 1.49 11.48
N THR A 32 -7.08 0.22 11.26
CA THR A 32 -6.11 -0.86 11.13
C THR A 32 -5.00 -0.50 10.15
N LEU A 33 -5.37 0.22 9.10
CA LEU A 33 -4.42 0.68 8.09
C LEU A 33 -3.30 1.49 8.70
N LYS A 34 -3.67 2.45 9.57
CA LYS A 34 -2.67 3.29 10.23
C LYS A 34 -1.95 2.53 11.34
N GLU A 35 -2.68 1.63 12.01
CA GLU A 35 -2.13 0.86 13.12
C GLU A 35 -0.91 0.05 12.69
N LEU A 36 -0.99 -0.58 11.52
CA LEU A 36 0.11 -1.41 11.02
C LEU A 36 1.30 -0.53 10.65
N LEU A 37 1.03 0.69 10.22
CA LEU A 37 2.07 1.65 9.88
C LEU A 37 2.86 2.02 11.15
N GLU A 38 2.13 2.20 12.24
CA GLU A 38 2.71 2.61 13.52
C GLU A 38 3.64 1.53 14.07
N THR A 39 3.34 0.25 13.78
CA THR A 39 4.14 -0.85 14.32
C THR A 39 5.58 -0.81 13.77
N TYR A 40 5.77 -0.14 12.63
CA TYR A 40 7.10 0.02 12.05
C TYR A 40 7.83 1.19 12.70
N GLN A 41 7.10 1.97 13.50
CA GLN A 41 7.67 3.11 14.22
C GLN A 41 8.23 4.17 13.26
N ARG A 42 7.69 4.18 12.04
CA ARG A 42 8.15 5.11 11.01
C ARG A 42 6.99 6.00 10.55
N PRO A 43 7.28 7.27 10.18
CA PRO A 43 6.24 8.21 9.73
C PRO A 43 5.63 7.82 8.39
N PHE A 44 4.46 8.40 8.09
CA PHE A 44 3.74 8.13 6.86
C PHE A 44 2.85 9.31 6.50
N LYS A 45 2.22 9.25 5.33
CA LYS A 45 1.26 10.27 4.91
C LYS A 45 -0.04 9.58 4.47
N LEU A 46 -1.10 9.78 5.24
CA LEU A 46 -2.40 9.18 4.96
C LEU A 46 -3.19 10.10 4.04
N GLU A 47 -3.63 9.57 2.89
CA GLU A 47 -4.37 10.34 1.90
C GLU A 47 -5.70 9.70 1.55
N PHE A 48 -6.71 10.54 1.33
CA PHE A 48 -7.96 10.11 0.73
C PHE A 48 -8.06 10.71 -0.67
N LYS A 49 -7.91 9.87 -1.68
CA LYS A 49 -7.85 10.34 -3.07
C LYS A 49 -9.23 10.75 -3.58
N ASN A 50 -10.17 9.82 -3.61
CA ASN A 50 -11.52 10.11 -4.11
C ASN A 50 -12.49 8.99 -3.75
N THR A 51 -13.79 9.27 -3.83
CA THR A 51 -14.82 8.27 -3.55
C THR A 51 -15.33 7.67 -4.86
N SER A 52 -15.49 6.35 -4.88
CA SER A 52 -15.85 5.62 -6.09
C SER A 52 -17.31 5.87 -6.49
N LYS A 53 -17.54 6.99 -7.20
CA LYS A 53 -18.85 7.33 -7.78
C LYS A 53 -20.00 7.17 -6.79
N ASN A 54 -20.46 5.93 -6.62
CA ASN A 54 -21.60 5.62 -5.75
C ASN A 54 -21.21 5.65 -4.28
N ALA A 55 -19.96 6.06 -4.01
CA ALA A 55 -19.44 6.15 -2.64
C ALA A 55 -19.38 4.76 -2.00
N LYS A 56 -19.40 3.72 -2.84
CA LYS A 56 -19.36 2.35 -2.37
C LYS A 56 -17.94 1.97 -1.94
N PHE A 57 -16.96 2.51 -2.65
CA PHE A 57 -15.56 2.26 -2.34
C PHE A 57 -14.84 3.59 -2.07
N TYR A 58 -13.84 3.55 -1.20
CA TYR A 58 -13.05 4.73 -0.87
C TYR A 58 -11.58 4.46 -1.14
N SER A 59 -10.95 5.32 -1.94
CA SER A 59 -9.55 5.15 -2.30
C SER A 59 -8.65 5.94 -1.36
N PHE A 60 -7.87 5.22 -0.55
CA PHE A 60 -6.87 5.82 0.31
C PHE A 60 -5.49 5.57 -0.27
N ASN A 61 -4.52 6.39 0.13
CA ASN A 61 -3.13 6.21 -0.30
C ASN A 61 -2.21 6.44 0.87
N VAL A 62 -1.27 5.52 1.05
CA VAL A 62 -0.29 5.63 2.13
C VAL A 62 1.11 5.76 1.55
N SER A 63 1.77 6.87 1.85
CA SER A 63 3.17 7.03 1.49
C SER A 63 4.02 6.89 2.74
N MET A 64 4.72 5.76 2.86
CA MET A 64 5.52 5.47 4.04
C MET A 64 6.93 5.07 3.63
N GLU A 65 7.86 5.17 4.57
CA GLU A 65 9.25 4.81 4.32
C GLU A 65 9.39 3.30 4.19
N VAL A 66 10.17 2.88 3.20
CA VAL A 66 10.58 1.48 3.07
C VAL A 66 12.10 1.41 3.03
N SER A 67 12.67 0.58 3.91
CA SER A 67 14.11 0.45 4.00
C SER A 67 14.62 -0.55 2.97
N ASN A 68 13.72 -1.43 2.53
CA ASN A 68 14.02 -2.44 1.53
C ASN A 68 12.75 -2.91 0.86
N GLU A 69 12.89 -3.80 -0.11
CA GLU A 69 11.76 -4.25 -0.90
C GLU A 69 11.02 -5.41 -0.22
N SER A 70 11.67 -6.06 0.74
CA SER A 70 11.00 -7.10 1.52
C SER A 70 9.86 -6.48 2.31
N GLU A 71 10.12 -5.28 2.86
CA GLU A 71 9.09 -4.51 3.55
C GLU A 71 8.03 -4.06 2.56
N ARG A 72 8.46 -3.70 1.35
CA ARG A 72 7.54 -3.27 0.29
C ARG A 72 6.46 -4.33 0.06
N ASN A 73 6.85 -5.59 0.22
CA ASN A 73 5.92 -6.71 0.08
C ASN A 73 5.18 -6.97 1.39
N GLU A 74 5.91 -6.91 2.51
CA GLU A 74 5.33 -7.15 3.82
C GLU A 74 4.19 -6.17 4.11
N ILE A 75 4.46 -4.89 3.91
CA ILE A 75 3.47 -3.83 4.12
C ILE A 75 2.25 -4.07 3.23
N PHE A 76 2.50 -4.50 1.99
CA PHE A 76 1.43 -4.86 1.06
C PHE A 76 0.53 -5.95 1.68
N GLN A 77 1.18 -6.91 2.33
CA GLN A 77 0.47 -8.00 3.00
C GLN A 77 -0.28 -7.49 4.22
N LYS A 78 0.32 -6.51 4.91
CA LYS A 78 -0.32 -5.87 6.06
C LYS A 78 -1.63 -5.22 5.62
N ILE A 79 -1.60 -4.59 4.46
CA ILE A 79 -2.76 -3.92 3.88
C ILE A 79 -3.89 -4.92 3.62
N SER A 80 -3.53 -6.16 3.37
CA SER A 80 -4.51 -7.21 3.11
C SER A 80 -5.19 -7.67 4.40
N GLN A 81 -4.55 -7.38 5.54
CA GLN A 81 -4.99 -7.89 6.83
C GLN A 81 -6.10 -7.04 7.45
N LEU A 82 -6.51 -5.98 6.76
CA LEU A 82 -7.54 -5.09 7.29
C LEU A 82 -8.92 -5.73 7.18
N ASP A 83 -9.04 -6.70 6.27
CA ASP A 83 -10.31 -7.42 6.02
C ASP A 83 -11.33 -6.54 5.30
N LYS A 84 -11.27 -5.25 5.55
CA LYS A 84 -12.17 -4.26 4.98
C LYS A 84 -11.65 -3.74 3.64
N VAL A 85 -10.53 -4.30 3.18
CA VAL A 85 -9.92 -3.87 1.94
C VAL A 85 -10.42 -4.71 0.77
N VAL A 86 -10.70 -4.06 -0.35
CA VAL A 86 -11.22 -4.75 -1.54
C VAL A 86 -10.20 -4.75 -2.68
N GLN A 87 -9.19 -3.90 -2.58
CA GLN A 87 -8.16 -3.82 -3.61
C GLN A 87 -6.87 -3.26 -3.02
N THR A 88 -5.76 -3.93 -3.29
CA THR A 88 -4.45 -3.55 -2.76
C THR A 88 -3.46 -3.30 -3.91
N LEU A 89 -2.88 -2.09 -3.94
CA LEU A 89 -1.85 -1.77 -4.93
C LEU A 89 -0.55 -1.37 -4.20
N GLY A 90 0.45 -2.24 -4.29
CA GLY A 90 1.74 -1.96 -3.66
C GLY A 90 2.85 -1.85 -4.68
N SER A 91 2.50 -2.06 -5.95
CA SER A 91 3.45 -1.97 -7.04
C SER A 91 3.79 -0.50 -7.31
N GLN A 1 23.60 -24.17 -22.97
CA GLN A 1 24.39 -22.92 -22.98
C GLN A 1 24.50 -22.35 -21.57
N GLY A 2 25.72 -22.24 -21.06
CA GLY A 2 25.95 -21.73 -19.72
C GLY A 2 25.87 -20.22 -19.66
N HIS A 3 24.70 -19.67 -19.97
CA HIS A 3 24.47 -18.23 -19.96
C HIS A 3 23.08 -17.92 -19.43
N MET A 4 23.01 -17.04 -18.43
CA MET A 4 21.72 -16.61 -17.89
C MET A 4 20.89 -15.94 -18.99
N PRO A 5 19.63 -16.40 -19.20
CA PRO A 5 18.77 -15.91 -20.30
C PRO A 5 18.57 -14.39 -20.28
N SER A 6 18.88 -13.75 -19.15
CA SER A 6 18.83 -12.30 -19.04
C SER A 6 17.39 -11.79 -19.18
N ASP A 7 16.42 -12.55 -18.67
CA ASP A 7 15.03 -12.13 -18.68
C ASP A 7 14.80 -11.10 -17.57
N SER A 8 14.88 -9.82 -17.93
CA SER A 8 14.73 -8.74 -16.95
C SER A 8 13.92 -7.58 -17.53
N LYS A 9 12.62 -7.58 -17.25
CA LYS A 9 11.74 -6.49 -17.64
C LYS A 9 11.22 -5.79 -16.38
N LYS A 10 10.21 -4.93 -16.55
CA LYS A 10 9.57 -4.21 -15.43
C LYS A 10 10.49 -3.09 -14.91
N PRO A 11 9.92 -1.90 -14.63
CA PRO A 11 10.69 -0.76 -14.12
C PRO A 11 11.31 -1.05 -12.75
N THR A 12 12.63 -0.96 -12.67
CA THR A 12 13.36 -1.21 -11.43
C THR A 12 13.17 -0.06 -10.46
N ILE A 13 12.77 -0.39 -9.23
CA ILE A 13 12.56 0.60 -8.18
C ILE A 13 13.76 0.60 -7.24
N ILE A 14 14.25 1.79 -6.91
CA ILE A 14 15.42 1.93 -6.07
C ILE A 14 15.03 1.85 -4.59
N TYR A 15 15.11 0.66 -4.03
CA TYR A 15 14.87 0.46 -2.61
C TYR A 15 16.09 0.92 -1.80
N PRO A 16 15.90 1.61 -0.66
CA PRO A 16 14.58 1.95 -0.10
C PRO A 16 13.97 3.20 -0.77
N CYS A 17 12.65 3.19 -0.91
CA CYS A 17 11.93 4.30 -1.53
C CYS A 17 10.50 4.36 -1.02
N LEU A 18 9.81 5.45 -1.34
CA LEU A 18 8.41 5.63 -0.97
C LEU A 18 7.52 4.84 -1.93
N TRP A 19 6.47 4.25 -1.41
CA TRP A 19 5.53 3.48 -2.21
C TRP A 19 4.10 3.94 -1.89
N ASP A 20 3.27 4.06 -2.91
CA ASP A 20 1.88 4.49 -2.74
C ASP A 20 0.95 3.28 -2.71
N TYR A 21 0.10 3.22 -1.69
CA TYR A 21 -0.87 2.14 -1.52
C TYR A 21 -2.29 2.71 -1.60
N ARG A 22 -3.04 2.32 -2.62
CA ARG A 22 -4.42 2.77 -2.77
C ARG A 22 -5.33 1.95 -1.86
N VAL A 23 -5.83 2.59 -0.80
CA VAL A 23 -6.66 1.92 0.19
C VAL A 23 -8.10 2.42 0.13
N ILE A 24 -9.00 1.54 -0.30
CA ILE A 24 -10.41 1.90 -0.44
C ILE A 24 -11.23 1.32 0.72
N MET A 25 -11.70 2.18 1.61
CA MET A 25 -12.43 1.77 2.80
C MET A 25 -13.84 2.37 2.81
N THR A 26 -14.75 1.77 3.56
CA THR A 26 -16.13 2.26 3.67
C THR A 26 -16.32 3.13 4.92
N THR A 27 -15.22 3.58 5.50
CA THR A 27 -15.26 4.44 6.66
C THR A 27 -14.25 5.58 6.51
N LYS A 28 -14.69 6.81 6.78
CA LYS A 28 -13.84 7.97 6.66
C LYS A 28 -12.82 8.01 7.79
N ASP A 29 -13.10 7.29 8.86
CA ASP A 29 -12.22 7.27 10.02
C ASP A 29 -11.35 6.03 10.00
N THR A 30 -10.25 6.11 9.27
CA THR A 30 -9.28 5.04 9.22
C THR A 30 -8.24 5.25 10.31
N SER A 31 -8.03 4.24 11.16
CA SER A 31 -7.09 4.36 12.26
C SER A 31 -6.20 3.12 12.32
N THR A 32 -6.83 1.95 12.36
CA THR A 32 -6.10 0.68 12.38
C THR A 32 -5.09 0.61 11.23
N LEU A 33 -5.46 1.23 10.11
CA LEU A 33 -4.59 1.34 8.94
C LEU A 33 -3.30 2.06 9.31
N LYS A 34 -3.43 3.16 10.04
CA LYS A 34 -2.27 3.95 10.45
C LYS A 34 -1.51 3.25 11.57
N GLU A 35 -2.24 2.51 12.40
CA GLU A 35 -1.64 1.79 13.52
C GLU A 35 -0.64 0.73 13.03
N LEU A 36 -1.04 -0.05 12.02
CA LEU A 36 -0.16 -1.07 11.46
C LEU A 36 1.05 -0.43 10.78
N LEU A 37 0.85 0.77 10.24
CA LEU A 37 1.94 1.54 9.64
C LEU A 37 2.88 2.04 10.74
N GLU A 38 2.29 2.41 11.88
CA GLU A 38 3.05 2.92 13.02
C GLU A 38 3.95 1.84 13.61
N THR A 39 3.54 0.58 13.51
CA THR A 39 4.30 -0.52 14.09
C THR A 39 5.62 -0.74 13.34
N TYR A 40 5.71 -0.21 12.12
CA TYR A 40 6.96 -0.25 11.36
C TYR A 40 7.91 0.82 11.88
N GLN A 41 7.36 1.75 12.67
CA GLN A 41 8.11 2.83 13.31
C GLN A 41 8.82 3.70 12.27
N ARG A 42 8.28 3.71 11.05
CA ARG A 42 8.81 4.54 9.98
C ARG A 42 7.79 5.61 9.61
N PRO A 43 8.24 6.77 9.09
CA PRO A 43 7.34 7.85 8.67
C PRO A 43 6.50 7.47 7.46
N PHE A 44 5.28 8.02 7.39
CA PHE A 44 4.38 7.76 6.28
C PHE A 44 3.38 8.89 6.13
N LYS A 45 2.93 9.10 4.89
CA LYS A 45 1.94 10.12 4.57
C LYS A 45 0.58 9.47 4.34
N LEU A 46 -0.40 9.87 5.13
CA LEU A 46 -1.77 9.40 4.95
C LEU A 46 -2.57 10.50 4.26
N GLU A 47 -2.94 10.27 3.00
CA GLU A 47 -3.69 11.25 2.22
C GLU A 47 -4.99 10.66 1.69
N PHE A 48 -6.10 11.35 1.95
CA PHE A 48 -7.40 10.96 1.43
C PHE A 48 -7.55 11.49 0.00
N LYS A 49 -7.56 10.56 -0.96
CA LYS A 49 -7.65 10.94 -2.37
C LYS A 49 -8.98 11.61 -2.66
N ASN A 50 -10.06 10.83 -2.56
CA ASN A 50 -11.40 11.33 -2.80
C ASN A 50 -12.42 10.21 -2.58
N THR A 51 -13.70 10.58 -2.45
CA THR A 51 -14.76 9.62 -2.24
C THR A 51 -15.49 9.34 -3.55
N SER A 52 -15.96 8.11 -3.74
CA SER A 52 -16.72 7.74 -4.92
C SER A 52 -17.86 8.75 -5.14
N LYS A 53 -18.30 8.90 -6.39
CA LYS A 53 -19.34 9.88 -6.71
C LYS A 53 -20.65 9.51 -6.00
N ASN A 54 -20.86 8.21 -5.80
CA ASN A 54 -22.03 7.71 -5.08
C ASN A 54 -21.78 7.73 -3.56
N ALA A 55 -20.59 8.18 -3.17
CA ALA A 55 -20.20 8.30 -1.76
C ALA A 55 -20.22 6.95 -1.05
N LYS A 56 -20.10 5.88 -1.81
CA LYS A 56 -20.13 4.52 -1.27
C LYS A 56 -18.76 4.12 -0.71
N PHE A 57 -17.70 4.42 -1.46
CA PHE A 57 -16.34 4.05 -1.07
C PHE A 57 -15.48 5.30 -0.88
N TYR A 58 -14.64 5.28 0.15
CA TYR A 58 -13.73 6.38 0.43
C TYR A 58 -12.30 5.95 0.09
N SER A 59 -11.69 6.64 -0.87
CA SER A 59 -10.36 6.26 -1.36
C SER A 59 -9.26 7.01 -0.62
N PHE A 60 -8.48 6.26 0.16
CA PHE A 60 -7.31 6.79 0.86
C PHE A 60 -6.06 6.33 0.14
N ASN A 61 -4.93 6.94 0.47
CA ASN A 61 -3.65 6.54 -0.12
C ASN A 61 -2.54 6.61 0.94
N VAL A 62 -1.83 5.51 1.11
CA VAL A 62 -0.72 5.43 2.04
C VAL A 62 0.60 5.55 1.30
N SER A 63 1.39 6.55 1.63
CA SER A 63 2.71 6.72 1.06
C SER A 63 3.77 6.51 2.15
N MET A 64 4.45 5.38 2.12
CA MET A 64 5.41 5.04 3.17
C MET A 64 6.71 4.52 2.58
N GLU A 65 7.76 4.54 3.38
CA GLU A 65 9.05 4.01 2.97
C GLU A 65 9.03 2.49 2.99
N VAL A 66 9.62 1.88 1.97
CA VAL A 66 9.84 0.44 1.96
C VAL A 66 11.32 0.16 1.68
N SER A 67 11.94 -0.62 2.54
CA SER A 67 13.35 -0.95 2.40
C SER A 67 13.50 -2.20 1.53
N ASN A 68 12.50 -3.06 1.60
CA ASN A 68 12.48 -4.26 0.79
C ASN A 68 11.08 -4.53 0.26
N GLU A 69 10.95 -5.59 -0.52
CA GLU A 69 9.69 -5.93 -1.17
C GLU A 69 8.82 -6.78 -0.24
N SER A 70 9.47 -7.49 0.70
CA SER A 70 8.77 -8.31 1.67
C SER A 70 7.83 -7.42 2.49
N GLU A 71 8.29 -6.20 2.80
CA GLU A 71 7.45 -5.21 3.47
C GLU A 71 6.29 -4.82 2.56
N ARG A 72 6.60 -4.55 1.30
CA ARG A 72 5.59 -4.18 0.31
C ARG A 72 4.46 -5.22 0.26
N ASN A 73 4.84 -6.49 0.40
CA ASN A 73 3.88 -7.58 0.41
C ASN A 73 3.10 -7.60 1.72
N GLU A 74 3.83 -7.51 2.83
CA GLU A 74 3.25 -7.57 4.17
C GLU A 74 2.23 -6.44 4.38
N ILE A 75 2.64 -5.22 4.06
CA ILE A 75 1.79 -4.04 4.23
C ILE A 75 0.48 -4.22 3.47
N PHE A 76 0.57 -4.74 2.25
CA PHE A 76 -0.61 -5.02 1.44
C PHE A 76 -1.57 -5.94 2.19
N GLN A 77 -1.01 -6.92 2.89
CA GLN A 77 -1.78 -7.86 3.69
C GLN A 77 -2.36 -7.17 4.93
N LYS A 78 -1.53 -6.34 5.56
CA LYS A 78 -1.93 -5.60 6.76
C LYS A 78 -3.18 -4.77 6.49
N ILE A 79 -3.21 -4.11 5.33
CA ILE A 79 -4.32 -3.24 4.94
C ILE A 79 -5.64 -4.02 4.87
N SER A 80 -5.56 -5.31 4.58
CA SER A 80 -6.75 -6.15 4.47
C SER A 80 -7.32 -6.45 5.86
N GLN A 81 -6.45 -6.48 6.87
CA GLN A 81 -6.82 -6.90 8.22
C GLN A 81 -7.73 -5.89 8.91
N LEU A 82 -8.10 -4.83 8.21
CA LEU A 82 -8.95 -3.78 8.78
C LEU A 82 -10.42 -4.18 8.71
N ASP A 83 -10.76 -5.03 7.73
CA ASP A 83 -12.14 -5.45 7.45
C ASP A 83 -12.96 -4.31 6.81
N LYS A 84 -12.67 -3.08 7.24
CA LYS A 84 -13.32 -1.88 6.74
C LYS A 84 -12.92 -1.58 5.29
N VAL A 85 -11.91 -2.30 4.80
CA VAL A 85 -11.40 -2.11 3.46
C VAL A 85 -12.14 -3.01 2.47
N VAL A 86 -12.58 -2.44 1.36
CA VAL A 86 -13.27 -3.21 0.32
C VAL A 86 -12.32 -3.57 -0.82
N GLN A 87 -11.25 -2.77 -0.95
CA GLN A 87 -10.23 -3.02 -1.96
C GLN A 87 -8.96 -2.26 -1.59
N THR A 88 -7.82 -2.88 -1.87
CA THR A 88 -6.53 -2.27 -1.62
C THR A 88 -5.57 -2.64 -2.74
N LEU A 89 -4.75 -1.68 -3.17
CA LEU A 89 -3.79 -1.87 -4.23
C LEU A 89 -2.38 -1.59 -3.72
N GLY A 90 -1.62 -2.66 -3.52
CA GLY A 90 -0.23 -2.54 -3.09
C GLY A 90 0.70 -3.07 -4.14
N SER A 91 0.39 -2.75 -5.39
CA SER A 91 1.14 -3.23 -6.54
C SER A 91 2.53 -2.59 -6.57
N GLN A 1 12.90 -16.47 -17.76
CA GLN A 1 13.12 -17.01 -16.40
C GLN A 1 14.40 -16.42 -15.80
N GLY A 2 15.55 -17.03 -16.12
CA GLY A 2 16.83 -16.49 -15.69
C GLY A 2 17.22 -15.30 -16.54
N HIS A 3 16.84 -15.36 -17.81
CA HIS A 3 17.04 -14.27 -18.75
C HIS A 3 15.72 -13.93 -19.41
N MET A 4 15.58 -12.67 -19.80
CA MET A 4 14.43 -12.20 -20.55
C MET A 4 14.93 -11.40 -21.76
N PRO A 5 14.08 -11.18 -22.78
CA PRO A 5 14.46 -10.38 -23.96
C PRO A 5 14.82 -8.95 -23.58
N SER A 6 15.17 -8.14 -24.58
CA SER A 6 15.49 -6.74 -24.37
C SER A 6 14.25 -5.99 -23.86
N ASP A 7 14.05 -6.04 -22.55
CA ASP A 7 12.90 -5.41 -21.91
C ASP A 7 13.30 -4.78 -20.59
N SER A 8 12.49 -3.84 -20.12
CA SER A 8 12.70 -3.18 -18.84
C SER A 8 11.64 -3.66 -17.85
N LYS A 9 11.11 -4.85 -18.11
CA LYS A 9 10.05 -5.45 -17.31
C LYS A 9 10.57 -5.80 -15.91
N LYS A 10 9.76 -5.54 -14.89
CA LYS A 10 10.16 -5.73 -13.49
C LYS A 10 11.40 -4.88 -13.16
N PRO A 11 11.20 -3.57 -12.96
CA PRO A 11 12.31 -2.64 -12.67
C PRO A 11 12.93 -2.90 -11.30
N THR A 12 14.26 -2.87 -11.25
CA THR A 12 15.00 -3.09 -10.02
C THR A 12 14.79 -1.92 -9.05
N ILE A 13 14.07 -2.19 -7.97
CA ILE A 13 13.77 -1.17 -6.98
C ILE A 13 14.88 -1.06 -5.94
N ILE A 14 15.36 0.16 -5.71
CA ILE A 14 16.41 0.41 -4.73
C ILE A 14 15.80 0.70 -3.36
N TYR A 15 16.24 -0.03 -2.35
CA TYR A 15 15.73 0.11 -0.99
C TYR A 15 16.79 0.71 -0.07
N PRO A 16 16.40 1.47 0.98
CA PRO A 16 15.00 1.82 1.24
C PRO A 16 14.52 3.00 0.40
N CYS A 17 13.20 3.09 0.23
CA CYS A 17 12.59 4.14 -0.57
C CYS A 17 11.09 4.21 -0.27
N LEU A 18 10.44 5.26 -0.78
CA LEU A 18 9.01 5.48 -0.57
C LEU A 18 8.17 4.59 -1.48
N TRP A 19 7.52 3.60 -0.90
CA TRP A 19 6.59 2.77 -1.66
C TRP A 19 5.18 3.30 -1.47
N ASP A 20 4.36 3.17 -2.50
CA ASP A 20 3.02 3.76 -2.52
C ASP A 20 1.94 2.68 -2.60
N TYR A 21 1.08 2.66 -1.58
CA TYR A 21 0.00 1.69 -1.48
C TYR A 21 -1.35 2.35 -1.73
N ARG A 22 -2.15 1.74 -2.61
CA ARG A 22 -3.51 2.20 -2.88
C ARG A 22 -4.49 1.43 -2.00
N VAL A 23 -5.08 2.11 -1.01
CA VAL A 23 -5.95 1.45 -0.05
C VAL A 23 -7.40 1.84 -0.31
N ILE A 24 -8.16 0.94 -0.92
CA ILE A 24 -9.58 1.17 -1.18
C ILE A 24 -10.42 0.56 -0.07
N MET A 25 -11.13 1.42 0.67
CA MET A 25 -11.93 0.99 1.81
C MET A 25 -13.40 1.37 1.59
N THR A 26 -14.30 0.66 2.25
CA THR A 26 -15.73 0.96 2.18
C THR A 26 -16.15 1.89 3.33
N THR A 27 -15.19 2.68 3.81
CA THR A 27 -15.44 3.63 4.89
C THR A 27 -14.44 4.77 4.83
N LYS A 28 -14.80 5.90 5.43
CA LYS A 28 -13.88 7.04 5.56
C LYS A 28 -13.33 7.10 6.98
N ASP A 29 -13.63 6.05 7.76
CA ASP A 29 -13.10 5.93 9.11
C ASP A 29 -11.71 5.29 9.05
N THR A 30 -10.70 6.13 8.90
CA THR A 30 -9.34 5.66 8.76
C THR A 30 -8.53 5.90 10.05
N SER A 31 -8.37 4.83 10.82
CA SER A 31 -7.56 4.85 12.02
C SER A 31 -6.76 3.56 12.09
N THR A 32 -7.46 2.43 12.02
CA THR A 32 -6.84 1.11 11.99
C THR A 32 -5.68 1.06 10.97
N LEU A 33 -5.89 1.76 9.85
CA LEU A 33 -4.90 1.83 8.77
C LEU A 33 -3.60 2.45 9.27
N LYS A 34 -3.71 3.55 10.00
CA LYS A 34 -2.54 4.27 10.48
C LYS A 34 -1.84 3.50 11.60
N GLU A 35 -2.64 2.87 12.46
CA GLU A 35 -2.12 2.14 13.61
C GLU A 35 -1.04 1.14 13.19
N LEU A 36 -1.36 0.31 12.18
CA LEU A 36 -0.45 -0.73 11.73
C LEU A 36 0.81 -0.11 11.11
N LEU A 37 0.65 1.06 10.49
CA LEU A 37 1.77 1.75 9.87
C LEU A 37 2.75 2.24 10.94
N GLU A 38 2.21 2.72 12.04
CA GLU A 38 3.01 3.31 13.11
C GLU A 38 3.80 2.24 13.88
N THR A 39 3.37 0.98 13.80
CA THR A 39 4.05 -0.10 14.49
C THR A 39 5.49 -0.25 14.01
N TYR A 40 5.73 0.16 12.77
CA TYR A 40 7.05 0.09 12.16
C TYR A 40 7.94 1.24 12.64
N GLN A 41 7.33 2.20 13.35
CA GLN A 41 8.04 3.37 13.87
C GLN A 41 8.63 4.21 12.72
N ARG A 42 8.13 3.97 11.51
CA ARG A 42 8.61 4.67 10.32
C ARG A 42 7.56 5.68 9.85
N PRO A 43 7.98 6.79 9.23
CA PRO A 43 7.05 7.82 8.72
C PRO A 43 6.23 7.33 7.54
N PHE A 44 5.11 8.00 7.29
CA PHE A 44 4.23 7.66 6.18
C PHE A 44 3.37 8.86 5.79
N LYS A 45 2.99 8.93 4.52
CA LYS A 45 2.17 10.01 4.01
C LYS A 45 0.79 9.48 3.64
N LEU A 46 -0.22 9.91 4.39
CA LEU A 46 -1.60 9.49 4.18
C LEU A 46 -2.40 10.59 3.50
N GLU A 47 -3.03 10.26 2.38
CA GLU A 47 -3.87 11.20 1.64
C GLU A 47 -5.09 10.48 1.07
N PHE A 48 -6.23 11.16 1.06
CA PHE A 48 -7.44 10.61 0.45
C PHE A 48 -7.48 11.00 -1.02
N LYS A 49 -7.30 10.00 -1.90
CA LYS A 49 -7.21 10.25 -3.33
C LYS A 49 -8.57 10.59 -3.93
N ASN A 50 -9.50 9.65 -3.91
CA ASN A 50 -10.77 9.82 -4.59
C ASN A 50 -11.79 8.77 -4.17
N THR A 51 -13.05 9.18 -4.05
CA THR A 51 -14.14 8.26 -3.86
C THR A 51 -14.79 7.95 -5.22
N SER A 52 -15.01 6.67 -5.48
CA SER A 52 -15.70 6.25 -6.71
C SER A 52 -17.07 6.92 -6.79
N LYS A 53 -17.62 7.03 -8.00
CA LYS A 53 -18.90 7.71 -8.21
C LYS A 53 -20.01 7.07 -7.37
N ASN A 54 -19.88 5.77 -7.13
CA ASN A 54 -20.85 5.01 -6.32
C ASN A 54 -20.80 5.45 -4.86
N ALA A 55 -19.69 6.09 -4.48
CA ALA A 55 -19.46 6.54 -3.10
C ALA A 55 -19.33 5.35 -2.14
N LYS A 56 -19.18 4.16 -2.70
CA LYS A 56 -19.01 2.93 -1.91
C LYS A 56 -17.53 2.65 -1.70
N PHE A 57 -16.70 3.08 -2.66
CA PHE A 57 -15.27 2.78 -2.63
C PHE A 57 -14.47 4.06 -2.41
N TYR A 58 -13.92 4.19 -1.22
CA TYR A 58 -13.10 5.35 -0.85
C TYR A 58 -11.62 5.00 -1.01
N SER A 59 -10.92 5.71 -1.88
CA SER A 59 -9.52 5.41 -2.16
C SER A 59 -8.59 6.28 -1.32
N PHE A 60 -7.82 5.65 -0.44
CA PHE A 60 -6.80 6.31 0.35
C PHE A 60 -5.43 6.00 -0.22
N ASN A 61 -4.44 6.78 0.19
CA ASN A 61 -3.09 6.66 -0.33
C ASN A 61 -2.08 6.64 0.81
N VAL A 62 -1.23 5.61 0.84
CA VAL A 62 -0.18 5.52 1.83
C VAL A 62 1.18 5.48 1.12
N SER A 63 2.02 6.47 1.39
CA SER A 63 3.37 6.51 0.84
C SER A 63 4.37 6.48 1.99
N MET A 64 5.05 5.35 2.18
CA MET A 64 5.92 5.14 3.33
C MET A 64 7.25 4.52 2.93
N GLU A 65 8.29 4.82 3.70
CA GLU A 65 9.63 4.29 3.44
C GLU A 65 9.69 2.82 3.83
N VAL A 66 9.93 1.96 2.84
CA VAL A 66 10.10 0.54 3.10
C VAL A 66 11.58 0.20 3.17
N SER A 67 11.99 -0.45 4.26
CA SER A 67 13.40 -0.75 4.50
C SER A 67 13.92 -1.73 3.45
N ASN A 68 13.10 -2.71 3.10
CA ASN A 68 13.50 -3.76 2.17
C ASN A 68 12.28 -4.49 1.63
N GLU A 69 12.54 -5.54 0.84
CA GLU A 69 11.49 -6.33 0.20
C GLU A 69 10.50 -6.86 1.24
N SER A 70 11.04 -7.37 2.34
CA SER A 70 10.24 -7.93 3.42
C SER A 70 9.16 -6.95 3.89
N GLU A 71 9.58 -5.72 4.20
CA GLU A 71 8.65 -4.69 4.67
C GLU A 71 7.56 -4.43 3.63
N ARG A 72 7.98 -4.33 2.37
CA ARG A 72 7.07 -3.96 1.27
C ARG A 72 5.93 -4.97 1.14
N ASN A 73 6.19 -6.23 1.48
CA ASN A 73 5.17 -7.28 1.42
C ASN A 73 4.39 -7.35 2.74
N GLU A 74 5.12 -7.26 3.85
CA GLU A 74 4.53 -7.36 5.18
C GLU A 74 3.45 -6.30 5.38
N ILE A 75 3.82 -5.04 5.12
CA ILE A 75 2.92 -3.91 5.29
C ILE A 75 1.64 -4.10 4.49
N PHE A 76 1.80 -4.62 3.27
CA PHE A 76 0.66 -4.87 2.38
C PHE A 76 -0.34 -5.82 3.05
N GLN A 77 0.18 -6.93 3.58
CA GLN A 77 -0.65 -7.92 4.27
C GLN A 77 -1.34 -7.29 5.48
N LYS A 78 -0.63 -6.37 6.13
CA LYS A 78 -1.15 -5.70 7.32
C LYS A 78 -2.29 -4.75 6.96
N ILE A 79 -2.14 -4.08 5.81
CA ILE A 79 -3.12 -3.10 5.35
C ILE A 79 -4.46 -3.76 5.05
N SER A 80 -4.43 -5.03 4.64
CA SER A 80 -5.65 -5.74 4.28
C SER A 80 -6.32 -6.37 5.52
N GLN A 81 -5.81 -6.02 6.71
CA GLN A 81 -6.37 -6.57 7.96
C GLN A 81 -7.44 -5.65 8.55
N LEU A 82 -7.70 -4.51 7.92
CA LEU A 82 -8.63 -3.51 8.47
C LEU A 82 -10.05 -4.05 8.52
N ASP A 83 -10.36 -5.01 7.64
CA ASP A 83 -11.72 -5.56 7.48
C ASP A 83 -12.63 -4.56 6.76
N LYS A 84 -12.43 -3.28 7.07
CA LYS A 84 -13.11 -2.18 6.40
C LYS A 84 -12.61 -2.01 4.96
N VAL A 85 -11.41 -2.53 4.71
CA VAL A 85 -10.79 -2.42 3.40
C VAL A 85 -11.40 -3.43 2.42
N VAL A 86 -11.69 -2.97 1.22
CA VAL A 86 -12.35 -3.82 0.22
C VAL A 86 -11.36 -4.23 -0.88
N GLN A 87 -10.31 -3.44 -1.09
CA GLN A 87 -9.31 -3.74 -2.12
C GLN A 87 -7.99 -3.03 -1.83
N THR A 88 -6.92 -3.80 -1.73
CA THR A 88 -5.58 -3.26 -1.53
C THR A 88 -4.73 -3.44 -2.78
N LEU A 89 -4.11 -2.35 -3.25
CA LEU A 89 -3.22 -2.40 -4.41
C LEU A 89 -1.81 -2.01 -3.97
N GLY A 90 -0.84 -2.86 -4.28
CA GLY A 90 0.54 -2.58 -3.93
C GLY A 90 1.29 -1.94 -5.07
N SER A 91 1.12 -2.51 -6.27
CA SER A 91 1.77 -2.01 -7.46
C SER A 91 0.82 -2.14 -8.66
#